data_5CJP
#
_entry.id   5CJP
#
_cell.length_a   101.633
_cell.length_b   120.169
_cell.length_c   157.079
_cell.angle_alpha   90.00
_cell.angle_beta   90.00
_cell.angle_gamma   90.00
#
_symmetry.space_group_name_H-M   'P 21 21 21'
#
loop_
_entity.id
_entity.type
_entity.pdbx_description
1 polymer 'Cell division cycle 42 (GTP binding protein, 25kDa), isoform CRA_a'
2 polymer 'Ras GTPase-activating-like protein IQGAP2'
3 non-polymer "GUANOSINE-5'-TRIPHOSPHATE"
4 non-polymer 'MAGNESIUM ION'
5 water water
#
loop_
_entity_poly.entity_id
_entity_poly.type
_entity_poly.pdbx_seq_one_letter_code
_entity_poly.pdbx_strand_id
1 'polypeptide(L)'
;GAMQTIKCVVVGDGAVGKTCLLISYTTNKFPSEYVPTVFDNYAVTVMIGGEPYTLGLFDTAGLEDYDRLRPLSYPQTDVF
LVCFSVVSPSSFENVKEKWVPEITHHCPKTPFLLVGTQIDLRDDPSTIEKLAKNKQKPITPETAEKLARDLKAVKYVECS
ALTQKGLKNVFDEAILAAL
;
A,B,C,D
2 'polypeptide(L)'
;GAMSKERRKTLETYQQLFYLLQTNPLYLAKLIFQMPQNKSTKFMDTVIFTLYNYASNQREEYLLLKLFKTALEEEIKSKV
DQVQDIVTGNPTVIKMVVSFNRGARGQNTLRQLLAPVVKEIIDDKSLIINTNPVEVYKAWVNQLETQTGEASKLPYDVTT
EQALTYPEVKNKLEASIENLRRVTDKVLNSIISSLDLLPYGLRYIAKVLKNSIHEKFPDATEDELLKIVGNLLYYRYMNP
AIVAPDGFDIIDMTAGGQINSDQRRNLGSVAKVLQHAASNKLFEGENEHLSSMNNYLSETYQEFRKYFKEACNVPEPEEK
FNMDKYTDLVTVSKPVIYISIEEIISTHSLLLEHQDAIAPEKNDLLSELLGSLGEVPTVESFLGEGA
;
E,F
#
loop_
_chem_comp.id
_chem_comp.type
_chem_comp.name
_chem_comp.formula
GTP non-polymer GUANOSINE-5'-TRIPHOSPHATE 'C10 H16 N5 O14 P3'
MG non-polymer 'MAGNESIUM ION' 'Mg 2'
#
# COMPACT_ATOMS: atom_id res chain seq x y z
N MET A 3 8.22 -28.55 27.62
CA MET A 3 6.78 -28.12 27.63
C MET A 3 6.31 -27.73 26.23
N GLN A 4 5.50 -28.60 25.62
CA GLN A 4 4.99 -28.36 24.27
C GLN A 4 4.26 -27.04 24.11
N THR A 5 4.51 -26.36 23.00
CA THR A 5 3.89 -25.07 22.72
C THR A 5 2.98 -25.10 21.49
N ILE A 6 1.97 -24.22 21.50
CA ILE A 6 1.03 -24.10 20.39
C ILE A 6 1.00 -22.64 19.97
N LYS A 7 1.33 -22.37 18.70
CA LYS A 7 1.33 -21.00 18.19
C LYS A 7 0.06 -20.62 17.42
N CYS A 8 -0.71 -19.71 17.99
CA CYS A 8 -1.94 -19.22 17.39
C CYS A 8 -1.77 -17.75 16.99
N VAL A 9 -1.99 -17.45 15.71
CA VAL A 9 -1.84 -16.09 15.19
C VAL A 9 -3.20 -15.54 14.74
N VAL A 10 -3.52 -14.33 15.16
CA VAL A 10 -4.80 -13.69 14.82
C VAL A 10 -4.62 -12.61 13.77
N VAL A 11 -5.31 -12.73 12.64
CA VAL A 11 -5.18 -11.73 11.58
C VAL A 11 -6.57 -11.32 11.16
N GLY A 12 -6.68 -10.13 10.58
CA GLY A 12 -7.98 -9.63 10.14
C GLY A 12 -8.00 -8.11 10.00
N ASP A 13 -9.01 -7.57 9.34
CA ASP A 13 -9.09 -6.14 9.14
C ASP A 13 -8.85 -5.33 10.39
N GLY A 14 -8.43 -4.09 10.19
CA GLY A 14 -8.20 -3.21 11.31
C GLY A 14 -9.54 -2.92 11.98
N ALA A 15 -9.49 -2.70 13.29
CA ALA A 15 -10.67 -2.39 14.10
C ALA A 15 -11.78 -3.44 14.20
N VAL A 16 -11.55 -4.68 13.78
CA VAL A 16 -12.63 -5.69 13.88
C VAL A 16 -12.72 -6.38 15.23
N GLY A 17 -11.72 -6.21 16.09
CA GLY A 17 -11.78 -6.82 17.41
C GLY A 17 -10.75 -7.87 17.82
N LYS A 18 -9.70 -8.04 17.01
CA LYS A 18 -8.62 -9.01 17.28
C LYS A 18 -7.94 -8.81 18.64
N THR A 19 -7.49 -7.60 18.90
CA THR A 19 -6.81 -7.29 20.16
C THR A 19 -7.77 -7.49 21.34
N CYS A 20 -9.00 -7.00 21.22
CA CYS A 20 -9.97 -7.16 22.29
C CYS A 20 -10.29 -8.63 22.57
N LEU A 21 -10.44 -9.47 21.57
CA LEU A 21 -10.75 -10.86 21.94
C LEU A 21 -9.55 -11.54 22.62
N LEU A 22 -8.33 -11.19 22.22
CA LEU A 22 -7.13 -11.78 22.85
C LEU A 22 -7.00 -11.31 24.30
N ILE A 23 -7.09 -10.00 24.51
CA ILE A 23 -6.97 -9.42 25.83
C ILE A 23 -8.07 -9.85 26.77
N SER A 24 -9.30 -9.91 26.28
CA SER A 24 -10.42 -10.35 27.09
C SER A 24 -10.26 -11.82 27.48
N TYR A 25 -9.79 -12.64 26.55
CA TYR A 25 -9.61 -14.06 26.79
C TYR A 25 -8.50 -14.38 27.78
N THR A 26 -7.39 -13.66 27.67
CA THR A 26 -6.27 -13.90 28.56
C THR A 26 -6.30 -13.15 29.90
N THR A 27 -7.07 -12.09 30.03
CA THR A 27 -7.08 -11.37 31.30
C THR A 27 -8.47 -11.00 31.79
N ASN A 28 -9.49 -11.36 31.01
CA ASN A 28 -10.88 -11.06 31.34
C ASN A 28 -11.16 -9.60 31.65
N LYS A 29 -10.36 -8.72 31.05
CA LYS A 29 -10.50 -7.27 31.18
C LYS A 29 -10.83 -6.86 29.74
N PHE A 30 -11.10 -5.58 29.52
CA PHE A 30 -11.45 -5.13 28.18
C PHE A 30 -10.65 -3.89 27.86
N PRO A 31 -9.98 -3.83 26.70
CA PRO A 31 -9.21 -2.63 26.39
C PRO A 31 -10.08 -1.39 26.58
N SER A 32 -9.55 -0.40 27.30
CA SER A 32 -10.29 0.82 27.58
C SER A 32 -10.38 1.75 26.37
N GLU A 33 -9.32 1.80 25.58
CA GLU A 33 -9.34 2.61 24.37
C GLU A 33 -8.89 1.76 23.20
N TYR A 34 -9.00 2.32 22.01
CA TYR A 34 -8.57 1.64 20.82
C TYR A 34 -7.26 2.25 20.29
N VAL A 35 -6.30 1.39 20.02
CA VAL A 35 -5.01 1.77 19.49
C VAL A 35 -4.66 0.69 18.44
N PRO A 36 -4.48 1.09 17.16
CA PRO A 36 -4.16 -0.02 16.24
C PRO A 36 -2.85 -0.64 16.70
N THR A 37 -2.78 -1.96 16.72
CA THR A 37 -1.55 -2.59 17.18
C THR A 37 -0.54 -2.66 16.05
N VAL A 38 0.74 -2.78 16.40
CA VAL A 38 1.78 -2.90 15.39
C VAL A 38 2.09 -4.38 15.40
N PHE A 39 2.39 -4.90 16.59
CA PHE A 39 2.64 -6.32 16.81
C PHE A 39 2.59 -6.56 18.32
N ASP A 40 2.20 -7.76 18.73
CA ASP A 40 2.15 -8.11 20.13
C ASP A 40 1.93 -9.61 20.30
N ASN A 41 2.44 -10.17 21.40
CA ASN A 41 2.25 -11.59 21.63
C ASN A 41 2.30 -11.92 23.10
N TYR A 42 1.28 -12.65 23.53
CA TYR A 42 1.13 -13.07 24.91
C TYR A 42 1.27 -14.59 24.97
N ALA A 43 1.23 -15.13 26.18
CA ALA A 43 1.34 -16.57 26.40
C ALA A 43 0.46 -16.97 27.56
N VAL A 44 -0.23 -18.09 27.41
CA VAL A 44 -1.13 -18.60 28.43
C VAL A 44 -1.02 -20.12 28.45
N THR A 45 -1.23 -20.73 29.62
CA THR A 45 -1.13 -22.18 29.73
C THR A 45 -2.48 -22.84 29.86
N VAL A 46 -2.65 -23.99 29.21
CA VAL A 46 -3.91 -24.74 29.26
C VAL A 46 -3.59 -26.24 29.24
N MET A 47 -4.60 -27.07 29.48
CA MET A 47 -4.41 -28.52 29.48
C MET A 47 -5.67 -29.30 29.12
N ILE A 48 -5.96 -29.40 27.82
CA ILE A 48 -7.14 -30.13 27.35
C ILE A 48 -6.81 -31.63 27.28
N GLY A 49 -5.52 -31.95 27.44
CA GLY A 49 -5.11 -33.35 27.39
C GLY A 49 -4.24 -33.77 28.55
N GLY A 50 -4.46 -33.17 29.71
CA GLY A 50 -3.68 -33.51 30.89
C GLY A 50 -2.23 -33.08 30.75
N GLU A 51 -1.92 -32.37 29.66
CA GLU A 51 -0.56 -31.89 29.41
C GLU A 51 -0.52 -30.36 29.53
N PRO A 52 0.55 -29.82 30.14
CA PRO A 52 0.70 -28.38 30.31
C PRO A 52 1.29 -27.72 29.06
N TYR A 53 0.42 -27.34 28.13
CA TYR A 53 0.83 -26.71 26.88
C TYR A 53 0.90 -25.20 27.01
N THR A 54 1.83 -24.59 26.28
CA THR A 54 1.98 -23.14 26.30
C THR A 54 1.33 -22.57 25.05
N LEU A 55 0.20 -21.90 25.22
CA LEU A 55 -0.52 -21.32 24.09
C LEU A 55 0.05 -19.93 23.78
N GLY A 56 0.82 -19.85 22.70
CA GLY A 56 1.41 -18.58 22.30
C GLY A 56 0.44 -17.82 21.40
N LEU A 57 0.01 -16.66 21.85
CA LEU A 57 -0.94 -15.88 21.07
C LEU A 57 -0.29 -14.65 20.47
N PHE A 58 -0.36 -14.51 19.16
CA PHE A 58 0.23 -13.35 18.47
C PHE A 58 -0.79 -12.39 17.86
N ASP A 59 -0.81 -11.15 18.33
CA ASP A 59 -1.71 -10.13 17.81
C ASP A 59 -0.98 -9.52 16.59
N THR A 60 -1.71 -9.18 15.53
CA THR A 60 -1.07 -8.62 14.35
C THR A 60 -1.78 -7.34 13.97
N ALA A 61 -1.18 -6.54 13.10
CA ALA A 61 -1.81 -5.30 12.67
C ALA A 61 -2.78 -5.52 11.52
N GLY A 62 -4.00 -5.05 11.68
CA GLY A 62 -4.99 -5.22 10.64
C GLY A 62 -4.87 -4.22 9.50
N LEU A 63 -4.29 -3.06 9.79
CA LEU A 63 -4.15 -2.02 8.79
C LEU A 63 -3.12 -2.34 7.68
N GLU A 64 -3.47 -2.02 6.43
CA GLU A 64 -2.60 -2.32 5.31
C GLU A 64 -1.20 -1.69 5.37
N ASP A 65 -1.08 -0.60 6.13
CA ASP A 65 0.20 0.06 6.24
C ASP A 65 1.24 -0.89 6.77
N TYR A 66 0.82 -1.86 7.58
CA TYR A 66 1.75 -2.81 8.16
C TYR A 66 1.82 -4.11 7.39
N ASP A 67 1.40 -4.07 6.13
CA ASP A 67 1.42 -5.26 5.28
C ASP A 67 2.79 -5.91 5.20
N ARG A 68 3.85 -5.12 5.22
CA ARG A 68 5.21 -5.65 5.12
C ARG A 68 5.81 -6.18 6.43
N LEU A 69 5.29 -5.71 7.54
CA LEU A 69 5.75 -6.09 8.88
C LEU A 69 4.99 -7.28 9.47
N ARG A 70 3.71 -7.39 9.15
CA ARG A 70 2.88 -8.45 9.69
C ARG A 70 3.35 -9.90 9.48
N PRO A 71 3.75 -10.26 8.25
CA PRO A 71 4.20 -11.64 8.01
C PRO A 71 5.34 -12.18 8.90
N LEU A 72 6.09 -11.27 9.54
CA LEU A 72 7.19 -11.68 10.41
C LEU A 72 6.68 -12.50 11.62
N SER A 73 5.37 -12.46 11.85
CA SER A 73 4.79 -13.22 12.96
C SER A 73 4.32 -14.61 12.51
N TYR A 74 4.32 -14.83 11.20
CA TYR A 74 3.83 -16.09 10.64
C TYR A 74 4.65 -17.36 10.75
N PRO A 75 5.98 -17.28 10.70
CA PRO A 75 6.69 -18.57 10.80
C PRO A 75 6.36 -19.40 12.04
N GLN A 76 6.30 -20.73 11.85
CA GLN A 76 6.03 -21.68 12.91
C GLN A 76 4.63 -21.59 13.51
N THR A 77 3.67 -21.15 12.72
CA THR A 77 2.29 -21.02 13.21
C THR A 77 1.58 -22.37 13.18
N ASP A 78 0.86 -22.69 14.24
CA ASP A 78 0.15 -23.96 14.32
C ASP A 78 -1.29 -23.80 13.82
N VAL A 79 -1.89 -22.65 14.11
CA VAL A 79 -3.26 -22.37 13.72
C VAL A 79 -3.46 -20.87 13.59
N PHE A 80 -4.22 -20.47 12.57
CA PHE A 80 -4.53 -19.08 12.34
C PHE A 80 -5.98 -18.82 12.70
N LEU A 81 -6.25 -17.61 13.17
CA LEU A 81 -7.62 -17.19 13.47
C LEU A 81 -7.87 -16.03 12.49
N VAL A 82 -8.70 -16.25 11.49
CA VAL A 82 -9.01 -15.22 10.53
C VAL A 82 -10.29 -14.57 11.04
N CYS A 83 -10.18 -13.31 11.45
CA CYS A 83 -11.31 -12.59 12.02
C CYS A 83 -11.98 -11.53 11.17
N PHE A 84 -13.28 -11.38 11.37
CA PHE A 84 -14.08 -10.38 10.69
C PHE A 84 -15.20 -10.04 11.66
N SER A 85 -15.70 -8.81 11.59
CA SER A 85 -16.79 -8.39 12.47
C SER A 85 -18.13 -8.79 11.84
N VAL A 86 -19.00 -9.46 12.60
CA VAL A 86 -20.27 -9.87 12.02
C VAL A 86 -21.16 -8.66 11.73
N VAL A 87 -20.79 -7.50 12.24
CA VAL A 87 -21.60 -6.32 11.95
C VAL A 87 -20.86 -5.38 11.00
N SER A 88 -19.90 -5.94 10.29
CA SER A 88 -19.10 -5.21 9.32
C SER A 88 -18.89 -6.05 8.08
N PRO A 89 -19.80 -5.95 7.11
CA PRO A 89 -19.72 -6.73 5.87
C PRO A 89 -18.39 -6.57 5.12
N SER A 90 -17.87 -5.36 5.05
CA SER A 90 -16.62 -5.16 4.32
C SER A 90 -15.46 -6.00 4.88
N SER A 91 -15.42 -6.20 6.19
CA SER A 91 -14.35 -7.00 6.79
C SER A 91 -14.55 -8.47 6.41
N PHE A 92 -15.81 -8.87 6.25
CA PHE A 92 -16.15 -10.23 5.89
C PHE A 92 -15.66 -10.52 4.49
N GLU A 93 -15.83 -9.57 3.59
CA GLU A 93 -15.39 -9.75 2.22
C GLU A 93 -13.88 -9.76 2.11
N ASN A 94 -13.20 -9.05 2.99
CA ASN A 94 -11.75 -9.05 2.92
C ASN A 94 -11.18 -10.36 3.42
N VAL A 95 -12.01 -11.17 4.07
CA VAL A 95 -11.52 -12.46 4.53
C VAL A 95 -11.11 -13.28 3.30
N LYS A 96 -11.88 -13.18 2.20
CA LYS A 96 -11.53 -13.94 1.01
C LYS A 96 -10.71 -13.15 0.00
N GLU A 97 -10.81 -11.82 0.05
CA GLU A 97 -10.06 -10.99 -0.88
C GLU A 97 -8.64 -10.75 -0.40
N LYS A 98 -8.42 -10.75 0.91
CA LYS A 98 -7.10 -10.50 1.45
C LYS A 98 -6.49 -11.50 2.43
N TRP A 99 -7.14 -11.70 3.57
CA TRP A 99 -6.61 -12.56 4.61
C TRP A 99 -6.33 -14.04 4.34
N VAL A 100 -7.32 -14.78 3.84
CA VAL A 100 -7.05 -16.18 3.56
C VAL A 100 -5.94 -16.26 2.51
N PRO A 101 -6.04 -15.44 1.45
CA PRO A 101 -4.95 -15.53 0.47
C PRO A 101 -3.58 -15.29 1.10
N GLU A 102 -3.46 -14.26 1.94
CA GLU A 102 -2.19 -13.95 2.56
C GLU A 102 -1.60 -15.05 3.44
N ILE A 103 -2.40 -15.60 4.34
CA ILE A 103 -1.89 -16.64 5.20
C ILE A 103 -1.62 -17.92 4.42
N THR A 104 -2.37 -18.17 3.35
CA THR A 104 -2.12 -19.40 2.61
C THR A 104 -0.93 -19.24 1.67
N HIS A 105 -0.53 -17.99 1.44
CA HIS A 105 0.66 -17.73 0.61
C HIS A 105 1.90 -17.94 1.49
N HIS A 106 1.82 -17.53 2.76
CA HIS A 106 2.93 -17.67 3.69
C HIS A 106 2.97 -19.01 4.40
N CYS A 107 1.79 -19.54 4.70
CA CYS A 107 1.68 -20.82 5.40
C CYS A 107 0.61 -21.71 4.77
N PRO A 108 0.92 -22.30 3.60
CA PRO A 108 0.03 -23.18 2.83
C PRO A 108 -0.52 -24.37 3.59
N LYS A 109 0.31 -24.94 4.46
CA LYS A 109 -0.07 -26.12 5.21
C LYS A 109 -0.75 -25.87 6.54
N THR A 110 -0.71 -24.63 7.00
CA THR A 110 -1.28 -24.30 8.30
C THR A 110 -2.80 -24.15 8.35
N PRO A 111 -3.47 -24.88 9.26
CA PRO A 111 -4.93 -24.76 9.32
C PRO A 111 -5.35 -23.42 9.93
N PHE A 112 -6.59 -23.03 9.66
CA PHE A 112 -7.10 -21.79 10.19
C PHE A 112 -8.61 -21.87 10.38
N LEU A 113 -9.10 -21.12 11.36
CA LEU A 113 -10.52 -21.06 11.61
C LEU A 113 -11.00 -19.69 11.20
N LEU A 114 -12.25 -19.64 10.75
CA LEU A 114 -12.87 -18.37 10.40
C LEU A 114 -13.49 -17.94 11.73
N VAL A 115 -13.29 -16.68 12.11
CA VAL A 115 -13.80 -16.18 13.37
C VAL A 115 -14.61 -14.89 13.24
N GLY A 116 -15.87 -14.94 13.67
CA GLY A 116 -16.73 -13.78 13.63
C GLY A 116 -16.61 -13.08 14.97
N THR A 117 -16.58 -11.76 14.96
CA THR A 117 -16.39 -11.06 16.23
C THR A 117 -17.45 -9.99 16.42
N GLN A 118 -17.55 -9.53 17.66
CA GLN A 118 -18.52 -8.48 18.00
C GLN A 118 -19.99 -8.94 17.89
N ILE A 119 -20.24 -10.25 18.04
CA ILE A 119 -21.60 -10.76 17.90
C ILE A 119 -22.66 -10.13 18.82
N ASP A 120 -22.22 -9.47 19.88
CA ASP A 120 -23.16 -8.83 20.79
C ASP A 120 -23.85 -7.64 20.12
N LEU A 121 -23.26 -7.12 19.05
CA LEU A 121 -23.85 -5.98 18.36
C LEU A 121 -24.90 -6.37 17.34
N ARG A 122 -25.08 -7.67 17.14
CA ARG A 122 -26.08 -8.16 16.20
C ARG A 122 -27.46 -7.69 16.60
N ASP A 123 -27.66 -7.49 17.90
CA ASP A 123 -28.94 -7.03 18.38
C ASP A 123 -28.90 -5.59 18.90
N ASP A 124 -27.82 -4.88 18.62
CA ASP A 124 -27.70 -3.49 19.05
C ASP A 124 -28.47 -2.65 18.04
N PRO A 125 -29.45 -1.87 18.52
CA PRO A 125 -30.28 -1.01 17.68
C PRO A 125 -29.55 -0.10 16.70
N SER A 126 -28.65 0.73 17.21
CA SER A 126 -27.90 1.66 16.38
C SER A 126 -27.08 1.00 15.28
N THR A 127 -26.51 -0.18 15.51
CA THR A 127 -25.70 -0.80 14.46
C THR A 127 -26.56 -1.45 13.40
N ILE A 128 -27.74 -1.92 13.80
CA ILE A 128 -28.69 -2.53 12.86
C ILE A 128 -29.21 -1.41 11.97
N GLU A 129 -29.56 -0.28 12.58
CA GLU A 129 -30.06 0.85 11.83
C GLU A 129 -28.98 1.34 10.87
N LYS A 130 -27.77 1.52 11.40
CA LYS A 130 -26.64 1.97 10.60
C LYS A 130 -26.46 1.08 9.38
N LEU A 131 -26.53 -0.23 9.60
CA LEU A 131 -26.36 -1.17 8.51
C LEU A 131 -27.52 -1.11 7.52
N ALA A 132 -28.71 -0.83 8.04
CA ALA A 132 -29.88 -0.75 7.18
C ALA A 132 -29.83 0.46 6.24
N LYS A 133 -29.31 1.59 6.71
CA LYS A 133 -29.22 2.79 5.89
C LYS A 133 -28.33 2.51 4.69
N ASN A 134 -27.46 1.52 4.83
CA ASN A 134 -26.54 1.15 3.78
C ASN A 134 -27.05 -0.08 3.05
N LYS A 135 -28.28 -0.47 3.35
CA LYS A 135 -28.88 -1.64 2.71
C LYS A 135 -28.10 -2.91 3.01
N GLN A 136 -27.68 -3.07 4.26
CA GLN A 136 -26.92 -4.23 4.68
C GLN A 136 -27.49 -4.80 5.98
N LYS A 137 -27.03 -5.99 6.35
CA LYS A 137 -27.45 -6.68 7.56
C LYS A 137 -26.26 -7.42 8.13
N PRO A 138 -26.27 -7.71 9.44
CA PRO A 138 -25.14 -8.43 10.04
C PRO A 138 -24.91 -9.75 9.31
N ILE A 139 -23.67 -10.20 9.20
CA ILE A 139 -23.41 -11.46 8.54
C ILE A 139 -24.04 -12.55 9.40
N THR A 140 -24.70 -13.51 8.76
CA THR A 140 -25.36 -14.62 9.45
C THR A 140 -24.41 -15.81 9.55
N PRO A 141 -24.49 -16.59 10.64
CA PRO A 141 -23.62 -17.75 10.84
C PRO A 141 -23.61 -18.64 9.60
N GLU A 142 -24.79 -18.81 9.00
CA GLU A 142 -24.95 -19.65 7.82
C GLU A 142 -24.07 -19.18 6.66
N THR A 143 -24.04 -17.88 6.44
CA THR A 143 -23.26 -17.29 5.36
C THR A 143 -21.75 -17.48 5.62
N ALA A 144 -21.35 -17.26 6.87
CA ALA A 144 -19.96 -17.40 7.29
C ALA A 144 -19.51 -18.85 7.21
N GLU A 145 -20.39 -19.74 7.65
CA GLU A 145 -20.10 -21.16 7.62
C GLU A 145 -19.87 -21.59 6.18
N LYS A 146 -20.59 -20.96 5.25
CA LYS A 146 -20.43 -21.29 3.83
C LYS A 146 -19.04 -20.87 3.36
N LEU A 147 -18.68 -19.64 3.71
CA LEU A 147 -17.38 -19.11 3.33
C LEU A 147 -16.25 -20.00 3.89
N ALA A 148 -16.43 -20.48 5.11
CA ALA A 148 -15.43 -21.35 5.70
C ALA A 148 -15.29 -22.61 4.84
N ARG A 149 -16.42 -23.19 4.43
CA ARG A 149 -16.37 -24.39 3.60
C ARG A 149 -15.68 -24.15 2.26
N ASP A 150 -16.01 -23.03 1.65
CA ASP A 150 -15.44 -22.68 0.36
C ASP A 150 -13.94 -22.36 0.47
N LEU A 151 -13.55 -21.65 1.52
CA LEU A 151 -12.15 -21.28 1.71
C LEU A 151 -11.38 -22.40 2.39
N LYS A 152 -12.05 -23.51 2.65
CA LYS A 152 -11.43 -24.66 3.28
C LYS A 152 -10.93 -24.40 4.69
N ALA A 153 -11.69 -23.65 5.47
CA ALA A 153 -11.32 -23.38 6.87
C ALA A 153 -11.68 -24.60 7.72
N VAL A 154 -11.05 -24.77 8.86
CA VAL A 154 -11.38 -25.91 9.72
C VAL A 154 -12.87 -25.86 10.04
N LYS A 155 -13.36 -24.65 10.29
CA LYS A 155 -14.76 -24.44 10.61
C LYS A 155 -14.94 -22.99 11.00
N TYR A 156 -16.20 -22.60 11.22
CA TYR A 156 -16.52 -21.23 11.61
C TYR A 156 -16.91 -21.19 13.08
N VAL A 157 -16.52 -20.12 13.76
CA VAL A 157 -16.86 -19.91 15.16
C VAL A 157 -16.98 -18.40 15.32
N GLU A 158 -17.78 -17.97 16.28
CA GLU A 158 -17.99 -16.55 16.54
C GLU A 158 -18.07 -16.30 18.02
N CYS A 159 -17.92 -15.05 18.42
CA CYS A 159 -17.91 -14.71 19.82
C CYS A 159 -18.04 -13.21 20.01
N SER A 160 -17.95 -12.79 21.26
CA SER A 160 -18.01 -11.41 21.66
C SER A 160 -16.94 -11.22 22.74
N ALA A 161 -15.96 -10.36 22.47
CA ALA A 161 -14.93 -10.11 23.47
C ALA A 161 -15.51 -9.31 24.62
N LEU A 162 -16.62 -8.65 24.37
CA LEU A 162 -17.26 -7.82 25.38
C LEU A 162 -17.98 -8.65 26.44
N THR A 163 -18.88 -9.53 25.98
CA THR A 163 -19.66 -10.39 26.88
C THR A 163 -18.97 -11.73 27.12
N GLN A 164 -18.02 -12.07 26.27
CA GLN A 164 -17.27 -13.33 26.34
C GLN A 164 -18.08 -14.53 25.87
N LYS A 165 -19.28 -14.25 25.37
CA LYS A 165 -20.13 -15.31 24.87
C LYS A 165 -19.34 -15.96 23.73
N GLY A 166 -19.08 -17.26 23.84
CA GLY A 166 -18.36 -17.98 22.81
C GLY A 166 -16.85 -17.79 22.80
N LEU A 167 -16.38 -16.84 23.59
CA LEU A 167 -14.94 -16.54 23.64
C LEU A 167 -14.05 -17.74 23.92
N LYS A 168 -14.35 -18.51 24.97
CA LYS A 168 -13.50 -19.66 25.27
C LYS A 168 -13.55 -20.73 24.19
N ASN A 169 -14.74 -21.02 23.69
CA ASN A 169 -14.90 -22.04 22.67
C ASN A 169 -14.02 -21.73 21.45
N VAL A 170 -13.81 -20.44 21.15
CA VAL A 170 -12.98 -20.05 20.01
C VAL A 170 -11.54 -20.58 20.17
N PHE A 171 -10.99 -20.43 21.35
CA PHE A 171 -9.66 -20.92 21.57
C PHE A 171 -9.62 -22.41 21.82
N ASP A 172 -10.69 -22.98 22.37
CA ASP A 172 -10.74 -24.42 22.59
C ASP A 172 -10.62 -25.09 21.21
N GLU A 173 -11.31 -24.56 20.22
CA GLU A 173 -11.30 -25.10 18.87
C GLU A 173 -9.95 -24.85 18.20
N ALA A 174 -9.38 -23.68 18.46
CA ALA A 174 -8.09 -23.34 17.87
C ALA A 174 -7.10 -24.39 18.33
N ILE A 175 -7.09 -24.63 19.64
CA ILE A 175 -6.21 -25.64 20.23
C ILE A 175 -6.47 -26.96 19.54
N LEU A 176 -7.73 -27.37 19.51
CA LEU A 176 -8.13 -28.62 18.88
C LEU A 176 -7.63 -28.72 17.45
N ALA A 177 -7.73 -27.63 16.71
CA ALA A 177 -7.30 -27.59 15.31
C ALA A 177 -5.77 -27.58 15.14
N ALA A 178 -5.07 -27.14 16.19
CA ALA A 178 -3.61 -27.05 16.16
C ALA A 178 -2.92 -28.36 16.51
N LEU A 179 -3.69 -29.44 16.59
CA LEU A 179 -3.11 -30.73 16.90
C LEU A 179 -3.08 -31.61 15.66
N MET B 3 11.93 39.16 2.76
CA MET B 3 12.59 38.34 1.71
C MET B 3 11.69 37.24 1.15
N GLN B 4 11.02 37.52 0.03
CA GLN B 4 10.11 36.58 -0.61
C GLN B 4 10.68 35.17 -0.73
N THR B 5 9.80 34.18 -0.59
CA THR B 5 10.19 32.78 -0.66
C THR B 5 9.52 32.04 -1.84
N ILE B 6 10.19 31.01 -2.34
CA ILE B 6 9.68 30.19 -3.44
C ILE B 6 9.77 28.73 -3.03
N LYS B 7 8.62 28.07 -2.88
CA LYS B 7 8.60 26.67 -2.47
C LYS B 7 8.63 25.69 -3.64
N CYS B 8 9.69 24.89 -3.71
CA CYS B 8 9.83 23.90 -4.77
C CYS B 8 9.88 22.49 -4.21
N VAL B 9 8.94 21.66 -4.63
CA VAL B 9 8.82 20.28 -4.17
C VAL B 9 9.16 19.27 -5.26
N VAL B 10 10.03 18.31 -4.91
CA VAL B 10 10.48 17.27 -5.84
C VAL B 10 9.82 15.92 -5.56
N VAL B 11 9.07 15.39 -6.52
CA VAL B 11 8.41 14.09 -6.33
C VAL B 11 8.75 13.20 -7.51
N GLY B 12 8.71 11.89 -7.29
CA GLY B 12 9.01 10.93 -8.33
C GLY B 12 9.37 9.58 -7.76
N ASP B 13 9.29 8.54 -8.59
CA ASP B 13 9.60 7.19 -8.16
C ASP B 13 10.84 7.08 -7.32
N GLY B 14 10.85 6.06 -6.46
CA GLY B 14 11.99 5.85 -5.61
C GLY B 14 13.22 5.55 -6.44
N ALA B 15 14.39 5.86 -5.87
CA ALA B 15 15.70 5.64 -6.50
C ALA B 15 15.96 6.35 -7.87
N VAL B 16 15.12 7.30 -8.29
CA VAL B 16 15.36 7.96 -9.59
C VAL B 16 16.36 9.11 -9.57
N GLY B 17 16.78 9.55 -8.38
CA GLY B 17 17.74 10.64 -8.30
C GLY B 17 17.27 11.99 -7.75
N LYS B 18 16.11 12.00 -7.10
CA LYS B 18 15.57 13.23 -6.53
C LYS B 18 16.47 13.81 -5.45
N THR B 19 16.92 12.97 -4.53
CA THR B 19 17.78 13.48 -3.47
C THR B 19 19.14 13.89 -4.04
N CYS B 20 19.67 13.07 -4.93
CA CYS B 20 20.96 13.40 -5.51
C CYS B 20 20.95 14.73 -6.21
N LEU B 21 19.92 15.01 -7.01
CA LEU B 21 19.94 16.28 -7.70
C LEU B 21 19.84 17.47 -6.76
N LEU B 22 19.12 17.31 -5.65
CA LEU B 22 18.96 18.39 -4.69
C LEU B 22 20.27 18.66 -3.93
N ILE B 23 20.90 17.58 -3.45
CA ILE B 23 22.16 17.70 -2.72
C ILE B 23 23.24 18.23 -3.66
N SER B 24 23.32 17.65 -4.86
CA SER B 24 24.31 18.07 -5.85
C SER B 24 24.17 19.55 -6.17
N TYR B 25 22.94 20.01 -6.29
CA TYR B 25 22.68 21.41 -6.60
C TYR B 25 22.97 22.34 -5.42
N THR B 26 22.73 21.90 -4.20
CA THR B 26 22.95 22.77 -3.04
C THR B 26 24.30 22.69 -2.30
N THR B 27 25.09 21.67 -2.57
CA THR B 27 26.38 21.55 -1.89
C THR B 27 27.46 21.31 -2.93
N ASN B 28 27.02 21.05 -4.16
CA ASN B 28 27.90 20.77 -5.27
C ASN B 28 28.65 19.46 -5.07
N LYS B 29 28.18 18.66 -4.12
CA LYS B 29 28.76 17.35 -3.84
C LYS B 29 27.75 16.26 -4.19
N PHE B 30 28.16 15.01 -4.13
CA PHE B 30 27.27 13.91 -4.46
C PHE B 30 27.07 13.03 -3.23
N PRO B 31 25.80 12.72 -2.87
CA PRO B 31 25.54 11.88 -1.70
C PRO B 31 26.46 10.66 -1.79
N SER B 32 27.09 10.29 -0.70
CA SER B 32 28.02 9.16 -0.71
C SER B 32 27.38 7.81 -0.74
N GLU B 33 26.08 7.76 -0.48
CA GLU B 33 25.33 6.50 -0.47
C GLU B 33 23.87 6.74 -0.66
N TYR B 34 23.13 5.66 -0.91
CA TYR B 34 21.70 5.74 -1.09
C TYR B 34 20.96 5.26 0.15
N VAL B 35 19.96 6.06 0.53
CA VAL B 35 19.10 5.76 1.65
C VAL B 35 17.78 6.34 1.19
N PRO B 36 16.74 5.50 1.10
CA PRO B 36 15.46 6.07 0.66
C PRO B 36 15.00 7.13 1.63
N THR B 37 14.73 8.33 1.12
CA THR B 37 14.28 9.39 2.00
C THR B 37 12.83 9.28 2.52
N VAL B 38 12.57 9.94 3.63
CA VAL B 38 11.23 9.95 4.25
C VAL B 38 10.76 11.34 3.85
N PHE B 39 11.54 12.34 4.25
CA PHE B 39 11.27 13.71 3.86
C PHE B 39 12.34 14.62 4.42
N ASP B 40 12.60 15.70 3.72
CA ASP B 40 13.61 16.65 4.14
C ASP B 40 13.41 17.91 3.32
N ASN B 41 13.96 19.01 3.80
CA ASN B 41 13.82 20.26 3.09
C ASN B 41 14.98 21.19 3.38
N TYR B 42 15.60 21.69 2.32
CA TYR B 42 16.73 22.59 2.44
C TYR B 42 16.29 23.97 1.98
N ALA B 43 17.20 24.94 2.06
CA ALA B 43 16.92 26.30 1.64
C ALA B 43 18.16 26.93 1.06
N VAL B 44 17.99 27.67 -0.02
CA VAL B 44 19.10 28.35 -0.68
C VAL B 44 18.61 29.69 -1.20
N THR B 45 19.51 30.66 -1.26
CA THR B 45 19.15 32.00 -1.73
C THR B 45 19.66 32.25 -3.14
N VAL B 46 18.83 32.89 -3.97
CA VAL B 46 19.21 33.21 -5.35
C VAL B 46 18.63 34.58 -5.69
N MET B 47 19.03 35.14 -6.84
CA MET B 47 18.54 36.46 -7.25
C MET B 47 18.52 36.64 -8.76
N ILE B 48 17.50 36.09 -9.42
CA ILE B 48 17.38 36.21 -10.87
C ILE B 48 16.78 37.58 -11.23
N GLY B 49 16.23 38.27 -10.22
CA GLY B 49 15.63 39.56 -10.46
C GLY B 49 16.09 40.64 -9.49
N GLY B 50 17.37 40.62 -9.14
CA GLY B 50 17.91 41.62 -8.23
C GLY B 50 17.30 41.55 -6.83
N GLU B 51 16.45 40.56 -6.61
CA GLU B 51 15.78 40.37 -5.33
C GLU B 51 16.31 39.11 -4.63
N PRO B 52 16.57 39.19 -3.32
CA PRO B 52 17.09 38.04 -2.57
C PRO B 52 15.95 37.10 -2.13
N TYR B 53 15.61 36.14 -2.99
CA TYR B 53 14.54 35.18 -2.71
C TYR B 53 15.08 33.95 -1.99
N THR B 54 14.25 33.35 -1.13
CA THR B 54 14.65 32.15 -0.43
C THR B 54 14.02 30.96 -1.16
N LEU B 55 14.85 30.16 -1.82
CA LEU B 55 14.38 28.99 -2.56
C LEU B 55 14.27 27.79 -1.63
N GLY B 56 13.06 27.48 -1.23
CA GLY B 56 12.84 26.35 -0.35
C GLY B 56 12.79 25.10 -1.20
N LEU B 57 13.65 24.14 -0.91
CA LEU B 57 13.66 22.91 -1.67
C LEU B 57 13.18 21.78 -0.78
N PHE B 58 12.12 21.10 -1.23
CA PHE B 58 11.54 19.99 -0.47
C PHE B 58 11.69 18.65 -1.15
N ASP B 59 12.35 17.74 -0.45
CA ASP B 59 12.60 16.38 -0.94
C ASP B 59 11.53 15.47 -0.36
N THR B 60 10.99 14.57 -1.18
CA THR B 60 9.96 13.66 -0.70
C THR B 60 10.36 12.22 -0.91
N ALA B 61 9.57 11.32 -0.32
CA ALA B 61 9.81 9.89 -0.44
C ALA B 61 9.25 9.40 -1.78
N GLY B 62 9.98 8.50 -2.42
CA GLY B 62 9.53 7.98 -3.69
C GLY B 62 8.85 6.64 -3.51
N LEU B 63 9.26 5.89 -2.50
CA LEU B 63 8.67 4.57 -2.22
C LEU B 63 7.20 4.69 -1.81
N GLU B 64 6.37 3.81 -2.35
CA GLU B 64 4.94 3.85 -2.05
C GLU B 64 4.67 3.60 -0.57
N ASP B 65 5.62 2.95 0.10
CA ASP B 65 5.50 2.65 1.51
C ASP B 65 5.25 3.94 2.27
N TYR B 66 5.69 5.04 1.68
CA TYR B 66 5.59 6.36 2.31
C TYR B 66 4.50 7.24 1.71
N ASP B 67 3.57 6.64 0.98
CA ASP B 67 2.50 7.41 0.37
C ASP B 67 1.63 8.28 1.26
N ARG B 68 1.23 7.77 2.42
CA ARG B 68 0.36 8.51 3.32
C ARG B 68 0.99 9.80 3.85
N LEU B 69 2.28 9.72 4.11
CA LEU B 69 3.06 10.83 4.63
C LEU B 69 3.40 11.92 3.61
N ARG B 70 3.66 11.52 2.37
CA ARG B 70 4.06 12.44 1.31
C ARG B 70 3.28 13.75 1.12
N PRO B 71 1.94 13.69 1.15
CA PRO B 71 1.15 14.92 0.98
C PRO B 71 1.41 16.04 1.98
N LEU B 72 2.04 15.73 3.12
CA LEU B 72 2.35 16.73 4.14
C LEU B 72 3.32 17.82 3.62
N SER B 73 4.10 17.50 2.57
CA SER B 73 5.06 18.46 2.02
C SER B 73 4.45 19.39 0.97
N TYR B 74 3.24 19.09 0.53
CA TYR B 74 2.61 19.85 -0.53
C TYR B 74 1.99 21.22 -0.26
N PRO B 75 1.76 21.59 1.00
CA PRO B 75 1.15 22.92 1.11
C PRO B 75 2.01 24.12 0.65
N GLN B 76 1.32 25.14 0.12
CA GLN B 76 1.92 26.38 -0.36
C GLN B 76 3.05 26.22 -1.38
N THR B 77 3.04 25.11 -2.09
CA THR B 77 4.05 24.83 -3.10
C THR B 77 3.86 25.78 -4.28
N ASP B 78 4.97 26.32 -4.77
CA ASP B 78 4.92 27.24 -5.92
C ASP B 78 5.17 26.50 -7.22
N VAL B 79 5.99 25.46 -7.14
CA VAL B 79 6.31 24.66 -8.33
C VAL B 79 6.73 23.25 -7.93
N PHE B 80 6.30 22.29 -8.72
CA PHE B 80 6.62 20.88 -8.53
C PHE B 80 7.64 20.42 -9.57
N LEU B 81 8.52 19.49 -9.19
CA LEU B 81 9.48 18.93 -10.13
C LEU B 81 9.15 17.45 -10.14
N VAL B 82 8.49 17.00 -11.21
CA VAL B 82 8.13 15.60 -11.33
C VAL B 82 9.32 14.95 -12.03
N CYS B 83 10.02 14.07 -11.31
CA CYS B 83 11.21 13.42 -11.83
C CYS B 83 11.08 11.96 -12.21
N PHE B 84 11.84 11.58 -13.21
CA PHE B 84 11.88 10.20 -13.66
C PHE B 84 13.30 10.02 -14.18
N SER B 85 13.73 8.77 -14.25
CA SER B 85 15.06 8.45 -14.74
C SER B 85 14.98 8.19 -16.25
N VAL B 86 15.75 8.94 -17.04
CA VAL B 86 15.74 8.73 -18.48
C VAL B 86 16.22 7.33 -18.84
N VAL B 87 16.94 6.67 -17.92
CA VAL B 87 17.42 5.32 -18.17
C VAL B 87 16.57 4.26 -17.47
N SER B 88 15.42 4.68 -16.94
CA SER B 88 14.46 3.77 -16.29
C SER B 88 13.06 4.03 -16.82
N PRO B 89 12.63 3.24 -17.81
CA PRO B 89 11.30 3.37 -18.44
C PRO B 89 10.15 3.35 -17.47
N SER B 90 10.11 2.36 -16.58
CA SER B 90 9.05 2.25 -15.59
C SER B 90 8.83 3.57 -14.84
N SER B 91 9.91 4.22 -14.44
CA SER B 91 9.77 5.48 -13.72
C SER B 91 9.10 6.53 -14.61
N PHE B 92 9.35 6.45 -15.91
CA PHE B 92 8.78 7.39 -16.86
C PHE B 92 7.27 7.22 -16.99
N GLU B 93 6.82 5.98 -16.99
CA GLU B 93 5.40 5.69 -17.08
C GLU B 93 4.65 6.11 -15.83
N ASN B 94 5.27 5.96 -14.66
CA ASN B 94 4.61 6.34 -13.43
C ASN B 94 4.41 7.83 -13.32
N VAL B 95 5.04 8.57 -14.23
CA VAL B 95 4.89 10.01 -14.23
C VAL B 95 3.42 10.35 -14.55
N LYS B 96 2.80 9.58 -15.43
CA LYS B 96 1.41 9.84 -15.75
C LYS B 96 0.47 8.90 -15.00
N GLU B 97 0.98 7.75 -14.59
CA GLU B 97 0.18 6.79 -13.84
C GLU B 97 0.06 7.08 -12.36
N LYS B 98 0.99 7.87 -11.82
CA LYS B 98 0.97 8.19 -10.40
C LYS B 98 1.27 9.64 -9.99
N TRP B 99 2.47 10.09 -10.32
CA TRP B 99 2.90 11.41 -9.93
C TRP B 99 2.09 12.59 -10.37
N VAL B 100 1.91 12.81 -11.66
CA VAL B 100 1.11 13.96 -12.05
C VAL B 100 -0.29 13.89 -11.42
N PRO B 101 -0.94 12.71 -11.47
CA PRO B 101 -2.26 12.61 -10.87
C PRO B 101 -2.24 13.03 -9.40
N GLU B 102 -1.25 12.56 -8.65
CA GLU B 102 -1.17 12.89 -7.24
C GLU B 102 -1.01 14.39 -6.99
N ILE B 103 -0.02 15.01 -7.60
CA ILE B 103 0.17 16.45 -7.37
C ILE B 103 -1.01 17.29 -7.87
N THR B 104 -1.67 16.85 -8.93
CA THR B 104 -2.82 17.61 -9.44
C THR B 104 -4.04 17.36 -8.56
N HIS B 105 -4.02 16.29 -7.78
CA HIS B 105 -5.13 16.03 -6.89
C HIS B 105 -4.98 16.97 -5.69
N HIS B 106 -3.75 17.10 -5.18
CA HIS B 106 -3.51 17.94 -4.02
C HIS B 106 -3.31 19.42 -4.34
N CYS B 107 -2.69 19.68 -5.49
CA CYS B 107 -2.40 21.05 -5.90
C CYS B 107 -2.74 21.22 -7.38
N PRO B 108 -4.04 21.32 -7.68
CA PRO B 108 -4.54 21.48 -9.05
C PRO B 108 -4.00 22.73 -9.76
N LYS B 109 -3.93 23.83 -9.03
CA LYS B 109 -3.48 25.10 -9.60
C LYS B 109 -1.97 25.30 -9.69
N THR B 110 -1.22 24.42 -9.05
CA THR B 110 0.23 24.55 -9.03
C THR B 110 0.96 24.03 -10.26
N PRO B 111 1.82 24.87 -10.87
CA PRO B 111 2.58 24.48 -12.07
C PRO B 111 3.72 23.55 -11.72
N PHE B 112 4.05 22.65 -12.63
CA PHE B 112 5.12 21.70 -12.43
C PHE B 112 5.93 21.48 -13.71
N LEU B 113 7.17 21.01 -13.56
CA LEU B 113 8.02 20.72 -14.70
C LEU B 113 8.29 19.24 -14.71
N LEU B 114 8.46 18.69 -15.90
CA LEU B 114 8.78 17.27 -16.04
C LEU B 114 10.31 17.31 -16.05
N VAL B 115 10.94 16.46 -15.23
CA VAL B 115 12.40 16.46 -15.11
C VAL B 115 13.04 15.11 -15.29
N GLY B 116 13.88 14.98 -16.32
CA GLY B 116 14.59 13.75 -16.57
C GLY B 116 15.87 13.80 -15.75
N THR B 117 16.25 12.67 -15.15
CA THR B 117 17.44 12.63 -14.32
C THR B 117 18.32 11.50 -14.78
N GLN B 118 19.56 11.52 -14.30
CA GLN B 118 20.54 10.49 -14.64
C GLN B 118 20.88 10.45 -16.15
N ILE B 119 20.86 11.61 -16.81
CA ILE B 119 21.15 11.67 -18.24
C ILE B 119 22.58 11.21 -18.61
N ASP B 120 23.49 11.24 -17.63
CA ASP B 120 24.87 10.81 -17.87
C ASP B 120 24.98 9.31 -18.10
N LEU B 121 23.89 8.59 -17.83
CA LEU B 121 23.88 7.14 -18.02
C LEU B 121 23.36 6.71 -19.39
N ARG B 122 22.97 7.70 -20.19
CA ARG B 122 22.45 7.40 -21.52
C ARG B 122 23.51 6.75 -22.38
N ASP B 123 24.77 7.14 -22.18
CA ASP B 123 25.89 6.58 -22.93
C ASP B 123 26.72 5.59 -22.11
N ASP B 124 26.18 5.15 -20.98
CA ASP B 124 26.90 4.18 -20.16
C ASP B 124 26.62 2.79 -20.72
N PRO B 125 27.68 2.11 -21.19
CA PRO B 125 27.59 0.77 -21.77
C PRO B 125 26.68 -0.23 -21.06
N SER B 126 26.93 -0.47 -19.79
CA SER B 126 26.15 -1.44 -19.02
C SER B 126 24.65 -1.16 -18.91
N THR B 127 24.28 0.12 -18.77
CA THR B 127 22.86 0.44 -18.65
C THR B 127 22.17 0.30 -19.99
N ILE B 128 22.89 0.58 -21.07
CA ILE B 128 22.35 0.46 -22.42
C ILE B 128 22.12 -1.04 -22.69
N GLU B 129 23.11 -1.84 -22.32
CA GLU B 129 23.02 -3.28 -22.52
C GLU B 129 21.92 -3.85 -21.66
N LYS B 130 21.81 -3.36 -20.43
CA LYS B 130 20.79 -3.83 -19.50
C LYS B 130 19.39 -3.54 -20.03
N LEU B 131 19.22 -2.34 -20.57
CA LEU B 131 17.93 -1.93 -21.14
C LEU B 131 17.58 -2.74 -22.39
N ALA B 132 18.58 -3.04 -23.21
CA ALA B 132 18.38 -3.82 -24.43
C ALA B 132 17.95 -5.26 -24.13
N LYS B 133 18.50 -5.87 -23.08
CA LYS B 133 18.15 -7.25 -22.74
C LYS B 133 16.68 -7.33 -22.39
N ASN B 134 16.09 -6.18 -22.12
CA ASN B 134 14.68 -6.09 -21.76
C ASN B 134 13.89 -5.48 -22.91
N LYS B 135 14.58 -5.27 -24.03
CA LYS B 135 13.99 -4.71 -25.23
C LYS B 135 13.56 -3.26 -24.98
N GLN B 136 14.40 -2.52 -24.27
CA GLN B 136 14.11 -1.13 -23.95
C GLN B 136 15.28 -0.21 -24.29
N LYS B 137 15.02 1.09 -24.20
CA LYS B 137 16.04 2.10 -24.48
C LYS B 137 15.76 3.34 -23.65
N PRO B 138 16.79 4.13 -23.37
CA PRO B 138 16.61 5.36 -22.58
C PRO B 138 15.51 6.25 -23.16
N ILE B 139 14.75 6.91 -22.29
CA ILE B 139 13.70 7.80 -22.77
C ILE B 139 14.38 8.96 -23.49
N THR B 140 13.85 9.33 -24.66
CA THR B 140 14.42 10.41 -25.45
C THR B 140 13.75 11.74 -25.12
N PRO B 141 14.51 12.84 -25.20
CA PRO B 141 13.97 14.17 -24.91
C PRO B 141 12.65 14.42 -25.62
N GLU B 142 12.56 13.94 -26.86
CA GLU B 142 11.36 14.11 -27.67
C GLU B 142 10.14 13.43 -27.05
N THR B 143 10.32 12.21 -26.57
CA THR B 143 9.23 11.46 -25.95
C THR B 143 8.74 12.15 -24.69
N ALA B 144 9.68 12.61 -23.86
CA ALA B 144 9.37 13.28 -22.62
C ALA B 144 8.73 14.64 -22.88
N GLU B 145 9.27 15.37 -23.85
CA GLU B 145 8.73 16.68 -24.20
C GLU B 145 7.29 16.54 -24.69
N LYS B 146 6.95 15.36 -25.21
CA LYS B 146 5.59 15.12 -25.69
C LYS B 146 4.72 14.95 -24.45
N LEU B 147 5.14 14.03 -23.59
CA LEU B 147 4.43 13.75 -22.34
C LEU B 147 4.18 15.03 -21.57
N ALA B 148 5.15 15.94 -21.56
CA ALA B 148 5.02 17.21 -20.86
C ALA B 148 3.86 18.01 -21.42
N ARG B 149 3.76 18.03 -22.76
CA ARG B 149 2.68 18.76 -23.42
C ARG B 149 1.33 18.10 -23.13
N ASP B 150 1.28 16.78 -23.24
CA ASP B 150 0.04 16.05 -22.97
C ASP B 150 -0.43 16.27 -21.53
N LEU B 151 0.49 16.11 -20.57
CA LEU B 151 0.22 16.28 -19.15
C LEU B 151 0.18 17.75 -18.72
N LYS B 152 0.32 18.64 -19.69
CA LYS B 152 0.27 20.08 -19.43
C LYS B 152 1.33 20.58 -18.47
N ALA B 153 2.56 20.10 -18.63
CA ALA B 153 3.64 20.55 -17.77
C ALA B 153 4.16 21.86 -18.34
N VAL B 154 4.78 22.70 -17.52
CA VAL B 154 5.31 23.95 -18.02
C VAL B 154 6.25 23.65 -19.18
N LYS B 155 6.98 22.55 -19.06
CA LYS B 155 7.92 22.12 -20.08
C LYS B 155 8.75 21.01 -19.51
N TYR B 156 9.66 20.48 -20.31
CA TYR B 156 10.54 19.41 -19.89
C TYR B 156 11.96 19.94 -19.77
N VAL B 157 12.72 19.30 -18.90
CA VAL B 157 14.12 19.62 -18.68
C VAL B 157 14.76 18.36 -18.13
N GLU B 158 16.04 18.17 -18.42
CA GLU B 158 16.75 17.00 -17.93
C GLU B 158 18.14 17.36 -17.47
N CYS B 159 18.74 16.48 -16.68
CA CYS B 159 20.06 16.76 -16.14
C CYS B 159 20.73 15.54 -15.57
N SER B 160 21.90 15.77 -14.99
CA SER B 160 22.70 14.74 -14.36
C SER B 160 23.21 15.31 -13.06
N ALA B 161 22.83 14.71 -11.94
CA ALA B 161 23.28 15.22 -10.65
C ALA B 161 24.78 14.94 -10.50
N LEU B 162 25.21 13.88 -11.16
CA LEU B 162 26.59 13.45 -11.11
C LEU B 162 27.55 14.48 -11.74
N THR B 163 27.31 14.81 -13.00
CA THR B 163 28.16 15.76 -13.71
C THR B 163 27.65 17.19 -13.61
N GLN B 164 26.38 17.32 -13.23
CA GLN B 164 25.72 18.62 -13.08
C GLN B 164 25.37 19.19 -14.43
N LYS B 165 25.47 18.37 -15.48
CA LYS B 165 25.12 18.86 -16.79
C LYS B 165 23.62 19.16 -16.76
N GLY B 166 23.27 20.41 -16.95
CA GLY B 166 21.88 20.82 -16.94
C GLY B 166 21.31 21.08 -15.56
N LEU B 167 22.04 20.67 -14.52
CA LEU B 167 21.59 20.84 -13.15
C LEU B 167 21.08 22.24 -12.78
N LYS B 168 21.87 23.27 -13.02
CA LYS B 168 21.43 24.61 -12.69
C LYS B 168 20.22 25.07 -13.50
N ASN B 169 20.22 24.79 -14.80
CA ASN B 169 19.10 25.18 -15.66
C ASN B 169 17.75 24.67 -15.12
N VAL B 170 17.78 23.47 -14.55
CA VAL B 170 16.58 22.88 -13.98
C VAL B 170 15.96 23.83 -12.95
N PHE B 171 16.76 24.28 -11.99
CA PHE B 171 16.23 25.17 -10.96
C PHE B 171 16.00 26.59 -11.42
N ASP B 172 16.67 26.98 -12.50
CA ASP B 172 16.48 28.33 -13.03
C ASP B 172 15.08 28.36 -13.62
N GLU B 173 14.72 27.29 -14.32
CA GLU B 173 13.39 27.17 -14.91
C GLU B 173 12.35 27.08 -13.80
N ALA B 174 12.60 26.19 -12.84
CA ALA B 174 11.70 26.00 -11.71
C ALA B 174 11.39 27.37 -11.14
N ILE B 175 12.43 28.17 -10.90
CA ILE B 175 12.26 29.51 -10.36
C ILE B 175 11.43 30.38 -11.30
N LEU B 176 11.71 30.29 -12.60
CA LEU B 176 10.98 31.05 -13.60
C LEU B 176 9.50 30.65 -13.60
N ALA B 177 9.24 29.36 -13.52
CA ALA B 177 7.86 28.87 -13.52
C ALA B 177 7.12 29.22 -12.23
N ALA B 178 7.87 29.54 -11.18
CA ALA B 178 7.30 29.89 -9.90
C ALA B 178 6.93 31.37 -9.86
N LEU B 179 6.69 31.94 -11.03
CA LEU B 179 6.33 33.34 -11.13
C LEU B 179 5.16 33.53 -12.11
N MET C 3 -22.30 48.50 -27.18
CA MET C 3 -21.63 49.56 -26.38
C MET C 3 -20.22 49.10 -25.99
N GLN C 4 -20.03 48.78 -24.72
CA GLN C 4 -18.74 48.32 -24.21
C GLN C 4 -18.92 47.60 -22.88
N THR C 5 -18.66 46.30 -22.88
CA THR C 5 -18.81 45.52 -21.65
C THR C 5 -17.49 45.00 -21.10
N ILE C 6 -17.38 45.08 -19.77
CA ILE C 6 -16.20 44.63 -19.06
C ILE C 6 -16.56 43.49 -18.12
N LYS C 7 -15.91 42.34 -18.28
CA LYS C 7 -16.18 41.22 -17.40
C LYS C 7 -15.28 41.33 -16.16
N CYS C 8 -15.90 41.49 -15.01
CA CYS C 8 -15.18 41.60 -13.75
C CYS C 8 -15.68 40.52 -12.79
N VAL C 9 -14.82 39.57 -12.46
CA VAL C 9 -15.18 38.48 -11.54
C VAL C 9 -14.66 38.68 -10.12
N VAL C 10 -15.57 38.63 -9.15
CA VAL C 10 -15.20 38.81 -7.75
C VAL C 10 -15.05 37.45 -7.04
N VAL C 11 -13.85 37.17 -6.53
CA VAL C 11 -13.58 35.91 -5.83
C VAL C 11 -12.94 36.16 -4.46
N GLY C 12 -12.88 35.12 -3.63
CA GLY C 12 -12.29 35.26 -2.31
C GLY C 12 -13.04 34.56 -1.17
N ASP C 13 -12.30 34.23 -0.12
CA ASP C 13 -12.86 33.55 1.06
C ASP C 13 -14.32 33.86 1.32
N GLY C 14 -15.07 32.84 1.71
CA GLY C 14 -16.46 33.03 1.99
C GLY C 14 -16.63 33.98 3.16
N ALA C 15 -17.74 34.70 3.16
CA ALA C 15 -18.11 35.64 4.20
C ALA C 15 -17.30 36.95 4.29
N VAL C 16 -16.31 37.14 3.42
CA VAL C 16 -15.52 38.37 3.46
C VAL C 16 -16.33 39.59 3.02
N GLY C 17 -17.46 39.36 2.37
CA GLY C 17 -18.28 40.47 1.93
C GLY C 17 -18.40 40.70 0.44
N LYS C 18 -17.98 39.73 -0.36
CA LYS C 18 -18.07 39.86 -1.82
C LYS C 18 -19.47 40.25 -2.30
N THR C 19 -20.50 39.56 -1.81
CA THR C 19 -21.87 39.85 -2.23
C THR C 19 -22.35 41.22 -1.75
N CYS C 20 -22.11 41.53 -0.49
CA CYS C 20 -22.53 42.82 0.05
C CYS C 20 -21.95 44.02 -0.69
N LEU C 21 -20.69 43.94 -1.14
CA LEU C 21 -20.14 45.08 -1.84
C LEU C 21 -20.80 45.25 -3.20
N LEU C 22 -21.14 44.13 -3.84
CA LEU C 22 -21.80 44.14 -5.15
C LEU C 22 -23.24 44.66 -5.08
N ILE C 23 -23.90 44.47 -3.95
CA ILE C 23 -25.26 44.93 -3.78
C ILE C 23 -25.35 46.39 -3.39
N SER C 24 -24.68 46.78 -2.31
CA SER C 24 -24.73 48.16 -1.85
C SER C 24 -24.09 49.09 -2.85
N TYR C 25 -23.47 48.52 -3.88
CA TYR C 25 -22.86 49.34 -4.90
C TYR C 25 -23.84 49.54 -6.04
N THR C 26 -24.44 48.45 -6.49
CA THR C 26 -25.39 48.52 -7.59
C THR C 26 -26.79 48.89 -7.15
N THR C 27 -27.11 48.74 -5.88
CA THR C 27 -28.44 49.09 -5.40
C THR C 27 -28.41 49.97 -4.16
N ASN C 28 -27.22 50.45 -3.81
CA ASN C 28 -27.06 51.28 -2.62
C ASN C 28 -27.92 50.78 -1.47
N LYS C 29 -27.81 49.48 -1.19
CA LYS C 29 -28.54 48.83 -0.10
C LYS C 29 -27.64 47.76 0.49
N PHE C 30 -27.59 47.69 1.81
CA PHE C 30 -26.76 46.71 2.50
C PHE C 30 -27.54 45.52 3.04
N PRO C 31 -27.33 44.34 2.44
CA PRO C 31 -27.99 43.08 2.81
C PRO C 31 -27.94 42.78 4.31
N SER C 32 -29.13 42.70 4.91
CA SER C 32 -29.24 42.43 6.33
C SER C 32 -28.54 41.14 6.73
N GLU C 33 -29.20 40.01 6.45
CA GLU C 33 -28.66 38.70 6.79
C GLU C 33 -27.68 38.12 5.78
N TYR C 34 -27.01 37.05 6.20
CA TYR C 34 -26.00 36.38 5.39
C TYR C 34 -26.54 35.09 4.77
N VAL C 35 -26.34 34.99 3.46
CA VAL C 35 -26.76 33.82 2.70
C VAL C 35 -25.64 33.56 1.69
N PRO C 36 -24.80 32.56 1.94
CA PRO C 36 -23.72 32.30 0.99
C PRO C 36 -24.26 32.05 -0.41
N THR C 37 -23.52 32.48 -1.43
CA THR C 37 -23.98 32.29 -2.80
C THR C 37 -23.37 31.11 -3.53
N VAL C 38 -24.02 30.74 -4.63
CA VAL C 38 -23.59 29.63 -5.49
C VAL C 38 -22.95 30.30 -6.70
N PHE C 39 -23.66 31.25 -7.29
CA PHE C 39 -23.22 32.05 -8.42
C PHE C 39 -24.30 33.08 -8.80
N ASP C 40 -23.87 34.31 -9.03
CA ASP C 40 -24.79 35.38 -9.39
C ASP C 40 -24.17 36.32 -10.40
N ASN C 41 -24.98 37.21 -10.95
CA ASN C 41 -24.53 38.18 -11.95
C ASN C 41 -25.16 39.53 -11.73
N TYR C 42 -24.39 40.59 -11.94
CA TYR C 42 -24.90 41.94 -11.79
C TYR C 42 -24.49 42.77 -12.99
N ALA C 43 -25.31 43.76 -13.32
CA ALA C 43 -25.03 44.61 -14.45
C ALA C 43 -25.16 46.07 -14.07
N VAL C 44 -24.11 46.83 -14.40
CA VAL C 44 -24.08 48.24 -14.11
C VAL C 44 -23.21 48.93 -15.15
N THR C 45 -23.79 49.95 -15.78
CA THR C 45 -23.08 50.73 -16.79
C THR C 45 -22.54 51.97 -16.10
N VAL C 46 -21.26 52.22 -16.24
CA VAL C 46 -20.65 53.37 -15.62
C VAL C 46 -19.71 54.11 -16.58
N MET C 47 -19.60 55.43 -16.38
CA MET C 47 -18.77 56.29 -17.23
C MET C 47 -17.30 56.30 -16.79
N ILE C 48 -16.41 56.06 -17.74
CA ILE C 48 -14.97 56.04 -17.48
C ILE C 48 -14.23 56.75 -18.61
N GLY C 49 -13.69 57.92 -18.31
CA GLY C 49 -12.98 58.68 -19.33
C GLY C 49 -13.97 59.27 -20.30
N GLY C 50 -15.16 59.59 -19.79
CA GLY C 50 -16.21 60.15 -20.62
C GLY C 50 -16.79 59.13 -21.58
N GLU C 51 -16.67 57.85 -21.23
CA GLU C 51 -17.15 56.77 -22.06
C GLU C 51 -18.07 55.82 -21.27
N PRO C 52 -19.23 55.46 -21.86
CA PRO C 52 -20.17 54.56 -21.21
C PRO C 52 -19.75 53.10 -21.31
N TYR C 53 -19.56 52.45 -20.17
CA TYR C 53 -19.15 51.06 -20.12
C TYR C 53 -20.14 50.23 -19.32
N THR C 54 -20.42 49.02 -19.80
CA THR C 54 -21.31 48.09 -19.10
C THR C 54 -20.44 47.10 -18.34
N LEU C 55 -20.42 47.22 -17.02
CA LEU C 55 -19.59 46.34 -16.20
C LEU C 55 -20.37 45.11 -15.76
N GLY C 56 -19.91 43.93 -16.20
CA GLY C 56 -20.55 42.68 -15.84
C GLY C 56 -19.92 42.13 -14.58
N LEU C 57 -20.72 42.05 -13.51
CA LEU C 57 -20.22 41.58 -12.22
C LEU C 57 -20.61 40.15 -11.87
N PHE C 58 -19.61 39.26 -11.90
CA PHE C 58 -19.76 37.85 -11.58
C PHE C 58 -19.41 37.55 -10.11
N ASP C 59 -20.43 37.28 -9.31
CA ASP C 59 -20.28 36.96 -7.89
C ASP C 59 -20.08 35.44 -7.83
N THR C 60 -19.15 34.96 -7.01
CA THR C 60 -18.89 33.54 -6.90
C THR C 60 -18.89 33.03 -5.46
N ALA C 61 -18.75 31.71 -5.30
CA ALA C 61 -18.73 31.07 -3.99
C ALA C 61 -17.32 30.97 -3.41
N GLY C 62 -17.18 31.43 -2.17
CA GLY C 62 -15.88 31.40 -1.52
C GLY C 62 -15.45 30.07 -0.96
N LEU C 63 -16.39 29.33 -0.36
CA LEU C 63 -16.10 28.04 0.24
C LEU C 63 -15.34 27.09 -0.69
N GLU C 64 -14.37 26.37 -0.15
CA GLU C 64 -13.56 25.43 -0.93
C GLU C 64 -14.39 24.31 -1.58
N ASP C 65 -15.45 23.87 -0.91
CA ASP C 65 -16.30 22.82 -1.44
C ASP C 65 -16.97 23.18 -2.77
N TYR C 66 -16.78 24.39 -3.26
CA TYR C 66 -17.37 24.82 -4.51
C TYR C 66 -16.30 25.15 -5.55
N ASP C 67 -15.09 24.65 -5.35
CA ASP C 67 -13.98 24.91 -6.28
C ASP C 67 -14.21 24.43 -7.71
N ARG C 68 -14.85 23.27 -7.87
CA ARG C 68 -15.12 22.74 -9.21
C ARG C 68 -16.08 23.63 -9.99
N LEU C 69 -16.93 24.37 -9.27
CA LEU C 69 -17.89 25.22 -9.90
C LEU C 69 -17.37 26.61 -10.29
N ARG C 70 -16.59 27.23 -9.41
CA ARG C 70 -16.09 28.58 -9.64
C ARG C 70 -15.51 28.89 -11.02
N PRO C 71 -14.63 28.02 -11.54
CA PRO C 71 -14.04 28.26 -12.86
C PRO C 71 -15.05 28.54 -13.99
N LEU C 72 -16.29 28.07 -13.80
CA LEU C 72 -17.34 28.27 -14.78
C LEU C 72 -17.57 29.75 -15.04
N SER C 73 -17.11 30.60 -14.14
CA SER C 73 -17.28 32.04 -14.27
C SER C 73 -16.04 32.70 -14.86
N TYR C 74 -14.93 31.96 -14.94
CA TYR C 74 -13.66 32.53 -15.42
C TYR C 74 -13.41 32.79 -16.90
N PRO C 75 -13.96 31.97 -17.81
CA PRO C 75 -13.71 32.21 -19.23
C PRO C 75 -13.92 33.65 -19.69
N GLN C 76 -12.94 34.17 -20.42
CA GLN C 76 -12.97 35.52 -20.97
C GLN C 76 -13.26 36.64 -19.97
N THR C 77 -12.48 36.69 -18.89
CA THR C 77 -12.66 37.73 -17.88
C THR C 77 -11.63 38.83 -18.13
N ASP C 78 -12.09 40.08 -18.00
CA ASP C 78 -11.22 41.22 -18.21
C ASP C 78 -10.38 41.50 -16.98
N VAL C 79 -11.03 41.55 -15.82
CA VAL C 79 -10.32 41.82 -14.58
C VAL C 79 -10.89 41.06 -13.40
N PHE C 80 -10.01 40.60 -12.51
CA PHE C 80 -10.40 39.86 -11.31
C PHE C 80 -10.30 40.71 -10.05
N LEU C 81 -11.30 40.63 -9.18
CA LEU C 81 -11.28 41.37 -7.92
C LEU C 81 -11.11 40.44 -6.74
N VAL C 82 -9.85 40.20 -6.35
CA VAL C 82 -9.57 39.33 -5.23
C VAL C 82 -9.84 40.06 -3.92
N CYS C 83 -10.78 39.54 -3.14
CA CYS C 83 -11.17 40.18 -1.89
C CYS C 83 -10.69 39.49 -0.60
N PHE C 84 -10.83 40.21 0.51
CA PHE C 84 -10.46 39.74 1.85
C PHE C 84 -10.96 40.76 2.88
N SER C 85 -11.27 40.31 4.09
CA SER C 85 -11.75 41.22 5.11
C SER C 85 -10.58 41.77 5.93
N VAL C 86 -10.46 43.10 6.02
CA VAL C 86 -9.36 43.70 6.75
C VAL C 86 -9.39 43.37 8.24
N VAL C 87 -10.52 42.88 8.74
CA VAL C 87 -10.63 42.52 10.14
C VAL C 87 -10.67 41.00 10.26
N SER C 88 -9.99 40.34 9.32
CA SER C 88 -9.91 38.89 9.30
C SER C 88 -8.62 38.46 8.61
N PRO C 89 -7.52 38.31 9.38
CA PRO C 89 -6.23 37.91 8.83
C PRO C 89 -6.36 36.65 7.98
N SER C 90 -7.11 35.69 8.50
CA SER C 90 -7.35 34.43 7.82
C SER C 90 -7.66 34.67 6.35
N SER C 91 -8.60 35.58 6.09
CA SER C 91 -8.99 35.88 4.71
C SER C 91 -7.86 36.48 3.92
N PHE C 92 -7.03 37.28 4.58
CA PHE C 92 -5.89 37.91 3.92
C PHE C 92 -4.83 36.87 3.54
N GLU C 93 -4.56 35.94 4.44
CA GLU C 93 -3.58 34.91 4.16
C GLU C 93 -3.92 34.14 2.89
N ASN C 94 -5.20 33.87 2.67
CA ASN C 94 -5.64 33.12 1.50
C ASN C 94 -5.53 33.81 0.16
N VAL C 95 -5.28 35.12 0.17
CA VAL C 95 -5.12 35.83 -1.08
C VAL C 95 -3.95 35.25 -1.83
N LYS C 96 -2.80 35.12 -1.17
CA LYS C 96 -1.61 34.58 -1.82
C LYS C 96 -1.51 33.07 -1.66
N GLU C 97 -2.44 32.50 -0.91
CA GLU C 97 -2.46 31.07 -0.67
C GLU C 97 -3.35 30.30 -1.63
N LYS C 98 -4.52 30.85 -1.92
CA LYS C 98 -5.47 30.17 -2.81
C LYS C 98 -5.90 30.97 -4.02
N TRP C 99 -6.51 32.11 -3.75
CA TRP C 99 -7.05 32.97 -4.80
C TRP C 99 -6.11 33.38 -5.93
N VAL C 100 -5.08 34.16 -5.62
CA VAL C 100 -4.16 34.58 -6.68
C VAL C 100 -3.65 33.35 -7.45
N PRO C 101 -3.35 32.26 -6.74
CA PRO C 101 -2.86 31.07 -7.43
C PRO C 101 -3.88 30.42 -8.36
N GLU C 102 -5.17 30.47 -7.98
CA GLU C 102 -6.23 29.87 -8.79
C GLU C 102 -6.52 30.64 -10.07
N ILE C 103 -6.75 31.94 -9.95
CA ILE C 103 -7.05 32.76 -11.11
C ILE C 103 -5.86 32.84 -12.05
N THR C 104 -4.65 32.64 -11.51
CA THR C 104 -3.45 32.67 -12.31
C THR C 104 -3.33 31.38 -13.14
N HIS C 105 -3.92 30.31 -12.64
CA HIS C 105 -3.91 29.04 -13.35
C HIS C 105 -4.86 29.10 -14.53
N HIS C 106 -6.09 29.54 -14.27
CA HIS C 106 -7.13 29.65 -15.29
C HIS C 106 -7.01 30.84 -16.25
N CYS C 107 -6.44 31.94 -15.76
CA CYS C 107 -6.29 33.14 -16.58
C CYS C 107 -4.93 33.78 -16.37
N PRO C 108 -3.88 33.14 -16.92
CA PRO C 108 -2.48 33.57 -16.83
C PRO C 108 -2.22 35.05 -17.09
N LYS C 109 -2.72 35.55 -18.21
CA LYS C 109 -2.49 36.95 -18.56
C LYS C 109 -3.63 37.90 -18.25
N THR C 110 -4.32 37.65 -17.13
CA THR C 110 -5.43 38.51 -16.74
C THR C 110 -5.08 39.33 -15.51
N PRO C 111 -5.34 40.64 -15.58
CA PRO C 111 -5.04 41.53 -14.46
C PRO C 111 -6.08 41.42 -13.35
N PHE C 112 -5.66 41.72 -12.12
CA PHE C 112 -6.54 41.67 -10.98
C PHE C 112 -6.11 42.71 -9.96
N LEU C 113 -7.02 43.10 -9.09
CA LEU C 113 -6.71 44.07 -8.04
C LEU C 113 -6.91 43.38 -6.71
N LEU C 114 -6.29 43.91 -5.66
CA LEU C 114 -6.44 43.36 -4.33
C LEU C 114 -7.53 44.23 -3.71
N VAL C 115 -8.46 43.61 -3.00
CA VAL C 115 -9.55 44.37 -2.42
C VAL C 115 -9.85 44.12 -0.95
N GLY C 116 -9.55 45.10 -0.11
CA GLY C 116 -9.84 44.94 1.30
C GLY C 116 -11.28 45.30 1.52
N THR C 117 -11.95 44.64 2.46
CA THR C 117 -13.35 44.93 2.71
C THR C 117 -13.64 45.05 4.19
N GLN C 118 -14.86 45.44 4.54
CA GLN C 118 -15.27 45.61 5.93
C GLN C 118 -14.36 46.55 6.73
N ILE C 119 -13.75 47.53 6.04
CA ILE C 119 -12.85 48.48 6.69
C ILE C 119 -13.52 49.27 7.82
N ASP C 120 -14.84 49.33 7.80
CA ASP C 120 -15.58 50.05 8.83
C ASP C 120 -15.51 49.33 10.17
N LEU C 121 -15.16 48.04 10.16
CA LEU C 121 -15.07 47.27 11.39
C LEU C 121 -13.67 47.38 11.98
N ARG C 122 -12.73 47.83 11.15
CA ARG C 122 -11.35 48.01 11.57
C ARG C 122 -11.27 49.06 12.66
N ASP C 123 -12.13 50.07 12.56
CA ASP C 123 -12.21 51.13 13.54
C ASP C 123 -13.38 50.83 14.46
N ASP C 124 -13.34 49.64 15.06
CA ASP C 124 -14.39 49.19 15.98
C ASP C 124 -13.76 48.39 17.12
N PRO C 125 -13.96 48.83 18.36
CA PRO C 125 -13.42 48.19 19.57
C PRO C 125 -13.89 46.76 19.80
N SER C 126 -15.21 46.57 19.87
CA SER C 126 -15.79 45.25 20.09
C SER C 126 -15.25 44.20 19.13
N THR C 127 -14.73 44.65 17.99
CA THR C 127 -14.16 43.76 16.99
C THR C 127 -12.68 43.55 17.28
N ILE C 128 -11.97 44.65 17.50
CA ILE C 128 -10.55 44.58 17.80
C ILE C 128 -10.28 43.78 19.07
N GLU C 129 -11.21 43.83 20.02
CA GLU C 129 -11.04 43.09 21.26
C GLU C 129 -11.22 41.60 20.98
N LYS C 130 -11.88 41.27 19.88
CA LYS C 130 -12.11 39.89 19.51
C LYS C 130 -10.84 39.36 18.85
N LEU C 131 -10.17 40.24 18.12
CA LEU C 131 -8.94 39.87 17.44
C LEU C 131 -7.79 39.81 18.45
N ALA C 132 -7.97 40.50 19.57
CA ALA C 132 -6.96 40.51 20.62
C ALA C 132 -7.03 39.20 21.40
N LYS C 133 -8.24 38.76 21.70
CA LYS C 133 -8.47 37.52 22.45
C LYS C 133 -8.02 36.29 21.68
N ASN C 134 -7.40 36.51 20.52
CA ASN C 134 -6.90 35.44 19.68
C ASN C 134 -5.52 35.88 19.22
N LYS C 135 -5.13 37.06 19.70
CA LYS C 135 -3.83 37.65 19.38
C LYS C 135 -3.70 37.89 17.89
N GLN C 136 -4.51 38.80 17.37
CA GLN C 136 -4.52 39.16 15.95
C GLN C 136 -4.76 40.66 15.79
N LYS C 137 -4.25 41.22 14.71
CA LYS C 137 -4.41 42.65 14.46
C LYS C 137 -4.93 42.93 13.06
N PRO C 138 -5.99 43.77 12.96
CA PRO C 138 -6.59 44.11 11.67
C PRO C 138 -5.51 44.43 10.64
N ILE C 139 -5.67 43.89 9.45
CA ILE C 139 -4.72 44.13 8.37
C ILE C 139 -4.64 45.63 8.11
N THR C 140 -3.47 46.10 7.69
CA THR C 140 -3.28 47.52 7.44
C THR C 140 -3.01 47.82 5.96
N PRO C 141 -3.41 49.00 5.49
CA PRO C 141 -3.20 49.39 4.10
C PRO C 141 -1.79 49.10 3.61
N GLU C 142 -0.81 49.27 4.49
CA GLU C 142 0.58 49.04 4.15
C GLU C 142 0.86 47.55 3.98
N THR C 143 0.43 46.75 4.97
CA THR C 143 0.63 45.31 4.90
C THR C 143 0.08 44.80 3.57
N ALA C 144 -1.14 45.23 3.24
CA ALA C 144 -1.81 44.82 2.01
C ALA C 144 -1.03 45.25 0.77
N GLU C 145 -0.94 46.56 0.56
CA GLU C 145 -0.24 47.11 -0.58
C GLU C 145 1.09 46.41 -0.90
N LYS C 146 1.74 45.88 0.14
CA LYS C 146 2.98 45.16 -0.05
C LYS C 146 2.63 43.88 -0.79
N LEU C 147 1.62 43.16 -0.28
CA LEU C 147 1.18 41.92 -0.89
C LEU C 147 0.78 42.13 -2.34
N ALA C 148 0.11 43.23 -2.61
CA ALA C 148 -0.32 43.55 -3.97
C ALA C 148 0.89 43.55 -4.91
N ARG C 149 1.91 44.32 -4.56
CA ARG C 149 3.12 44.41 -5.38
C ARG C 149 3.82 43.06 -5.47
N ASP C 150 3.86 42.33 -4.36
CA ASP C 150 4.52 41.04 -4.35
C ASP C 150 3.83 40.04 -5.29
N LEU C 151 2.51 39.98 -5.21
CA LEU C 151 1.72 39.06 -6.05
C LEU C 151 1.52 39.57 -7.48
N LYS C 152 2.09 40.73 -7.77
CA LYS C 152 1.99 41.35 -9.09
C LYS C 152 0.57 41.76 -9.40
N ALA C 153 -0.09 42.39 -8.44
CA ALA C 153 -1.45 42.86 -8.62
C ALA C 153 -1.39 44.12 -9.46
N VAL C 154 -2.50 44.85 -9.50
CA VAL C 154 -2.53 46.09 -10.27
C VAL C 154 -2.43 47.26 -9.31
N LYS C 155 -2.95 47.07 -8.10
CA LYS C 155 -2.93 48.07 -7.03
C LYS C 155 -4.00 47.78 -5.99
N TYR C 156 -3.60 47.81 -4.72
CA TYR C 156 -4.52 47.54 -3.62
C TYR C 156 -5.57 48.66 -3.49
N VAL C 157 -6.75 48.28 -3.04
CA VAL C 157 -7.85 49.21 -2.82
C VAL C 157 -8.65 48.61 -1.68
N GLU C 158 -9.48 49.41 -1.01
CA GLU C 158 -10.29 48.88 0.09
C GLU C 158 -11.61 49.62 0.18
N CYS C 159 -12.53 49.10 0.98
CA CYS C 159 -13.83 49.73 1.09
C CYS C 159 -14.67 49.16 2.21
N SER C 160 -15.89 49.67 2.30
CA SER C 160 -16.86 49.25 3.29
C SER C 160 -18.19 49.17 2.58
N ALA C 161 -18.84 48.02 2.65
CA ALA C 161 -20.14 47.87 2.01
C ALA C 161 -21.19 48.56 2.85
N LEU C 162 -20.93 48.65 4.15
CA LEU C 162 -21.88 49.26 5.07
C LEU C 162 -21.91 50.78 4.96
N THR C 163 -20.72 51.40 4.97
CA THR C 163 -20.64 52.87 4.85
C THR C 163 -20.36 53.29 3.40
N GLN C 164 -20.23 52.30 2.53
CA GLN C 164 -19.99 52.56 1.12
C GLN C 164 -18.71 53.35 0.88
N LYS C 165 -17.97 53.58 1.95
CA LYS C 165 -16.71 54.33 1.86
C LYS C 165 -15.73 53.64 0.90
N GLY C 166 -15.22 54.40 -0.06
CA GLY C 166 -14.27 53.86 -1.01
C GLY C 166 -14.81 52.89 -2.02
N LEU C 167 -16.07 52.52 -1.84
CA LEU C 167 -16.75 51.57 -2.73
C LEU C 167 -16.61 51.91 -4.21
N LYS C 168 -17.26 53.00 -4.61
CA LYS C 168 -17.25 53.44 -6.01
C LYS C 168 -15.89 53.40 -6.68
N ASN C 169 -14.85 53.86 -5.97
CA ASN C 169 -13.50 53.89 -6.53
C ASN C 169 -12.97 52.53 -6.95
N VAL C 170 -13.46 51.48 -6.28
CA VAL C 170 -13.02 50.11 -6.58
C VAL C 170 -13.26 49.72 -8.04
N PHE C 171 -14.51 49.82 -8.47
CA PHE C 171 -14.88 49.47 -9.83
C PHE C 171 -14.29 50.42 -10.87
N ASP C 172 -13.97 51.64 -10.45
CA ASP C 172 -13.37 52.58 -11.39
C ASP C 172 -11.97 52.09 -11.72
N GLU C 173 -11.20 51.71 -10.70
CA GLU C 173 -9.85 51.19 -10.90
C GLU C 173 -9.92 49.87 -11.65
N ALA C 174 -11.02 49.14 -11.42
CA ALA C 174 -11.25 47.86 -12.06
C ALA C 174 -11.34 48.00 -13.57
N ILE C 175 -12.20 48.92 -14.01
CA ILE C 175 -12.38 49.17 -15.44
C ILE C 175 -11.06 49.66 -16.02
N LEU C 176 -10.45 50.63 -15.34
CA LEU C 176 -9.18 51.19 -15.78
C LEU C 176 -8.17 50.07 -16.02
N ALA C 177 -8.18 49.08 -15.15
CA ALA C 177 -7.26 47.95 -15.26
C ALA C 177 -7.61 47.08 -16.45
N ALA C 178 -8.91 46.96 -16.73
CA ALA C 178 -9.42 46.15 -17.84
C ALA C 178 -9.19 46.88 -19.16
N LEU C 179 -9.02 48.19 -19.08
CA LEU C 179 -8.78 48.99 -20.27
C LEU C 179 -7.29 49.00 -20.64
N MET D 3 0.54 -60.00 -5.09
CA MET D 3 1.32 -60.23 -3.83
C MET D 3 0.92 -59.22 -2.75
N GLN D 4 1.80 -58.25 -2.48
CA GLN D 4 1.55 -57.22 -1.47
C GLN D 4 2.53 -56.04 -1.60
N THR D 5 2.01 -54.86 -1.90
CA THR D 5 2.87 -53.67 -2.04
C THR D 5 2.59 -52.62 -0.98
N ILE D 6 3.68 -52.02 -0.51
CA ILE D 6 3.63 -50.98 0.52
C ILE D 6 4.24 -49.69 -0.02
N LYS D 7 3.49 -48.59 0.06
CA LYS D 7 3.98 -47.30 -0.42
C LYS D 7 4.67 -46.51 0.70
N CYS D 8 5.99 -46.40 0.60
CA CYS D 8 6.79 -45.69 1.58
C CYS D 8 7.50 -44.50 0.93
N VAL D 9 7.14 -43.29 1.36
CA VAL D 9 7.73 -42.07 0.81
C VAL D 9 8.79 -41.45 1.71
N VAL D 10 9.99 -41.26 1.16
CA VAL D 10 11.12 -40.69 1.88
C VAL D 10 11.24 -39.18 1.63
N VAL D 11 11.09 -38.38 2.69
CA VAL D 11 11.18 -36.93 2.56
C VAL D 11 12.09 -36.33 3.61
N GLY D 12 12.56 -35.10 3.36
CA GLY D 12 13.44 -34.45 4.32
C GLY D 12 14.53 -33.59 3.72
N ASP D 13 14.94 -32.57 4.47
CA ASP D 13 16.00 -31.66 4.06
C ASP D 13 16.96 -32.24 3.05
N GLY D 14 17.35 -31.43 2.08
CA GLY D 14 18.27 -31.89 1.06
C GLY D 14 19.66 -32.13 1.62
N ALA D 15 20.33 -33.12 1.04
CA ALA D 15 21.69 -33.51 1.40
C ALA D 15 21.83 -34.31 2.70
N VAL D 16 20.72 -34.66 3.33
CA VAL D 16 20.78 -35.44 4.57
C VAL D 16 21.14 -36.88 4.25
N GLY D 17 20.96 -37.26 2.99
CA GLY D 17 21.29 -38.62 2.57
C GLY D 17 20.10 -39.49 2.21
N LYS D 18 18.95 -38.89 1.94
CA LYS D 18 17.76 -39.66 1.59
C LYS D 18 18.02 -40.63 0.45
N THR D 19 18.73 -40.16 -0.58
CA THR D 19 19.04 -41.00 -1.73
C THR D 19 20.03 -42.11 -1.38
N CYS D 20 21.13 -41.75 -0.72
CA CYS D 20 22.13 -42.74 -0.36
C CYS D 20 21.58 -43.95 0.41
N LEU D 21 20.74 -43.70 1.41
CA LEU D 21 20.17 -44.80 2.19
C LEU D 21 19.32 -45.72 1.30
N LEU D 22 18.70 -45.15 0.28
CA LEU D 22 17.86 -45.93 -0.62
C LEU D 22 18.67 -46.77 -1.60
N ILE D 23 19.88 -46.32 -1.91
CA ILE D 23 20.74 -47.05 -2.84
C ILE D 23 21.56 -48.14 -2.17
N SER D 24 22.30 -47.78 -1.12
CA SER D 24 23.13 -48.75 -0.40
C SER D 24 22.28 -49.82 0.26
N TYR D 25 20.97 -49.63 0.24
CA TYR D 25 20.06 -50.60 0.84
C TYR D 25 19.56 -51.57 -0.23
N THR D 26 19.11 -51.01 -1.36
CA THR D 26 18.58 -51.83 -2.44
C THR D 26 19.67 -52.36 -3.38
N THR D 27 20.86 -51.76 -3.33
CA THR D 27 21.93 -52.21 -4.19
C THR D 27 23.24 -52.32 -3.42
N ASN D 28 23.15 -52.27 -2.09
CA ASN D 28 24.32 -52.36 -1.21
C ASN D 28 25.55 -51.68 -1.81
N LYS D 29 25.34 -50.46 -2.31
CA LYS D 29 26.38 -49.62 -2.90
C LYS D 29 26.20 -48.19 -2.44
N PHE D 30 27.29 -47.53 -2.05
CA PHE D 30 27.23 -46.15 -1.59
C PHE D 30 27.66 -45.14 -2.64
N PRO D 31 26.69 -44.38 -3.18
CA PRO D 31 26.91 -43.35 -4.21
C PRO D 31 28.08 -42.43 -3.89
N SER D 32 29.07 -42.43 -4.78
CA SER D 32 30.26 -41.61 -4.60
C SER D 32 29.92 -40.12 -4.46
N GLU D 33 29.62 -39.47 -5.59
CA GLU D 33 29.31 -38.05 -5.63
C GLU D 33 27.85 -37.68 -5.32
N TYR D 34 27.64 -36.40 -5.06
CA TYR D 34 26.31 -35.89 -4.73
C TYR D 34 25.64 -35.27 -5.95
N VAL D 35 24.38 -35.68 -6.15
CA VAL D 35 23.57 -35.16 -7.24
C VAL D 35 22.14 -35.06 -6.73
N PRO D 36 21.69 -33.84 -6.43
CA PRO D 36 20.32 -33.71 -5.93
C PRO D 36 19.28 -34.32 -6.88
N THR D 37 18.28 -34.97 -6.31
CA THR D 37 17.25 -35.61 -7.10
C THR D 37 15.99 -34.76 -7.29
N VAL D 38 15.21 -35.14 -8.29
CA VAL D 38 13.96 -34.46 -8.62
C VAL D 38 12.84 -35.38 -8.10
N PHE D 39 12.93 -36.64 -8.48
CA PHE D 39 11.99 -37.67 -8.06
C PHE D 39 12.45 -38.99 -8.66
N ASP D 40 12.45 -40.03 -7.83
CA ASP D 40 12.87 -41.36 -8.26
C ASP D 40 11.96 -42.41 -7.63
N ASN D 41 12.16 -43.66 -8.06
CA ASN D 41 11.38 -44.78 -7.55
C ASN D 41 12.25 -46.03 -7.44
N TYR D 42 12.05 -46.78 -6.37
CA TYR D 42 12.79 -48.01 -6.13
C TYR D 42 11.83 -49.13 -5.76
N ALA D 43 12.18 -50.36 -6.16
CA ALA D 43 11.35 -51.53 -5.87
C ALA D 43 12.17 -52.61 -5.18
N VAL D 44 11.70 -53.04 -4.01
CA VAL D 44 12.36 -54.08 -3.25
C VAL D 44 11.35 -54.90 -2.46
N THR D 45 11.33 -56.20 -2.71
CA THR D 45 10.43 -57.12 -2.04
C THR D 45 11.18 -57.74 -0.87
N VAL D 46 10.60 -57.67 0.31
CA VAL D 46 11.23 -58.23 1.50
C VAL D 46 10.22 -58.99 2.36
N MET D 47 10.73 -59.97 3.11
CA MET D 47 9.91 -60.80 3.97
C MET D 47 9.65 -60.16 5.33
N ILE D 48 8.39 -60.15 5.74
CA ILE D 48 8.00 -59.58 7.03
C ILE D 48 6.95 -60.49 7.66
N GLY D 49 7.31 -61.17 8.75
CA GLY D 49 6.37 -62.07 9.40
C GLY D 49 6.17 -63.29 8.54
N GLY D 50 7.21 -63.65 7.78
CA GLY D 50 7.13 -64.81 6.90
C GLY D 50 6.25 -64.55 5.69
N GLU D 51 6.09 -63.27 5.35
CA GLU D 51 5.26 -62.88 4.22
C GLU D 51 6.03 -61.99 3.24
N PRO D 52 5.91 -62.28 1.92
CA PRO D 52 6.58 -61.51 0.88
C PRO D 52 5.86 -60.20 0.56
N TYR D 53 6.55 -59.09 0.77
CA TYR D 53 5.99 -57.77 0.51
C TYR D 53 6.85 -56.97 -0.47
N THR D 54 6.20 -56.23 -1.36
CA THR D 54 6.89 -55.37 -2.32
C THR D 54 6.81 -53.94 -1.80
N LEU D 55 7.94 -53.44 -1.31
CA LEU D 55 8.02 -52.10 -0.76
C LEU D 55 8.36 -51.07 -1.82
N GLY D 56 7.43 -50.17 -2.10
CA GLY D 56 7.65 -49.13 -3.10
C GLY D 56 8.32 -47.93 -2.48
N LEU D 57 9.55 -47.65 -2.91
CA LEU D 57 10.31 -46.53 -2.38
C LEU D 57 10.29 -45.27 -3.25
N PHE D 58 9.64 -44.23 -2.74
CA PHE D 58 9.55 -42.95 -3.45
C PHE D 58 10.57 -41.96 -2.88
N ASP D 59 11.61 -41.68 -3.66
CA ASP D 59 12.65 -40.72 -3.27
C ASP D 59 12.20 -39.34 -3.77
N THR D 60 12.32 -38.31 -2.92
CA THR D 60 11.90 -36.95 -3.31
C THR D 60 12.98 -35.89 -3.17
N ALA D 61 12.62 -34.65 -3.51
CA ALA D 61 13.54 -33.52 -3.44
C ALA D 61 13.42 -32.82 -2.08
N GLY D 62 14.57 -32.47 -1.50
CA GLY D 62 14.58 -31.83 -0.20
C GLY D 62 14.50 -30.32 -0.21
N LEU D 63 15.17 -29.69 -1.17
CA LEU D 63 15.20 -28.24 -1.30
C LEU D 63 13.79 -27.65 -1.38
N GLU D 64 13.58 -26.56 -0.65
CA GLU D 64 12.28 -25.88 -0.61
C GLU D 64 11.74 -25.51 -1.98
N ASP D 65 12.61 -25.18 -2.92
CA ASP D 65 12.18 -24.80 -4.25
C ASP D 65 11.46 -25.90 -5.02
N TYR D 66 11.36 -27.08 -4.43
CA TYR D 66 10.68 -28.21 -5.07
C TYR D 66 9.46 -28.68 -4.29
N ASP D 67 8.87 -27.79 -3.49
CA ASP D 67 7.69 -28.12 -2.69
C ASP D 67 6.43 -28.39 -3.51
N ARG D 68 6.22 -27.63 -4.58
CA ARG D 68 5.04 -27.82 -5.43
C ARG D 68 5.02 -29.22 -6.03
N LEU D 69 6.21 -29.74 -6.32
CA LEU D 69 6.40 -31.05 -6.92
C LEU D 69 6.27 -32.26 -6.00
N ARG D 70 6.84 -32.16 -4.80
CA ARG D 70 6.84 -33.27 -3.83
C ARG D 70 5.51 -33.94 -3.51
N PRO D 71 4.41 -33.16 -3.40
CA PRO D 71 3.10 -33.75 -3.08
C PRO D 71 2.63 -34.76 -4.13
N LEU D 72 3.23 -34.70 -5.32
CA LEU D 72 2.88 -35.60 -6.41
C LEU D 72 3.15 -37.05 -6.00
N SER D 73 4.02 -37.22 -4.99
CA SER D 73 4.37 -38.55 -4.51
C SER D 73 3.56 -39.00 -3.28
N TYR D 74 2.77 -38.09 -2.72
CA TYR D 74 2.00 -38.37 -1.51
C TYR D 74 0.67 -39.13 -1.60
N PRO D 75 -0.05 -39.02 -2.72
CA PRO D 75 -1.32 -39.75 -2.80
C PRO D 75 -1.19 -41.25 -2.49
N GLN D 76 -2.06 -41.74 -1.61
CA GLN D 76 -2.11 -43.15 -1.22
C GLN D 76 -0.78 -43.74 -0.72
N THR D 77 -0.17 -43.09 0.27
CA THR D 77 1.07 -43.59 0.84
C THR D 77 0.74 -44.36 2.11
N ASP D 78 1.46 -45.46 2.33
CA ASP D 78 1.22 -46.28 3.51
C ASP D 78 1.99 -45.74 4.70
N VAL D 79 3.25 -45.40 4.49
CA VAL D 79 4.09 -44.89 5.56
C VAL D 79 5.12 -43.89 5.05
N PHE D 80 5.36 -42.84 5.83
CA PHE D 80 6.32 -41.79 5.47
C PHE D 80 7.62 -41.93 6.28
N LEU D 81 8.75 -41.68 5.61
CA LEU D 81 10.04 -41.74 6.29
C LEU D 81 10.70 -40.37 6.40
N VAL D 82 10.42 -39.66 7.49
CA VAL D 82 11.00 -38.35 7.72
C VAL D 82 12.44 -38.56 8.15
N CYS D 83 13.37 -38.02 7.37
CA CYS D 83 14.79 -38.20 7.67
C CYS D 83 15.54 -36.92 8.01
N PHE D 84 16.74 -37.09 8.55
CA PHE D 84 17.59 -35.96 8.95
C PHE D 84 19.00 -36.46 9.26
N SER D 85 19.97 -35.56 9.23
CA SER D 85 21.35 -35.92 9.51
C SER D 85 21.64 -35.71 10.99
N VAL D 86 22.15 -36.74 11.65
CA VAL D 86 22.46 -36.62 13.06
C VAL D 86 23.66 -35.70 13.29
N VAL D 87 24.41 -35.41 12.24
CA VAL D 87 25.56 -34.51 12.37
C VAL D 87 25.25 -33.15 11.73
N SER D 88 23.97 -32.81 11.71
CA SER D 88 23.47 -31.55 11.16
C SER D 88 22.21 -31.15 11.91
N PRO D 89 22.34 -30.36 12.99
CA PRO D 89 21.17 -29.96 13.75
C PRO D 89 20.13 -29.30 12.84
N SER D 90 20.62 -28.48 11.91
CA SER D 90 19.77 -27.77 10.96
C SER D 90 18.69 -28.69 10.40
N SER D 91 19.11 -29.85 9.91
CA SER D 91 18.20 -30.83 9.35
C SER D 91 17.20 -31.34 10.39
N PHE D 92 17.68 -31.57 11.60
CA PHE D 92 16.83 -32.07 12.68
C PHE D 92 15.73 -31.09 13.04
N GLU D 93 16.07 -29.80 13.08
CA GLU D 93 15.11 -28.76 13.43
C GLU D 93 13.95 -28.76 12.45
N ASN D 94 14.26 -29.01 11.18
CA ASN D 94 13.25 -28.99 10.14
C ASN D 94 12.27 -30.14 10.13
N VAL D 95 12.52 -31.16 10.94
CA VAL D 95 11.60 -32.29 11.01
C VAL D 95 10.27 -31.80 11.56
N LYS D 96 10.30 -31.13 12.71
CA LYS D 96 9.08 -30.62 13.31
C LYS D 96 8.70 -29.26 12.77
N GLU D 97 9.60 -28.68 11.97
CA GLU D 97 9.36 -27.36 11.38
C GLU D 97 8.69 -27.40 10.00
N LYS D 98 9.15 -28.30 9.14
CA LYS D 98 8.59 -28.40 7.79
C LYS D 98 7.94 -29.73 7.47
N TRP D 99 8.77 -30.77 7.41
CA TRP D 99 8.33 -32.12 7.07
C TRP D 99 7.08 -32.65 7.77
N VAL D 100 7.19 -33.05 9.03
CA VAL D 100 6.04 -33.56 9.75
C VAL D 100 4.79 -32.74 9.42
N PRO D 101 4.88 -31.40 9.46
CA PRO D 101 3.73 -30.53 9.15
C PRO D 101 3.19 -30.67 7.73
N GLU D 102 4.08 -30.88 6.76
CA GLU D 102 3.66 -31.01 5.36
C GLU D 102 2.89 -32.31 5.13
N ILE D 103 3.51 -33.44 5.49
CA ILE D 103 2.88 -34.74 5.31
C ILE D 103 1.57 -34.85 6.10
N THR D 104 1.47 -34.11 7.18
CA THR D 104 0.28 -34.14 8.01
C THR D 104 -0.88 -33.36 7.38
N HIS D 105 -0.53 -32.49 6.43
CA HIS D 105 -1.52 -31.68 5.71
C HIS D 105 -2.11 -32.56 4.60
N HIS D 106 -1.22 -33.14 3.81
CA HIS D 106 -1.63 -33.99 2.69
C HIS D 106 -2.13 -35.37 3.10
N CYS D 107 -1.55 -35.94 4.15
CA CYS D 107 -1.94 -37.28 4.61
C CYS D 107 -2.18 -37.34 6.12
N PRO D 108 -3.28 -36.74 6.59
CA PRO D 108 -3.72 -36.66 7.98
C PRO D 108 -3.61 -37.95 8.79
N LYS D 109 -4.18 -39.04 8.29
CA LYS D 109 -4.16 -40.31 9.00
C LYS D 109 -3.13 -41.32 8.49
N THR D 110 -1.95 -40.84 8.13
CA THR D 110 -0.88 -41.70 7.65
C THR D 110 0.21 -41.74 8.72
N PRO D 111 0.75 -42.93 8.99
CA PRO D 111 1.80 -43.10 10.00
C PRO D 111 3.18 -42.86 9.40
N PHE D 112 4.12 -42.39 10.23
CA PHE D 112 5.46 -42.11 9.78
C PHE D 112 6.47 -42.41 10.88
N LEU D 113 7.72 -42.60 10.49
CA LEU D 113 8.78 -42.84 11.45
C LEU D 113 9.77 -41.71 11.32
N LEU D 114 10.56 -41.51 12.37
CA LEU D 114 11.59 -40.48 12.35
C LEU D 114 12.83 -41.29 11.94
N VAL D 115 13.68 -40.73 11.09
CA VAL D 115 14.85 -41.47 10.66
C VAL D 115 16.14 -40.68 10.63
N GLY D 116 17.01 -40.97 11.59
CA GLY D 116 18.29 -40.28 11.65
C GLY D 116 19.20 -40.92 10.64
N THR D 117 20.19 -40.19 10.16
CA THR D 117 21.10 -40.73 9.15
C THR D 117 22.53 -40.24 9.36
N GLN D 118 23.45 -40.75 8.52
CA GLN D 118 24.86 -40.40 8.60
C GLN D 118 25.43 -40.57 10.01
N ILE D 119 24.89 -41.52 10.77
CA ILE D 119 25.36 -41.75 12.14
C ILE D 119 26.85 -42.07 12.24
N ASP D 120 27.44 -42.55 11.15
CA ASP D 120 28.85 -42.89 11.13
C ASP D 120 29.75 -41.66 11.26
N LEU D 121 29.20 -40.49 10.96
CA LEU D 121 29.97 -39.24 11.07
C LEU D 121 29.92 -38.67 12.49
N ARG D 122 28.93 -39.11 13.25
CA ARG D 122 28.75 -38.66 14.64
C ARG D 122 29.97 -39.04 15.47
N ASP D 123 30.50 -40.22 15.21
CA ASP D 123 31.68 -40.72 15.90
C ASP D 123 32.89 -40.37 15.03
N ASP D 124 32.97 -39.10 14.64
CA ASP D 124 34.05 -38.63 13.80
C ASP D 124 34.51 -37.27 14.31
N PRO D 125 35.82 -37.14 14.61
CA PRO D 125 36.46 -35.92 15.10
C PRO D 125 36.43 -34.71 14.16
N SER D 126 37.02 -34.88 12.97
CA SER D 126 37.07 -33.81 11.97
C SER D 126 35.71 -33.16 11.75
N THR D 127 34.65 -33.90 12.00
CA THR D 127 33.28 -33.41 11.84
C THR D 127 32.83 -32.69 13.11
N ILE D 128 33.02 -33.34 14.25
CA ILE D 128 32.62 -32.75 15.53
C ILE D 128 33.36 -31.44 15.78
N GLU D 129 34.56 -31.31 15.23
CA GLU D 129 35.35 -30.09 15.40
C GLU D 129 34.78 -28.98 14.53
N LYS D 130 33.97 -29.36 13.54
CA LYS D 130 33.33 -28.40 12.64
C LYS D 130 32.07 -27.86 13.31
N LEU D 131 31.32 -28.76 13.93
CA LEU D 131 30.10 -28.40 14.63
C LEU D 131 30.46 -27.57 15.86
N ALA D 132 31.69 -27.75 16.34
CA ALA D 132 32.17 -27.04 17.52
C ALA D 132 32.53 -25.59 17.14
N LYS D 133 33.16 -25.42 15.99
CA LYS D 133 33.55 -24.09 15.52
C LYS D 133 32.32 -23.27 15.17
N ASN D 134 31.15 -23.86 15.38
CA ASN D 134 29.89 -23.19 15.10
C ASN D 134 29.02 -23.39 16.35
N LYS D 135 29.63 -23.98 17.37
CA LYS D 135 28.97 -24.26 18.64
C LYS D 135 27.70 -25.08 18.43
N GLN D 136 27.90 -26.33 18.04
CA GLN D 136 26.81 -27.26 17.79
C GLN D 136 27.24 -28.65 18.21
N LYS D 137 26.28 -29.52 18.54
CA LYS D 137 26.59 -30.87 18.95
C LYS D 137 25.72 -31.87 18.20
N PRO D 138 26.32 -32.94 17.66
CA PRO D 138 25.59 -33.98 16.92
C PRO D 138 24.36 -34.45 17.69
N ILE D 139 23.23 -34.53 17.00
CA ILE D 139 21.97 -34.98 17.63
C ILE D 139 22.22 -36.32 18.34
N THR D 140 21.44 -36.60 19.39
CA THR D 140 21.58 -37.84 20.14
C THR D 140 20.31 -38.66 20.07
N PRO D 141 20.43 -40.00 20.13
CA PRO D 141 19.28 -40.89 20.07
C PRO D 141 18.16 -40.47 21.03
N GLU D 142 18.55 -39.96 22.18
CA GLU D 142 17.57 -39.52 23.17
C GLU D 142 16.87 -38.25 22.67
N THR D 143 17.66 -37.27 22.26
CA THR D 143 17.11 -36.01 21.76
C THR D 143 16.04 -36.34 20.72
N ALA D 144 16.42 -37.17 19.75
CA ALA D 144 15.54 -37.59 18.67
C ALA D 144 14.26 -38.26 19.17
N GLU D 145 14.43 -39.43 19.80
CA GLU D 145 13.31 -40.20 20.32
C GLU D 145 12.27 -39.35 21.05
N LYS D 146 12.71 -38.26 21.66
CA LYS D 146 11.79 -37.36 22.36
C LYS D 146 10.92 -36.68 21.31
N LEU D 147 11.56 -36.16 20.28
CA LEU D 147 10.86 -35.48 19.19
C LEU D 147 9.86 -36.46 18.57
N ALA D 148 10.31 -37.71 18.40
CA ALA D 148 9.47 -38.76 17.83
C ALA D 148 8.14 -38.83 18.56
N ARG D 149 8.20 -38.93 19.88
CA ARG D 149 7.00 -39.01 20.69
C ARG D 149 6.19 -37.71 20.70
N ASP D 150 6.90 -36.58 20.64
CA ASP D 150 6.23 -35.28 20.64
C ASP D 150 5.43 -35.07 19.36
N LEU D 151 6.03 -35.46 18.23
CA LEU D 151 5.39 -35.30 16.93
C LEU D 151 4.43 -36.44 16.61
N LYS D 152 4.26 -37.34 17.58
CA LYS D 152 3.37 -38.48 17.43
C LYS D 152 3.82 -39.38 16.28
N ALA D 153 5.11 -39.70 16.26
CA ALA D 153 5.68 -40.56 15.24
C ALA D 153 5.35 -41.99 15.63
N VAL D 154 5.93 -42.96 14.91
CA VAL D 154 5.68 -44.36 15.23
C VAL D 154 6.83 -44.89 16.09
N LYS D 155 8.03 -44.36 15.88
CA LYS D 155 9.21 -44.73 16.64
C LYS D 155 10.48 -44.35 15.90
N TYR D 156 11.38 -43.67 16.61
CA TYR D 156 12.65 -43.24 16.04
C TYR D 156 13.50 -44.43 15.63
N VAL D 157 14.40 -44.20 14.68
CA VAL D 157 15.31 -45.21 14.18
C VAL D 157 16.44 -44.45 13.52
N GLU D 158 17.62 -45.05 13.45
CA GLU D 158 18.74 -44.38 12.82
C GLU D 158 19.60 -45.36 12.03
N CYS D 159 20.53 -44.81 11.25
CA CYS D 159 21.41 -45.63 10.43
C CYS D 159 22.53 -44.85 9.77
N SER D 160 23.29 -45.54 8.93
CA SER D 160 24.41 -44.97 8.19
C SER D 160 24.37 -45.60 6.80
N ALA D 161 24.35 -44.76 5.77
CA ALA D 161 24.33 -45.27 4.41
C ALA D 161 25.69 -45.85 4.02
N LEU D 162 26.74 -45.30 4.63
CA LEU D 162 28.10 -45.74 4.35
C LEU D 162 28.43 -47.09 4.98
N THR D 163 28.18 -47.25 6.27
CA THR D 163 28.46 -48.51 6.95
C THR D 163 27.24 -49.43 6.97
N GLN D 164 26.15 -48.99 6.37
CA GLN D 164 24.91 -49.75 6.29
C GLN D 164 24.36 -50.16 7.65
N LYS D 165 25.03 -49.71 8.71
CA LYS D 165 24.62 -50.02 10.08
C LYS D 165 23.17 -49.62 10.36
N GLY D 166 22.37 -50.58 10.84
CA GLY D 166 20.98 -50.32 11.17
C GLY D 166 20.05 -50.07 9.99
N LEU D 167 20.65 -49.96 8.81
CA LEU D 167 19.91 -49.72 7.59
C LEU D 167 18.69 -50.63 7.49
N LYS D 168 18.94 -51.91 7.28
CA LYS D 168 17.90 -52.92 7.13
C LYS D 168 16.73 -52.80 8.10
N ASN D 169 17.02 -52.52 9.37
CA ASN D 169 15.97 -52.41 10.39
C ASN D 169 14.97 -51.30 10.09
N VAL D 170 15.45 -50.24 9.45
CA VAL D 170 14.60 -49.11 9.10
C VAL D 170 13.35 -49.54 8.33
N PHE D 171 13.55 -50.12 7.16
CA PHE D 171 12.43 -50.55 6.32
C PHE D 171 11.59 -51.65 6.95
N ASP D 172 12.16 -52.36 7.91
CA ASP D 172 11.42 -53.43 8.58
C ASP D 172 10.36 -52.80 9.47
N GLU D 173 10.78 -51.82 10.26
CA GLU D 173 9.85 -51.11 11.14
C GLU D 173 8.82 -50.40 10.27
N ALA D 174 9.28 -49.91 9.11
CA ALA D 174 8.42 -49.20 8.17
C ALA D 174 7.24 -50.06 7.74
N ILE D 175 7.55 -51.21 7.16
CA ILE D 175 6.50 -52.12 6.72
C ILE D 175 5.59 -52.42 7.90
N LEU D 176 6.21 -52.73 9.04
CA LEU D 176 5.47 -53.03 10.26
C LEU D 176 4.47 -51.93 10.59
N ALA D 177 4.88 -50.68 10.38
CA ALA D 177 4.04 -49.52 10.65
C ALA D 177 2.86 -49.41 9.69
N ALA D 178 3.08 -49.77 8.43
CA ALA D 178 2.05 -49.72 7.41
C ALA D 178 0.97 -50.79 7.60
N LEU D 179 1.36 -51.89 8.23
CA LEU D 179 0.44 -52.99 8.47
C LEU D 179 -0.61 -52.59 9.50
N SER E 4 22.27 19.41 14.99
CA SER E 4 21.70 20.79 15.04
C SER E 4 20.68 20.93 16.16
N LYS E 5 20.22 22.14 16.40
CA LYS E 5 19.24 22.42 17.45
C LYS E 5 17.94 22.93 16.85
N GLU E 6 17.92 23.06 15.52
CA GLU E 6 16.75 23.55 14.79
C GLU E 6 15.93 22.42 14.17
N ARG E 7 16.61 21.45 13.57
CA ARG E 7 15.94 20.33 12.93
C ARG E 7 15.34 19.39 13.96
N ARG E 8 15.82 19.48 15.20
CA ARG E 8 15.32 18.63 16.28
C ARG E 8 13.98 19.15 16.79
N LYS E 9 13.90 20.46 16.98
CA LYS E 9 12.66 21.07 17.46
C LYS E 9 11.56 20.71 16.45
N THR E 10 11.94 20.66 15.18
CA THR E 10 11.03 20.31 14.10
C THR E 10 10.79 18.81 14.06
N LEU E 11 11.89 18.05 14.13
CA LEU E 11 11.81 16.59 14.11
C LEU E 11 10.91 16.15 15.26
N GLU E 12 11.03 16.85 16.37
CA GLU E 12 10.25 16.54 17.56
C GLU E 12 8.78 16.93 17.41
N THR E 13 8.50 17.91 16.55
CA THR E 13 7.13 18.32 16.33
C THR E 13 6.50 17.30 15.39
N TYR E 14 7.33 16.67 14.56
CA TYR E 14 6.83 15.66 13.62
C TYR E 14 6.56 14.35 14.35
N GLN E 15 7.44 14.00 15.29
CA GLN E 15 7.28 12.78 16.06
C GLN E 15 5.99 12.86 16.89
N GLN E 16 5.71 14.06 17.41
CA GLN E 16 4.51 14.30 18.17
C GLN E 16 3.29 14.08 17.27
N LEU E 17 3.37 14.57 16.04
CA LEU E 17 2.26 14.41 15.09
C LEU E 17 2.03 12.93 14.82
N PHE E 18 3.10 12.18 14.62
CA PHE E 18 2.92 10.77 14.34
C PHE E 18 2.36 10.03 15.54
N TYR E 19 2.83 10.41 16.73
CA TYR E 19 2.37 9.78 17.96
C TYR E 19 0.86 10.01 18.18
N LEU E 20 0.43 11.25 18.13
CA LEU E 20 -0.97 11.56 18.32
C LEU E 20 -1.85 10.90 17.25
N LEU E 21 -1.38 10.90 16.00
CA LEU E 21 -2.16 10.29 14.94
C LEU E 21 -2.54 8.84 15.23
N GLN E 22 -1.61 8.08 15.80
CA GLN E 22 -1.81 6.66 16.11
C GLN E 22 -2.29 6.37 17.53
N THR E 23 -1.97 7.26 18.45
CA THR E 23 -2.27 7.02 19.84
C THR E 23 -3.36 7.87 20.48
N ASN E 24 -3.59 9.04 19.89
CA ASN E 24 -4.57 9.95 20.44
C ASN E 24 -5.12 10.93 19.38
N PRO E 25 -5.82 10.39 18.38
CA PRO E 25 -6.37 11.25 17.32
C PRO E 25 -7.40 12.26 17.84
N LEU E 26 -8.13 11.87 18.89
CA LEU E 26 -9.10 12.78 19.48
C LEU E 26 -8.45 14.07 19.91
N TYR E 27 -7.28 13.95 20.54
CA TYR E 27 -6.55 15.10 21.03
C TYR E 27 -5.91 15.85 19.85
N LEU E 28 -5.50 15.11 18.82
CA LEU E 28 -4.91 15.76 17.64
C LEU E 28 -6.01 16.66 17.05
N ALA E 29 -7.19 16.09 16.87
CA ALA E 29 -8.34 16.81 16.34
C ALA E 29 -8.56 18.08 17.15
N LYS E 30 -8.56 17.96 18.47
CA LYS E 30 -8.75 19.14 19.29
C LYS E 30 -7.67 20.20 18.98
N LEU E 31 -6.40 19.79 18.92
CA LEU E 31 -5.33 20.73 18.62
C LEU E 31 -5.59 21.39 17.27
N ILE E 32 -6.14 20.61 16.33
CA ILE E 32 -6.46 21.16 15.01
C ILE E 32 -7.52 22.25 15.15
N PHE E 33 -8.55 22.03 15.98
CA PHE E 33 -9.58 23.06 16.15
C PHE E 33 -9.05 24.40 16.63
N GLN E 34 -8.07 24.39 17.53
CA GLN E 34 -7.57 25.65 18.04
C GLN E 34 -6.46 26.37 17.24
N MET E 35 -5.98 25.76 16.16
CA MET E 35 -4.94 26.38 15.32
C MET E 35 -5.58 27.48 14.47
N PRO E 36 -4.77 28.44 13.98
CA PRO E 36 -5.41 29.46 13.16
C PRO E 36 -6.00 28.67 11.99
N GLN E 37 -7.18 29.06 11.53
CA GLN E 37 -7.87 28.34 10.46
C GLN E 37 -7.11 28.05 9.16
N ASN E 38 -6.34 28.99 8.66
CA ASN E 38 -5.61 28.75 7.41
C ASN E 38 -4.61 27.62 7.58
N LYS E 39 -4.12 27.46 8.80
CA LYS E 39 -3.13 26.44 9.12
C LYS E 39 -3.66 25.02 9.36
N SER E 40 -4.95 24.92 9.70
CA SER E 40 -5.52 23.61 9.98
C SER E 40 -5.87 22.82 8.72
N THR E 41 -5.83 23.49 7.58
CA THR E 41 -6.17 22.86 6.31
C THR E 41 -5.24 21.73 5.89
N LYS E 42 -3.96 21.83 6.27
CA LYS E 42 -2.97 20.82 5.90
C LYS E 42 -2.97 19.57 6.74
N PHE E 43 -3.87 19.50 7.72
CA PHE E 43 -3.96 18.32 8.56
C PHE E 43 -5.33 17.66 8.42
N MET E 44 -6.28 18.39 7.87
CA MET E 44 -7.65 17.88 7.73
C MET E 44 -7.77 16.48 7.11
N ASP E 45 -7.29 16.31 5.89
CA ASP E 45 -7.39 15.01 5.25
C ASP E 45 -6.76 13.89 6.05
N THR E 46 -5.49 14.05 6.41
CA THR E 46 -4.79 13.02 7.13
C THR E 46 -5.40 12.66 8.49
N VAL E 47 -5.97 13.62 9.19
CA VAL E 47 -6.58 13.27 10.47
C VAL E 47 -7.93 12.59 10.25
N ILE E 48 -8.68 13.11 9.28
CA ILE E 48 -9.98 12.55 8.97
C ILE E 48 -9.78 11.10 8.56
N PHE E 49 -8.77 10.86 7.71
CA PHE E 49 -8.49 9.51 7.24
C PHE E 49 -8.29 8.56 8.41
N THR E 50 -7.62 9.05 9.44
CA THR E 50 -7.34 8.27 10.62
C THR E 50 -8.60 8.08 11.43
N LEU E 51 -9.38 9.15 11.56
CA LEU E 51 -10.62 9.08 12.31
C LEU E 51 -11.58 8.06 11.67
N TYR E 52 -11.51 7.89 10.34
CA TYR E 52 -12.39 6.93 9.68
C TYR E 52 -12.18 5.54 10.27
N ASN E 53 -10.92 5.16 10.49
CA ASN E 53 -10.63 3.85 11.06
C ASN E 53 -10.85 3.88 12.57
N TYR E 54 -10.46 4.97 13.19
CA TYR E 54 -10.61 5.09 14.63
C TYR E 54 -12.09 5.03 15.09
N ALA E 55 -12.98 5.74 14.40
CA ALA E 55 -14.39 5.75 14.79
C ALA E 55 -15.20 4.71 14.07
N SER E 56 -14.56 3.62 13.66
CA SER E 56 -15.30 2.59 12.97
C SER E 56 -16.14 1.75 13.92
N ASN E 57 -15.90 1.87 15.23
CA ASN E 57 -16.68 1.13 16.22
C ASN E 57 -17.39 2.16 17.07
N GLN E 58 -18.60 1.84 17.53
CA GLN E 58 -19.40 2.80 18.28
C GLN E 58 -18.79 3.49 19.51
N ARG E 59 -18.04 2.78 20.36
CA ARG E 59 -17.46 3.44 21.52
C ARG E 59 -16.57 4.62 21.10
N GLU E 60 -15.74 4.41 20.06
CA GLU E 60 -14.85 5.47 19.53
C GLU E 60 -15.62 6.57 18.81
N GLU E 61 -16.65 6.19 18.05
CA GLU E 61 -17.44 7.19 17.38
C GLU E 61 -18.16 8.02 18.45
N TYR E 62 -18.47 7.40 19.57
CA TYR E 62 -19.12 8.12 20.65
C TYR E 62 -18.20 9.25 21.15
N LEU E 63 -16.94 8.92 21.37
CA LEU E 63 -15.99 9.93 21.86
C LEU E 63 -15.77 11.06 20.84
N LEU E 64 -15.75 10.69 19.57
CA LEU E 64 -15.56 11.70 18.53
C LEU E 64 -16.75 12.63 18.53
N LEU E 65 -17.94 12.08 18.77
CA LEU E 65 -19.15 12.89 18.82
C LEU E 65 -19.06 13.86 19.98
N LYS E 66 -18.57 13.37 21.11
CA LYS E 66 -18.46 14.25 22.27
C LYS E 66 -17.39 15.29 22.01
N LEU E 67 -16.38 14.93 21.24
CA LEU E 67 -15.31 15.87 20.91
C LEU E 67 -15.93 16.97 20.05
N PHE E 68 -16.67 16.57 19.03
CA PHE E 68 -17.34 17.52 18.14
C PHE E 68 -18.24 18.44 18.94
N LYS E 69 -19.06 17.85 19.81
CA LYS E 69 -19.98 18.61 20.63
C LYS E 69 -19.32 19.71 21.47
N THR E 70 -18.42 19.33 22.36
CA THR E 70 -17.78 20.30 23.20
C THR E 70 -17.03 21.38 22.42
N ALA E 71 -16.45 20.99 21.29
CA ALA E 71 -15.71 21.94 20.47
C ALA E 71 -16.67 22.91 19.80
N LEU E 72 -17.81 22.41 19.35
CA LEU E 72 -18.80 23.30 18.73
C LEU E 72 -19.35 24.26 19.78
N GLU E 73 -19.62 23.76 20.99
CA GLU E 73 -20.15 24.66 22.02
C GLU E 73 -19.03 25.60 22.46
N GLU E 74 -17.81 25.10 22.43
CA GLU E 74 -16.64 25.89 22.80
C GLU E 74 -16.62 27.09 21.85
N GLU E 75 -16.75 26.79 20.56
CA GLU E 75 -16.74 27.79 19.51
C GLU E 75 -17.85 28.84 19.67
N ILE E 76 -19.07 28.36 19.87
CA ILE E 76 -20.22 29.22 20.04
C ILE E 76 -20.07 30.18 21.21
N LYS E 77 -19.98 29.64 22.43
CA LYS E 77 -19.82 30.52 23.58
C LYS E 77 -18.37 30.91 23.74
N SER E 78 -17.86 31.71 22.80
CA SER E 78 -16.46 32.14 22.83
C SER E 78 -16.09 32.96 21.59
N LYS E 79 -16.74 32.67 20.48
CA LYS E 79 -16.47 33.41 19.25
C LYS E 79 -17.76 33.84 18.56
N VAL E 80 -18.90 33.38 19.07
CA VAL E 80 -20.15 33.76 18.45
C VAL E 80 -20.84 34.85 19.28
N ASP E 81 -21.01 36.01 18.67
CA ASP E 81 -21.62 37.16 19.33
C ASP E 81 -23.00 37.56 18.86
N GLN E 82 -23.29 37.33 17.57
CA GLN E 82 -24.59 37.73 17.02
C GLN E 82 -25.21 36.63 16.15
N VAL E 83 -25.10 35.37 16.56
CA VAL E 83 -25.64 34.28 15.75
C VAL E 83 -24.98 34.52 14.40
N GLN E 84 -25.37 33.80 13.38
CA GLN E 84 -24.77 34.01 12.06
C GLN E 84 -23.24 33.91 12.08
N ASP E 85 -22.65 34.05 13.26
CA ASP E 85 -21.21 33.97 13.43
C ASP E 85 -20.73 32.52 13.31
N ILE E 86 -21.58 31.56 13.67
CA ILE E 86 -21.21 30.15 13.56
C ILE E 86 -21.15 29.81 12.08
N VAL E 87 -21.65 30.72 11.25
CA VAL E 87 -21.63 30.51 9.81
C VAL E 87 -20.54 31.32 9.13
N THR E 88 -20.46 32.61 9.42
CA THR E 88 -19.44 33.48 8.82
C THR E 88 -18.04 33.14 9.34
N GLY E 89 -17.97 32.64 10.55
CA GLY E 89 -16.72 32.29 11.18
C GLY E 89 -16.05 31.03 10.65
N ASN E 90 -16.75 30.30 9.77
CA ASN E 90 -16.20 29.08 9.18
C ASN E 90 -15.43 28.24 10.20
N PRO E 91 -16.09 27.86 11.31
CA PRO E 91 -15.49 27.06 12.39
C PRO E 91 -14.89 25.76 11.86
N THR E 92 -13.67 25.45 12.25
CA THR E 92 -13.05 24.25 11.71
C THR E 92 -13.67 22.96 12.20
N VAL E 93 -14.38 23.03 13.32
CA VAL E 93 -15.06 21.84 13.83
C VAL E 93 -16.16 21.44 12.88
N ILE E 94 -16.81 22.44 12.28
CA ILE E 94 -17.88 22.16 11.35
C ILE E 94 -17.32 21.59 10.05
N LYS E 95 -16.13 22.06 9.68
CA LYS E 95 -15.46 21.59 8.47
C LYS E 95 -15.14 20.10 8.63
N MET E 96 -14.71 19.72 9.83
CA MET E 96 -14.35 18.34 10.09
C MET E 96 -15.60 17.49 10.22
N VAL E 97 -16.61 18.05 10.87
CA VAL E 97 -17.87 17.33 11.06
C VAL E 97 -18.42 16.97 9.70
N VAL E 98 -18.37 17.93 8.77
CA VAL E 98 -18.89 17.70 7.43
C VAL E 98 -18.10 16.68 6.62
N SER E 99 -16.77 16.80 6.62
CA SER E 99 -15.94 15.85 5.87
C SER E 99 -16.06 14.45 6.42
N PHE E 100 -15.93 14.34 7.73
CA PHE E 100 -16.01 13.02 8.35
C PHE E 100 -17.31 12.31 8.02
N ASN E 101 -18.40 13.06 7.89
CA ASN E 101 -19.67 12.43 7.58
C ASN E 101 -19.85 12.08 6.11
N ARG E 102 -18.98 12.61 5.25
CA ARG E 102 -19.06 12.32 3.83
C ARG E 102 -18.51 10.94 3.50
N GLY E 103 -17.33 10.63 4.03
CA GLY E 103 -16.73 9.35 3.73
C GLY E 103 -16.35 8.50 4.90
N ALA E 104 -17.24 8.43 5.90
CA ALA E 104 -17.02 7.62 7.08
C ALA E 104 -17.08 6.13 6.73
N ARG E 105 -17.98 5.40 7.39
CA ARG E 105 -18.14 3.97 7.15
C ARG E 105 -19.42 3.52 6.48
N GLY E 106 -20.39 4.41 6.40
CA GLY E 106 -21.64 4.10 5.74
C GLY E 106 -21.45 4.59 4.32
N GLN E 107 -20.22 5.00 4.03
CA GLN E 107 -19.78 5.53 2.74
C GLN E 107 -20.89 5.94 1.80
N ASN E 108 -21.38 4.98 1.03
CA ASN E 108 -22.45 5.24 0.08
C ASN E 108 -23.64 5.88 0.78
N THR E 109 -23.59 7.20 0.97
CA THR E 109 -24.68 7.93 1.61
C THR E 109 -25.16 9.02 0.67
N LEU E 110 -24.25 9.90 0.26
CA LEU E 110 -24.61 10.95 -0.66
C LEU E 110 -24.69 10.37 -2.07
N ARG E 111 -23.77 9.48 -2.40
CA ARG E 111 -23.79 8.87 -3.72
C ARG E 111 -24.96 7.90 -3.76
N GLN E 112 -25.31 7.34 -2.61
CA GLN E 112 -26.44 6.42 -2.55
C GLN E 112 -27.66 7.26 -2.22
N LEU E 113 -27.79 8.41 -2.87
CA LEU E 113 -28.92 9.30 -2.60
C LEU E 113 -29.04 10.40 -3.65
N LEU E 114 -27.90 10.76 -4.26
CA LEU E 114 -27.88 11.80 -5.26
C LEU E 114 -27.48 11.27 -6.62
N ALA E 115 -26.71 10.18 -6.63
CA ALA E 115 -26.21 9.61 -7.87
C ALA E 115 -27.26 9.39 -8.95
N PRO E 116 -28.39 8.75 -8.63
CA PRO E 116 -29.45 8.51 -9.61
C PRO E 116 -29.96 9.76 -10.33
N VAL E 117 -30.39 10.77 -9.59
CA VAL E 117 -30.89 12.00 -10.20
C VAL E 117 -29.79 12.83 -10.81
N VAL E 118 -28.58 12.74 -10.26
CA VAL E 118 -27.49 13.51 -10.81
C VAL E 118 -27.07 12.84 -12.09
N LYS E 119 -27.03 11.52 -12.07
CA LYS E 119 -26.65 10.74 -13.25
C LYS E 119 -27.63 11.02 -14.40
N GLU E 120 -28.85 11.39 -14.02
CA GLU E 120 -29.89 11.70 -15.01
C GLU E 120 -29.64 13.06 -15.66
N ILE E 121 -29.19 14.03 -14.86
CA ILE E 121 -28.94 15.37 -15.38
C ILE E 121 -27.64 15.41 -16.19
N ILE E 122 -26.73 14.49 -15.88
CA ILE E 122 -25.44 14.39 -16.58
C ILE E 122 -25.64 13.72 -17.94
N ASP E 123 -26.42 12.65 -17.93
CA ASP E 123 -26.69 11.87 -19.13
C ASP E 123 -27.54 12.54 -20.21
N ASP E 124 -28.37 13.50 -19.82
CA ASP E 124 -29.21 14.17 -20.82
C ASP E 124 -28.35 15.01 -21.75
N LYS E 125 -27.88 14.39 -22.82
CA LYS E 125 -27.03 15.06 -23.80
C LYS E 125 -27.64 16.30 -24.47
N SER E 126 -28.89 16.59 -24.17
CA SER E 126 -29.56 17.75 -24.77
C SER E 126 -29.88 18.87 -23.79
N LEU E 127 -29.88 18.55 -22.50
CA LEU E 127 -30.19 19.53 -21.47
C LEU E 127 -29.12 20.61 -21.41
N ILE E 128 -29.57 21.86 -21.51
CA ILE E 128 -28.70 23.02 -21.50
C ILE E 128 -29.42 24.15 -20.80
N ILE E 129 -29.42 24.12 -19.47
CA ILE E 129 -30.06 25.16 -18.69
C ILE E 129 -29.11 26.36 -18.61
N ASN E 130 -29.66 27.56 -18.73
CA ASN E 130 -28.87 28.79 -18.63
C ASN E 130 -29.78 29.96 -18.26
N THR E 131 -29.74 30.32 -16.98
CA THR E 131 -30.57 31.40 -16.47
C THR E 131 -29.99 32.79 -16.72
N ASN E 132 -29.02 32.88 -17.62
CA ASN E 132 -28.38 34.16 -17.91
C ASN E 132 -28.71 34.69 -19.29
N PRO E 133 -29.63 35.67 -19.36
CA PRO E 133 -30.07 36.30 -20.61
C PRO E 133 -28.95 36.68 -21.56
N VAL E 134 -28.05 37.56 -21.13
CA VAL E 134 -26.96 37.99 -22.01
C VAL E 134 -26.15 36.81 -22.55
N GLU E 135 -26.01 35.77 -21.73
CA GLU E 135 -25.28 34.59 -22.15
C GLU E 135 -26.11 33.80 -23.16
N VAL E 136 -27.43 33.80 -22.97
CA VAL E 136 -28.31 33.11 -23.89
C VAL E 136 -28.34 33.91 -25.17
N TYR E 137 -28.58 35.21 -25.03
CA TYR E 137 -28.65 36.10 -26.18
C TYR E 137 -27.42 35.91 -27.04
N LYS E 138 -26.27 36.04 -26.43
CA LYS E 138 -25.02 35.90 -27.15
C LYS E 138 -24.87 34.49 -27.70
N ALA E 139 -25.58 33.54 -27.12
CA ALA E 139 -25.51 32.16 -27.58
C ALA E 139 -26.46 31.94 -28.77
N TRP E 140 -27.53 32.73 -28.82
CA TRP E 140 -28.54 32.65 -29.88
C TRP E 140 -27.89 32.92 -31.23
N VAL E 141 -28.57 33.68 -32.09
CA VAL E 141 -28.04 34.01 -33.40
C VAL E 141 -26.61 34.53 -33.28
N ASN E 142 -26.26 34.95 -32.07
CA ASN E 142 -24.92 35.44 -31.82
C ASN E 142 -23.95 34.26 -31.74
N GLN E 143 -24.42 33.10 -32.19
CA GLN E 143 -23.58 31.91 -32.16
C GLN E 143 -24.14 30.76 -32.97
N LEU E 144 -25.46 30.62 -32.99
CA LEU E 144 -26.08 29.54 -33.77
C LEU E 144 -26.06 29.92 -35.24
N GLU E 145 -25.60 31.13 -35.54
CA GLU E 145 -25.51 31.60 -36.90
C GLU E 145 -24.17 31.20 -37.52
N THR E 146 -23.52 30.22 -36.91
CA THR E 146 -22.24 29.74 -37.42
C THR E 146 -22.53 28.74 -38.53
N GLN E 147 -23.82 28.42 -38.70
CA GLN E 147 -24.28 27.48 -39.72
C GLN E 147 -25.22 28.17 -40.71
N THR E 148 -25.23 29.50 -40.68
CA THR E 148 -26.10 30.29 -41.56
C THR E 148 -25.32 31.41 -42.25
N GLY E 149 -24.17 31.76 -41.68
CA GLY E 149 -23.37 32.83 -42.25
C GLY E 149 -23.91 34.19 -41.87
N GLU E 150 -23.60 35.20 -42.67
CA GLU E 150 -24.06 36.57 -42.41
C GLU E 150 -23.66 37.01 -41.01
N ALA E 151 -22.76 36.25 -40.39
CA ALA E 151 -22.28 36.54 -39.05
C ALA E 151 -23.42 36.99 -38.13
N SER E 152 -23.05 37.61 -37.02
CA SER E 152 -24.04 38.10 -36.07
C SER E 152 -24.33 39.56 -36.37
N LYS E 153 -25.15 39.81 -37.38
CA LYS E 153 -25.50 41.16 -37.77
C LYS E 153 -26.08 41.95 -36.60
N LEU E 154 -26.24 41.29 -35.45
CA LEU E 154 -26.77 41.92 -34.25
C LEU E 154 -25.66 42.35 -33.27
N PRO E 155 -26.00 43.27 -32.34
CA PRO E 155 -25.06 43.77 -31.34
C PRO E 155 -24.38 42.67 -30.53
N TYR E 156 -23.31 42.11 -31.09
CA TYR E 156 -22.55 41.05 -30.44
C TYR E 156 -22.14 41.52 -29.05
N ASP E 157 -22.95 41.22 -28.04
CA ASP E 157 -22.71 41.62 -26.66
C ASP E 157 -23.67 42.74 -26.22
N VAL E 158 -24.80 42.34 -25.63
CA VAL E 158 -25.81 43.30 -25.18
C VAL E 158 -26.03 43.19 -23.66
N THR E 159 -27.07 43.87 -23.16
CA THR E 159 -27.37 43.85 -21.73
C THR E 159 -28.55 42.93 -21.45
N THR E 160 -28.79 42.64 -20.17
CA THR E 160 -29.88 41.77 -19.77
C THR E 160 -31.21 42.27 -20.30
N GLU E 161 -31.64 43.43 -19.82
CA GLU E 161 -32.91 44.02 -20.23
C GLU E 161 -33.17 43.91 -21.73
N GLN E 162 -32.18 44.31 -22.54
CA GLN E 162 -32.36 44.27 -23.97
C GLN E 162 -32.12 42.91 -24.60
N ALA E 163 -31.58 41.97 -23.85
CA ALA E 163 -31.37 40.64 -24.39
C ALA E 163 -32.75 39.99 -24.46
N LEU E 164 -33.63 40.46 -23.59
CA LEU E 164 -35.00 39.96 -23.53
C LEU E 164 -35.88 40.66 -24.55
N THR E 165 -35.27 41.50 -25.38
CA THR E 165 -36.02 42.21 -26.42
C THR E 165 -36.38 41.19 -27.49
N TYR E 166 -35.46 40.26 -27.73
CA TYR E 166 -35.64 39.23 -28.72
C TYR E 166 -36.46 38.08 -28.14
N PRO E 167 -37.74 37.97 -28.55
CA PRO E 167 -38.66 36.92 -28.06
C PRO E 167 -38.07 35.53 -28.19
N GLU E 168 -37.10 35.36 -29.10
CA GLU E 168 -36.45 34.07 -29.27
C GLU E 168 -35.60 33.76 -28.04
N VAL E 169 -34.82 34.74 -27.59
CA VAL E 169 -33.99 34.57 -26.41
C VAL E 169 -34.88 34.42 -25.17
N LYS E 170 -35.95 35.19 -25.12
CA LYS E 170 -36.87 35.10 -23.99
C LYS E 170 -37.44 33.69 -23.91
N ASN E 171 -37.45 32.98 -25.04
CA ASN E 171 -37.99 31.63 -25.08
C ASN E 171 -37.05 30.56 -24.56
N LYS E 172 -35.78 30.65 -24.92
CA LYS E 172 -34.78 29.68 -24.45
C LYS E 172 -34.80 29.75 -22.92
N LEU E 173 -34.78 30.97 -22.41
CA LEU E 173 -34.80 31.20 -20.98
C LEU E 173 -36.05 30.52 -20.41
N GLU E 174 -37.19 30.76 -21.07
CA GLU E 174 -38.49 30.20 -20.66
C GLU E 174 -38.36 28.69 -20.45
N ALA E 175 -37.84 28.02 -21.46
CA ALA E 175 -37.65 26.57 -21.43
C ALA E 175 -36.69 26.16 -20.33
N SER E 176 -35.55 26.84 -20.27
CA SER E 176 -34.54 26.55 -19.25
C SER E 176 -35.18 26.58 -17.87
N ILE E 177 -36.05 27.55 -17.66
CA ILE E 177 -36.72 27.67 -16.37
C ILE E 177 -37.64 26.49 -16.16
N GLU E 178 -38.12 25.90 -17.25
CA GLU E 178 -39.02 24.75 -17.13
C GLU E 178 -38.17 23.54 -16.83
N ASN E 179 -37.11 23.38 -17.60
CA ASN E 179 -36.20 22.25 -17.42
C ASN E 179 -35.64 22.28 -16.00
N LEU E 180 -35.10 23.43 -15.60
CA LEU E 180 -34.50 23.60 -14.29
C LEU E 180 -35.44 23.17 -13.16
N ARG E 181 -36.67 23.67 -13.20
CA ARG E 181 -37.65 23.34 -12.17
C ARG E 181 -37.94 21.85 -12.12
N ARG E 182 -37.87 21.22 -13.29
CA ARG E 182 -38.13 19.79 -13.42
C ARG E 182 -37.02 18.93 -12.83
N VAL E 183 -35.77 19.26 -13.16
CA VAL E 183 -34.64 18.50 -12.63
C VAL E 183 -34.46 18.77 -11.15
N THR E 184 -34.70 20.01 -10.75
CA THR E 184 -34.57 20.39 -9.36
C THR E 184 -35.52 19.61 -8.48
N ASP E 185 -36.78 19.49 -8.92
CA ASP E 185 -37.77 18.77 -8.14
C ASP E 185 -37.35 17.31 -7.95
N LYS E 186 -36.71 16.73 -8.97
CA LYS E 186 -36.22 15.37 -8.86
C LYS E 186 -35.17 15.31 -7.74
N VAL E 187 -34.20 16.22 -7.77
CA VAL E 187 -33.18 16.25 -6.74
C VAL E 187 -33.80 16.44 -5.35
N LEU E 188 -34.62 17.47 -5.24
CA LEU E 188 -35.29 17.79 -4.00
C LEU E 188 -36.04 16.61 -3.39
N ASN E 189 -36.80 15.90 -4.20
CA ASN E 189 -37.56 14.77 -3.66
C ASN E 189 -36.67 13.65 -3.14
N SER E 190 -35.53 13.41 -3.79
CA SER E 190 -34.61 12.37 -3.34
C SER E 190 -34.15 12.73 -1.93
N ILE E 191 -33.73 13.98 -1.79
CA ILE E 191 -33.26 14.49 -0.50
C ILE E 191 -34.35 14.47 0.58
N ILE E 192 -35.46 15.16 0.33
CA ILE E 192 -36.53 15.24 1.32
C ILE E 192 -37.16 13.92 1.75
N SER E 193 -37.29 12.96 0.83
CA SER E 193 -37.90 11.69 1.17
C SER E 193 -36.94 10.73 1.85
N SER E 194 -35.66 11.10 1.85
CA SER E 194 -34.63 10.25 2.45
C SER E 194 -33.94 10.82 3.67
N LEU E 195 -34.69 11.46 4.55
CA LEU E 195 -34.13 12.01 5.79
C LEU E 195 -33.60 10.91 6.70
N ASP E 196 -34.25 9.75 6.67
CA ASP E 196 -33.85 8.63 7.49
C ASP E 196 -32.54 7.96 7.07
N LEU E 197 -32.00 8.36 5.93
CA LEU E 197 -30.76 7.78 5.45
C LEU E 197 -29.56 8.65 5.83
N LEU E 198 -29.82 9.80 6.44
CA LEU E 198 -28.74 10.66 6.86
C LEU E 198 -28.00 9.98 8.02
N PRO E 199 -26.73 10.32 8.22
CA PRO E 199 -25.95 9.71 9.30
C PRO E 199 -26.40 10.24 10.66
N TYR E 200 -26.49 9.36 11.64
CA TYR E 200 -26.87 9.77 13.01
C TYR E 200 -25.97 10.92 13.50
N GLY E 201 -24.65 10.70 13.46
CA GLY E 201 -23.70 11.71 13.90
C GLY E 201 -23.91 13.10 13.30
N LEU E 202 -24.20 13.17 12.01
CA LEU E 202 -24.44 14.45 11.38
C LEU E 202 -25.72 15.08 11.93
N ARG E 203 -26.76 14.26 12.09
CA ARG E 203 -28.04 14.77 12.59
C ARG E 203 -27.85 15.23 14.02
N TYR E 204 -27.02 14.51 14.76
CA TYR E 204 -26.79 14.85 16.15
C TYR E 204 -26.07 16.18 16.31
N ILE E 205 -25.07 16.44 15.48
CA ILE E 205 -24.36 17.70 15.59
C ILE E 205 -25.27 18.86 15.18
N ALA E 206 -26.16 18.63 14.23
CA ALA E 206 -27.10 19.65 13.81
C ALA E 206 -27.94 19.97 15.04
N LYS E 207 -28.31 18.93 15.78
CA LYS E 207 -29.10 19.11 17.00
C LYS E 207 -28.28 19.91 18.01
N VAL E 208 -27.06 19.48 18.29
CA VAL E 208 -26.20 20.20 19.22
C VAL E 208 -26.06 21.64 18.78
N LEU E 209 -25.77 21.83 17.50
CA LEU E 209 -25.61 23.15 16.94
C LEU E 209 -26.81 24.03 17.23
N LYS E 210 -28.00 23.56 16.82
CA LYS E 210 -29.23 24.31 17.05
C LYS E 210 -29.50 24.62 18.52
N ASN E 211 -29.49 23.60 19.36
CA ASN E 211 -29.77 23.79 20.78
C ASN E 211 -28.75 24.65 21.47
N SER E 212 -27.60 24.81 20.85
CA SER E 212 -26.53 25.61 21.44
C SER E 212 -26.72 27.08 21.10
N ILE E 213 -26.99 27.37 19.84
CA ILE E 213 -27.23 28.77 19.43
C ILE E 213 -28.45 29.28 20.16
N HIS E 214 -29.47 28.44 20.30
CA HIS E 214 -30.69 28.82 21.00
C HIS E 214 -30.40 29.09 22.46
N GLU E 215 -29.51 28.32 23.05
CA GLU E 215 -29.19 28.50 24.45
C GLU E 215 -28.55 29.87 24.69
N LYS E 216 -27.72 30.31 23.74
CA LYS E 216 -27.01 31.59 23.86
C LYS E 216 -27.80 32.78 23.32
N PHE E 217 -28.63 32.54 22.32
CA PHE E 217 -29.44 33.60 21.74
C PHE E 217 -30.93 33.23 21.79
N PRO E 218 -31.53 33.30 22.98
CA PRO E 218 -32.95 32.97 23.17
C PRO E 218 -33.88 33.76 22.26
N ASP E 219 -33.43 34.92 21.81
CA ASP E 219 -34.22 35.77 20.93
C ASP E 219 -34.16 35.38 19.47
N ALA E 220 -33.51 34.26 19.18
CA ALA E 220 -33.41 33.80 17.81
C ALA E 220 -34.69 32.99 17.52
N THR E 221 -35.25 33.17 16.33
CA THR E 221 -36.48 32.47 15.96
C THR E 221 -36.26 31.12 15.29
N GLU E 222 -37.27 30.26 15.39
CA GLU E 222 -37.24 28.93 14.78
C GLU E 222 -36.69 29.07 13.36
N ASP E 223 -37.12 30.13 12.69
CA ASP E 223 -36.70 30.39 11.33
C ASP E 223 -35.22 30.66 11.19
N GLU E 224 -34.66 31.43 12.11
CA GLU E 224 -33.24 31.75 12.08
C GLU E 224 -32.46 30.51 12.43
N LEU E 225 -32.86 29.83 13.48
CA LEU E 225 -32.18 28.61 13.91
C LEU E 225 -32.13 27.60 12.79
N LEU E 226 -33.26 27.35 12.14
CA LEU E 226 -33.31 26.37 11.07
C LEU E 226 -32.49 26.78 9.84
N LYS E 227 -32.25 28.08 9.67
CA LYS E 227 -31.46 28.51 8.52
C LYS E 227 -29.99 28.16 8.79
N ILE E 228 -29.62 28.13 10.07
CA ILE E 228 -28.27 27.77 10.48
C ILE E 228 -28.12 26.28 10.26
N VAL E 229 -29.08 25.52 10.77
CA VAL E 229 -29.09 24.07 10.62
C VAL E 229 -29.12 23.68 9.16
N GLY E 230 -29.82 24.46 8.34
CA GLY E 230 -29.89 24.16 6.94
C GLY E 230 -28.58 24.45 6.23
N ASN E 231 -27.79 25.36 6.81
CA ASN E 231 -26.50 25.73 6.26
C ASN E 231 -25.58 24.53 6.38
N LEU E 232 -25.65 23.86 7.52
CA LEU E 232 -24.83 22.68 7.77
C LEU E 232 -25.24 21.49 6.90
N LEU E 233 -26.52 21.14 6.97
CA LEU E 233 -27.05 20.00 6.24
C LEU E 233 -27.11 20.17 4.74
N TYR E 234 -27.47 21.37 4.29
CA TYR E 234 -27.57 21.61 2.88
C TYR E 234 -26.41 22.28 2.16
N TYR E 235 -26.20 23.57 2.42
CA TYR E 235 -25.14 24.30 1.74
C TYR E 235 -23.76 23.72 1.96
N ARG E 236 -23.52 23.21 3.15
CA ARG E 236 -22.22 22.66 3.49
C ARG E 236 -22.08 21.16 3.20
N TYR E 237 -23.05 20.35 3.61
CA TYR E 237 -22.97 18.91 3.43
C TYR E 237 -23.25 18.33 2.05
N MET E 238 -24.45 18.54 1.51
CA MET E 238 -24.77 17.95 0.22
C MET E 238 -24.77 18.82 -1.03
N ASN E 239 -25.00 20.12 -0.91
CA ASN E 239 -25.01 20.96 -2.08
C ASN E 239 -23.70 20.83 -2.88
N PRO E 240 -22.56 20.68 -2.19
CA PRO E 240 -21.32 20.54 -2.95
C PRO E 240 -21.30 19.24 -3.76
N ALA E 241 -21.95 18.20 -3.27
CA ALA E 241 -21.95 16.93 -3.98
C ALA E 241 -22.85 16.99 -5.22
N ILE E 242 -23.83 17.89 -5.19
CA ILE E 242 -24.71 18.05 -6.32
C ILE E 242 -23.92 18.81 -7.41
N VAL E 243 -23.24 19.87 -7.02
CA VAL E 243 -22.45 20.68 -7.93
C VAL E 243 -21.18 20.01 -8.43
N ALA E 244 -20.59 19.16 -7.60
CA ALA E 244 -19.39 18.47 -8.02
C ALA E 244 -19.44 16.98 -7.69
N PRO E 245 -20.32 16.24 -8.37
CA PRO E 245 -20.43 14.80 -8.11
C PRO E 245 -19.15 14.08 -8.50
N ASP E 246 -18.36 14.68 -9.37
CA ASP E 246 -17.11 14.08 -9.81
C ASP E 246 -16.04 14.26 -8.76
N GLY E 247 -16.14 15.36 -8.02
CA GLY E 247 -15.19 15.66 -6.97
C GLY E 247 -15.51 14.95 -5.67
N PHE E 248 -16.78 14.84 -5.33
CA PHE E 248 -17.16 14.17 -4.11
C PHE E 248 -17.60 12.73 -4.30
N ASP E 249 -17.05 12.10 -5.35
CA ASP E 249 -17.34 10.70 -5.67
C ASP E 249 -18.80 10.27 -5.58
N ILE E 250 -19.68 10.98 -6.27
CA ILE E 250 -21.10 10.62 -6.28
C ILE E 250 -21.29 9.73 -7.49
N ILE E 251 -20.49 10.00 -8.54
CA ILE E 251 -20.56 9.23 -9.77
C ILE E 251 -19.17 8.76 -10.16
N ASP E 252 -19.05 7.45 -10.30
CA ASP E 252 -17.80 6.82 -10.68
C ASP E 252 -17.29 7.46 -11.96
N MET E 253 -16.05 7.91 -11.95
CA MET E 253 -15.47 8.56 -13.12
C MET E 253 -14.53 7.62 -13.87
N THR E 254 -15.08 6.90 -14.84
CA THR E 254 -14.31 5.97 -15.65
C THR E 254 -13.41 6.75 -16.59
N ALA E 255 -12.13 6.40 -16.59
CA ALA E 255 -11.13 7.05 -17.42
C ALA E 255 -11.69 7.46 -18.78
N GLY E 256 -11.96 8.75 -18.93
CA GLY E 256 -12.50 9.25 -20.18
C GLY E 256 -12.52 10.76 -20.21
N GLY E 257 -13.59 11.35 -19.69
CA GLY E 257 -13.70 12.79 -19.67
C GLY E 257 -14.44 13.30 -18.45
N GLN E 258 -14.16 14.54 -18.06
CA GLN E 258 -14.81 15.13 -16.91
C GLN E 258 -16.07 15.87 -17.34
N ILE E 259 -16.81 16.40 -16.38
CA ILE E 259 -18.03 17.14 -16.64
C ILE E 259 -17.88 18.30 -17.63
N ASN E 260 -18.85 18.44 -18.54
CA ASN E 260 -18.84 19.51 -19.54
C ASN E 260 -19.26 20.80 -18.86
N SER E 261 -19.00 21.92 -19.50
CA SER E 261 -19.38 23.20 -18.94
C SER E 261 -20.90 23.23 -18.85
N ASP E 262 -21.55 22.54 -19.79
CA ASP E 262 -23.01 22.48 -19.82
C ASP E 262 -23.57 21.67 -18.66
N GLN E 263 -22.86 20.60 -18.30
CA GLN E 263 -23.30 19.75 -17.20
C GLN E 263 -23.05 20.50 -15.90
N ARG E 264 -21.95 21.25 -15.86
CA ARG E 264 -21.62 22.05 -14.68
C ARG E 264 -22.67 23.12 -14.45
N ARG E 265 -22.97 23.85 -15.51
CA ARG E 265 -23.95 24.93 -15.47
C ARG E 265 -25.34 24.38 -15.10
N ASN E 266 -25.61 23.14 -15.48
CA ASN E 266 -26.88 22.51 -15.16
C ASN E 266 -26.93 22.16 -13.67
N LEU E 267 -25.96 21.38 -13.20
CA LEU E 267 -25.91 21.01 -11.79
C LEU E 267 -25.82 22.26 -10.92
N GLY E 268 -24.99 23.19 -11.36
CA GLY E 268 -24.81 24.44 -10.64
C GLY E 268 -26.11 25.19 -10.55
N SER E 269 -26.89 25.20 -11.63
CA SER E 269 -28.16 25.91 -11.59
C SER E 269 -29.12 25.29 -10.58
N VAL E 270 -29.07 23.96 -10.45
CA VAL E 270 -29.95 23.32 -9.51
C VAL E 270 -29.54 23.77 -8.13
N ALA E 271 -28.23 23.75 -7.86
CA ALA E 271 -27.71 24.16 -6.56
C ALA E 271 -28.12 25.58 -6.20
N LYS E 272 -28.16 26.46 -7.19
CA LYS E 272 -28.53 27.83 -6.92
C LYS E 272 -30.00 27.89 -6.52
N VAL E 273 -30.88 27.26 -7.29
CA VAL E 273 -32.29 27.27 -6.93
C VAL E 273 -32.51 26.69 -5.55
N LEU E 274 -31.90 25.54 -5.26
CA LEU E 274 -32.07 24.92 -3.96
C LEU E 274 -31.48 25.74 -2.79
N GLN E 275 -30.38 26.44 -3.02
CA GLN E 275 -29.77 27.27 -1.96
C GLN E 275 -30.83 28.29 -1.57
N HIS E 276 -31.26 29.07 -2.57
CA HIS E 276 -32.28 30.09 -2.35
C HIS E 276 -33.49 29.58 -1.59
N ALA E 277 -33.98 28.40 -1.97
CA ALA E 277 -35.13 27.81 -1.29
C ALA E 277 -34.78 27.51 0.16
N ALA E 278 -33.65 26.86 0.38
CA ALA E 278 -33.25 26.51 1.73
C ALA E 278 -33.04 27.74 2.60
N SER E 279 -32.64 28.85 1.97
CA SER E 279 -32.40 30.08 2.71
C SER E 279 -33.56 31.06 2.61
N ASN E 280 -34.70 30.59 2.09
CA ASN E 280 -35.91 31.40 1.92
C ASN E 280 -35.65 32.73 1.19
N LYS E 281 -34.92 32.66 0.08
CA LYS E 281 -34.60 33.86 -0.70
C LYS E 281 -35.19 33.82 -2.09
N LEU E 282 -36.17 34.70 -2.34
CA LEU E 282 -36.81 34.76 -3.64
C LEU E 282 -35.93 35.49 -4.66
N PHE E 283 -36.12 35.16 -5.92
CA PHE E 283 -35.38 35.79 -7.00
C PHE E 283 -35.92 37.20 -7.20
N GLU E 284 -35.02 38.13 -7.49
CA GLU E 284 -35.43 39.50 -7.72
C GLU E 284 -34.21 40.36 -8.00
N GLY E 285 -34.43 41.66 -8.18
CA GLY E 285 -33.35 42.59 -8.46
C GLY E 285 -32.17 41.99 -9.19
N GLU E 286 -32.20 42.03 -10.51
CA GLU E 286 -31.11 41.49 -11.33
C GLU E 286 -31.42 40.02 -11.62
N ASN E 287 -32.16 39.40 -10.72
CA ASN E 287 -32.57 38.01 -10.87
C ASN E 287 -34.07 38.00 -11.06
N GLU E 288 -34.60 39.14 -11.48
CA GLU E 288 -36.02 39.30 -11.71
C GLU E 288 -36.56 38.38 -12.79
N HIS E 289 -35.77 38.12 -13.82
CA HIS E 289 -36.21 37.26 -14.92
C HIS E 289 -36.51 35.82 -14.51
N LEU E 290 -36.14 35.45 -13.28
CA LEU E 290 -36.38 34.11 -12.78
C LEU E 290 -37.51 34.11 -11.75
N SER E 291 -38.07 35.29 -11.49
CA SER E 291 -39.14 35.46 -10.52
C SER E 291 -40.32 34.50 -10.64
N SER E 292 -40.51 33.92 -11.82
CA SER E 292 -41.61 32.98 -12.00
C SER E 292 -41.45 31.77 -11.09
N MET E 293 -40.22 31.56 -10.60
CA MET E 293 -39.91 30.44 -9.72
C MET E 293 -40.14 30.74 -8.25
N ASN E 294 -40.42 32.00 -7.92
CA ASN E 294 -40.61 32.36 -6.53
C ASN E 294 -41.72 31.60 -5.82
N ASN E 295 -42.68 31.09 -6.58
CA ASN E 295 -43.77 30.34 -5.99
C ASN E 295 -43.22 28.97 -5.61
N TYR E 296 -42.42 28.39 -6.50
CA TYR E 296 -41.82 27.09 -6.25
C TYR E 296 -40.81 27.21 -5.11
N LEU E 297 -40.05 28.30 -5.12
CA LEU E 297 -39.05 28.53 -4.08
C LEU E 297 -39.67 28.55 -2.70
N SER E 298 -40.84 29.16 -2.57
CA SER E 298 -41.50 29.26 -1.27
C SER E 298 -42.10 27.95 -0.80
N GLU E 299 -42.45 27.07 -1.73
CA GLU E 299 -43.02 25.78 -1.37
C GLU E 299 -41.85 24.89 -0.96
N THR E 300 -40.79 24.97 -1.76
CA THR E 300 -39.60 24.19 -1.52
C THR E 300 -38.97 24.55 -0.18
N TYR E 301 -38.99 25.83 0.17
CA TYR E 301 -38.45 26.26 1.46
C TYR E 301 -39.25 25.58 2.57
N GLN E 302 -40.57 25.59 2.45
CA GLN E 302 -41.43 24.97 3.43
C GLN E 302 -41.09 23.49 3.61
N GLU E 303 -40.68 22.84 2.52
CA GLU E 303 -40.32 21.43 2.60
C GLU E 303 -38.98 21.32 3.32
N PHE E 304 -38.03 22.16 2.93
CA PHE E 304 -36.71 22.18 3.54
C PHE E 304 -36.81 22.47 5.03
N ARG E 305 -37.59 23.49 5.35
CA ARG E 305 -37.79 23.89 6.74
C ARG E 305 -38.28 22.72 7.58
N LYS E 306 -39.21 21.96 7.02
CA LYS E 306 -39.76 20.80 7.73
C LYS E 306 -38.69 19.72 7.92
N TYR E 307 -37.87 19.55 6.89
CA TYR E 307 -36.77 18.59 6.84
C TYR E 307 -35.72 18.88 7.90
N PHE E 308 -35.21 20.11 7.87
CA PHE E 308 -34.19 20.57 8.82
C PHE E 308 -34.64 20.40 10.26
N LYS E 309 -35.87 20.79 10.56
CA LYS E 309 -36.36 20.66 11.92
C LYS E 309 -36.37 19.21 12.35
N GLU E 310 -36.82 18.33 11.47
CA GLU E 310 -36.85 16.91 11.81
C GLU E 310 -35.45 16.32 11.94
N ALA E 311 -34.50 16.88 11.18
CA ALA E 311 -33.13 16.41 11.25
C ALA E 311 -32.62 16.37 12.70
N CYS E 312 -32.87 17.43 13.46
CA CYS E 312 -32.45 17.52 14.85
C CYS E 312 -33.22 16.58 15.81
N ASN E 313 -34.29 15.96 15.30
CA ASN E 313 -35.12 15.07 16.10
C ASN E 313 -34.41 13.75 16.34
N VAL E 314 -33.42 13.74 17.22
CA VAL E 314 -32.68 12.51 17.45
C VAL E 314 -32.15 12.42 18.88
N PRO E 315 -32.01 11.18 19.42
CA PRO E 315 -31.53 10.90 20.79
C PRO E 315 -30.09 11.37 21.05
N GLU E 316 -29.68 11.36 22.31
CA GLU E 316 -28.32 11.72 22.64
C GLU E 316 -27.51 10.44 22.38
N PRO E 317 -26.21 10.57 22.08
CA PRO E 317 -25.37 9.40 21.81
C PRO E 317 -25.33 8.36 22.91
N GLU E 318 -25.41 8.79 24.17
CA GLU E 318 -25.42 7.84 25.29
C GLU E 318 -26.60 6.89 25.11
N GLU E 319 -27.74 7.42 24.68
CA GLU E 319 -28.90 6.58 24.48
C GLU E 319 -28.86 5.91 23.10
N LYS E 320 -28.55 6.67 22.06
CA LYS E 320 -28.51 6.11 20.71
C LYS E 320 -27.72 4.80 20.66
N PHE E 321 -26.53 4.80 21.24
CA PHE E 321 -25.76 3.58 21.33
C PHE E 321 -25.94 3.26 22.82
N ASN E 322 -26.34 2.06 23.20
CA ASN E 322 -26.48 1.79 24.63
C ASN E 322 -25.09 1.79 25.24
N MET E 323 -24.53 2.98 25.41
CA MET E 323 -23.19 3.14 25.94
C MET E 323 -22.97 2.46 27.29
N ASP E 324 -24.05 2.11 27.97
CA ASP E 324 -23.94 1.46 29.27
C ASP E 324 -23.22 0.12 29.14
N LYS E 325 -23.24 -0.45 27.94
CA LYS E 325 -22.57 -1.73 27.72
C LYS E 325 -21.04 -1.61 27.79
N TYR E 326 -20.53 -0.36 27.80
CA TYR E 326 -19.09 -0.10 27.86
C TYR E 326 -18.66 0.53 29.20
N THR E 327 -19.62 1.03 29.98
CA THR E 327 -19.32 1.65 31.28
C THR E 327 -19.38 0.62 32.39
N ASP E 328 -20.33 -0.29 32.28
CA ASP E 328 -20.50 -1.37 33.24
C ASP E 328 -19.56 -2.44 32.69
N LEU E 329 -18.26 -2.25 32.88
CA LEU E 329 -17.28 -3.19 32.34
C LEU E 329 -15.87 -3.03 32.90
N VAL E 330 -15.21 -4.15 33.16
CA VAL E 330 -13.85 -4.15 33.68
C VAL E 330 -12.82 -3.98 32.57
N THR E 331 -12.23 -2.79 32.51
CA THR E 331 -11.25 -2.47 31.49
C THR E 331 -9.80 -2.48 31.94
N VAL E 332 -8.91 -2.45 30.96
CA VAL E 332 -7.47 -2.45 31.15
C VAL E 332 -6.81 -1.61 30.05
N SER E 333 -5.55 -1.20 30.28
CA SER E 333 -4.81 -0.42 29.30
C SER E 333 -3.44 -1.05 29.08
N LYS E 334 -3.31 -1.82 28.00
CA LYS E 334 -2.02 -2.47 27.70
C LYS E 334 -1.03 -1.43 27.16
N PRO E 335 0.26 -1.79 27.10
CA PRO E 335 1.31 -0.88 26.59
C PRO E 335 1.09 -0.54 25.12
N VAL E 336 1.55 0.63 24.71
CA VAL E 336 1.36 1.00 23.32
C VAL E 336 2.67 1.14 22.55
N ILE E 337 2.61 0.68 21.30
CA ILE E 337 3.72 0.70 20.35
C ILE E 337 3.25 1.62 19.20
N TYR E 338 4.17 2.36 18.59
CA TYR E 338 3.79 3.20 17.47
C TYR E 338 4.93 3.50 16.50
N ILE E 339 4.57 4.08 15.37
CA ILE E 339 5.51 4.39 14.31
C ILE E 339 5.91 5.86 14.31
N SER E 340 7.21 6.14 14.40
CA SER E 340 7.66 7.53 14.41
C SER E 340 8.85 7.79 13.46
N ILE E 341 9.38 9.00 13.52
CA ILE E 341 10.54 9.40 12.73
C ILE E 341 11.70 9.53 13.70
N GLU E 342 12.93 9.39 13.21
CA GLU E 342 14.12 9.51 14.04
C GLU E 342 15.34 9.85 13.18
N GLU E 343 16.22 10.70 13.69
CA GLU E 343 17.40 11.07 12.93
C GLU E 343 18.58 10.33 13.55
N ILE E 344 19.52 9.90 12.73
CA ILE E 344 20.68 9.17 13.24
C ILE E 344 21.84 10.08 13.60
N ILE E 345 22.35 9.89 14.81
CA ILE E 345 23.47 10.69 15.32
C ILE E 345 24.69 10.67 14.40
N SER E 346 25.04 9.48 13.90
CA SER E 346 26.19 9.31 13.03
C SER E 346 27.47 9.55 13.82
N THR E 347 27.90 8.52 14.54
CA THR E 347 29.11 8.59 15.35
C THR E 347 30.18 7.72 14.68
N HIS E 348 31.44 7.93 15.07
CA HIS E 348 32.54 7.16 14.50
C HIS E 348 32.86 5.92 15.33
N SER E 349 33.03 4.78 14.67
CA SER E 349 33.34 3.55 15.39
C SER E 349 34.82 3.20 15.45
N LEU E 350 35.32 3.11 16.67
CA LEU E 350 36.72 2.79 16.86
C LEU E 350 37.09 1.36 16.52
N LEU E 351 36.22 0.43 16.89
CA LEU E 351 36.47 -0.98 16.69
C LEU E 351 36.23 -1.49 15.28
N LEU E 352 35.22 -0.95 14.61
CA LEU E 352 34.87 -1.39 13.27
C LEU E 352 36.04 -1.56 12.30
N GLU E 353 36.98 -0.62 12.32
CA GLU E 353 38.11 -0.72 11.41
C GLU E 353 38.99 -1.90 11.79
N HIS E 354 38.82 -2.39 12.99
CA HIS E 354 39.64 -3.48 13.48
C HIS E 354 38.95 -4.82 13.70
N GLN E 355 37.88 -5.05 12.94
CA GLN E 355 37.12 -6.28 13.03
C GLN E 355 37.97 -7.48 12.67
N ASP E 356 39.08 -7.24 11.97
CA ASP E 356 39.97 -8.34 11.61
C ASP E 356 40.67 -8.87 12.85
N ALA E 357 41.01 -7.96 13.76
CA ALA E 357 41.68 -8.31 15.02
C ALA E 357 40.74 -8.53 16.21
N ILE E 358 39.67 -7.74 16.27
CA ILE E 358 38.74 -7.80 17.41
C ILE E 358 37.38 -8.51 17.28
N ALA E 359 37.04 -9.08 16.13
CA ALA E 359 35.73 -9.78 15.99
C ALA E 359 34.57 -9.00 16.59
N PRO E 360 33.84 -8.24 15.76
CA PRO E 360 32.69 -7.41 16.16
C PRO E 360 31.65 -8.13 17.01
N GLU E 361 31.60 -7.76 18.29
CA GLU E 361 30.64 -8.35 19.22
C GLU E 361 29.24 -7.86 18.89
N LYS E 362 29.18 -6.80 18.08
CA LYS E 362 27.91 -6.21 17.65
C LYS E 362 27.19 -7.11 16.63
N ASN E 363 27.95 -7.68 15.70
CA ASN E 363 27.40 -8.53 14.67
C ASN E 363 26.81 -9.79 15.26
N ASP E 364 27.38 -10.23 16.38
CA ASP E 364 26.89 -11.44 17.02
C ASP E 364 25.63 -11.15 17.80
N LEU E 365 25.65 -10.07 18.58
CA LEU E 365 24.47 -9.70 19.36
C LEU E 365 23.30 -9.45 18.40
N LEU E 366 23.55 -8.60 17.41
CA LEU E 366 22.55 -8.24 16.43
C LEU E 366 22.02 -9.45 15.66
N SER E 367 22.85 -10.48 15.48
CA SER E 367 22.43 -11.67 14.75
C SER E 367 21.60 -12.59 15.61
N GLU E 368 21.97 -12.69 16.88
CA GLU E 368 21.22 -13.53 17.81
C GLU E 368 19.84 -12.89 17.97
N LEU E 369 19.85 -11.58 18.21
CA LEU E 369 18.62 -10.84 18.40
C LEU E 369 17.69 -11.10 17.22
N LEU E 370 18.13 -10.71 16.03
CA LEU E 370 17.35 -10.91 14.81
C LEU E 370 16.97 -12.37 14.65
N GLY E 371 17.95 -13.25 14.83
CA GLY E 371 17.68 -14.66 14.68
C GLY E 371 16.55 -15.22 15.54
N SER E 372 16.33 -14.62 16.71
CA SER E 372 15.30 -15.11 17.63
C SER E 372 13.89 -14.57 17.39
N LEU E 373 13.74 -13.58 16.53
CA LEU E 373 12.44 -12.98 16.24
C LEU E 373 11.35 -14.03 16.17
N GLY E 374 10.25 -13.75 16.85
CA GLY E 374 9.13 -14.65 16.88
C GLY E 374 9.15 -15.43 18.17
N GLU E 375 9.27 -16.74 18.07
CA GLU E 375 9.31 -17.59 19.24
C GLU E 375 10.77 -17.90 19.58
N SER F 4 8.31 -6.20 31.02
CA SER F 4 8.75 -6.17 29.60
C SER F 4 10.09 -6.89 29.42
N LYS F 5 10.17 -8.11 29.94
CA LYS F 5 11.39 -8.90 29.82
C LYS F 5 11.47 -9.47 28.41
N GLU F 6 10.55 -10.39 28.12
CA GLU F 6 10.46 -11.03 26.82
C GLU F 6 9.97 -10.01 25.80
N ARG F 7 9.15 -9.08 26.26
CA ARG F 7 8.57 -8.05 25.40
C ARG F 7 9.57 -7.02 24.89
N ARG F 8 10.55 -6.69 25.72
CA ARG F 8 11.57 -5.73 25.34
C ARG F 8 12.44 -6.30 24.22
N LYS F 9 12.65 -7.62 24.26
CA LYS F 9 13.46 -8.28 23.22
C LYS F 9 12.82 -8.08 21.87
N THR F 10 11.59 -8.57 21.76
CA THR F 10 10.82 -8.49 20.53
C THR F 10 10.84 -7.07 19.99
N LEU F 11 10.65 -6.10 20.88
CA LEU F 11 10.62 -4.70 20.45
C LEU F 11 11.93 -4.24 19.80
N GLU F 12 13.05 -4.58 20.45
CA GLU F 12 14.39 -4.25 19.97
C GLU F 12 14.66 -4.89 18.62
N THR F 13 14.16 -6.12 18.46
CA THR F 13 14.32 -6.90 17.24
C THR F 13 13.70 -6.19 16.04
N TYR F 14 12.44 -5.81 16.17
CA TYR F 14 11.78 -5.09 15.11
C TYR F 14 12.45 -3.75 14.93
N GLN F 15 12.83 -3.11 16.03
CA GLN F 15 13.45 -1.79 15.96
C GLN F 15 14.74 -1.84 15.13
N GLN F 16 15.60 -2.79 15.43
CA GLN F 16 16.83 -2.95 14.70
C GLN F 16 16.50 -3.30 13.23
N LEU F 17 15.71 -4.36 13.06
CA LEU F 17 15.31 -4.81 11.73
C LEU F 17 14.86 -3.70 10.77
N PHE F 18 13.89 -2.88 11.18
CA PHE F 18 13.41 -1.82 10.28
C PHE F 18 14.32 -0.61 10.19
N TYR F 19 15.25 -0.51 11.12
CA TYR F 19 16.23 0.56 11.11
C TYR F 19 17.26 0.15 10.01
N LEU F 20 17.75 -1.07 10.12
CA LEU F 20 18.72 -1.61 9.16
C LEU F 20 18.17 -1.71 7.74
N LEU F 21 16.92 -2.12 7.60
CA LEU F 21 16.30 -2.26 6.29
C LEU F 21 16.33 -0.96 5.52
N GLN F 22 15.99 0.13 6.20
CA GLN F 22 15.96 1.43 5.54
C GLN F 22 17.33 2.07 5.29
N THR F 23 18.18 1.98 6.31
CA THR F 23 19.48 2.64 6.27
C THR F 23 20.71 1.82 5.92
N ASN F 24 20.65 0.52 6.11
CA ASN F 24 21.83 -0.27 5.83
C ASN F 24 21.48 -1.71 5.51
N PRO F 25 20.75 -1.93 4.39
CA PRO F 25 20.37 -3.30 4.01
C PRO F 25 21.58 -4.18 3.72
N LEU F 26 22.66 -3.59 3.23
CA LEU F 26 23.87 -4.39 2.95
C LEU F 26 24.32 -5.09 4.23
N TYR F 27 24.33 -4.34 5.33
CA TYR F 27 24.75 -4.87 6.62
C TYR F 27 23.70 -5.87 7.15
N LEU F 28 22.42 -5.59 6.91
CA LEU F 28 21.37 -6.52 7.35
C LEU F 28 21.65 -7.87 6.68
N ALA F 29 21.86 -7.80 5.37
CA ALA F 29 22.17 -8.97 4.55
C ALA F 29 23.33 -9.71 5.18
N LYS F 30 24.41 -8.99 5.47
CA LYS F 30 25.55 -9.63 6.10
C LYS F 30 25.15 -10.37 7.38
N LEU F 31 24.35 -9.73 8.25
CA LEU F 31 23.92 -10.39 9.49
C LEU F 31 23.10 -11.65 9.15
N ILE F 32 22.26 -11.55 8.12
CA ILE F 32 21.45 -12.68 7.68
C ILE F 32 22.36 -13.89 7.32
N PHE F 33 23.47 -13.61 6.63
CA PHE F 33 24.39 -14.69 6.24
C PHE F 33 25.01 -15.43 7.41
N GLN F 34 25.40 -14.70 8.46
CA GLN F 34 26.02 -15.39 9.60
C GLN F 34 25.10 -16.01 10.64
N MET F 35 23.79 -15.86 10.47
CA MET F 35 22.82 -16.46 11.39
C MET F 35 22.76 -17.97 11.14
N PRO F 36 22.26 -18.75 12.12
CA PRO F 36 22.18 -20.19 11.86
C PRO F 36 21.25 -20.24 10.65
N GLN F 37 21.52 -21.16 9.72
CA GLN F 37 20.74 -21.24 8.49
C GLN F 37 19.22 -21.35 8.58
N ASN F 38 18.70 -22.22 9.44
CA ASN F 38 17.26 -22.33 9.57
C ASN F 38 16.61 -21.00 9.95
N LYS F 39 17.29 -20.18 10.75
CA LYS F 39 16.75 -18.90 11.21
C LYS F 39 16.78 -17.77 10.18
N SER F 40 17.65 -17.86 9.18
CA SER F 40 17.73 -16.82 8.17
C SER F 40 16.56 -16.87 7.20
N THR F 41 15.82 -17.97 7.23
CA THR F 41 14.69 -18.16 6.34
C THR F 41 13.59 -17.11 6.45
N LYS F 42 13.26 -16.70 7.67
CA LYS F 42 12.20 -15.72 7.89
C LYS F 42 12.51 -14.29 7.44
N PHE F 43 13.78 -14.00 7.15
CA PHE F 43 14.17 -12.66 6.74
C PHE F 43 14.40 -12.54 5.25
N MET F 44 14.58 -13.67 4.60
CA MET F 44 14.88 -13.70 3.17
C MET F 44 14.02 -12.79 2.29
N ASP F 45 12.72 -13.06 2.20
CA ASP F 45 11.81 -12.27 1.37
C ASP F 45 11.85 -10.78 1.64
N THR F 46 11.65 -10.42 2.90
CA THR F 46 11.66 -9.02 3.27
C THR F 46 12.99 -8.29 2.94
N VAL F 47 14.15 -8.92 3.13
CA VAL F 47 15.41 -8.24 2.74
C VAL F 47 15.57 -8.21 1.22
N ILE F 48 15.26 -9.32 0.56
CA ILE F 48 15.36 -9.37 -0.89
C ILE F 48 14.50 -8.26 -1.48
N PHE F 49 13.27 -8.15 -0.99
CA PHE F 49 12.36 -7.14 -1.48
C PHE F 49 12.99 -5.76 -1.41
N THR F 50 13.61 -5.44 -0.27
CA THR F 50 14.25 -4.15 -0.11
C THR F 50 15.47 -4.02 -1.00
N LEU F 51 16.22 -5.11 -1.19
CA LEU F 51 17.38 -5.04 -2.06
C LEU F 51 16.95 -4.73 -3.52
N TYR F 52 15.80 -5.26 -3.95
CA TYR F 52 15.37 -4.95 -5.32
C TYR F 52 15.38 -3.44 -5.52
N ASN F 53 14.86 -2.70 -4.55
CA ASN F 53 14.83 -1.25 -4.68
C ASN F 53 16.21 -0.63 -4.48
N TYR F 54 16.92 -1.10 -3.46
CA TYR F 54 18.23 -0.59 -3.13
C TYR F 54 19.17 -0.71 -4.35
N ALA F 55 19.25 -1.92 -4.90
CA ALA F 55 20.11 -2.22 -6.04
C ALA F 55 19.54 -1.83 -7.40
N SER F 56 18.64 -0.86 -7.42
CA SER F 56 18.07 -0.42 -8.68
C SER F 56 18.98 0.54 -9.46
N ASN F 57 20.11 0.93 -8.89
CA ASN F 57 21.05 1.79 -9.60
C ASN F 57 22.38 1.06 -9.50
N GLN F 58 23.22 1.21 -10.53
CA GLN F 58 24.49 0.48 -10.58
C GLN F 58 25.46 0.67 -9.42
N ARG F 59 25.57 1.85 -8.84
CA ARG F 59 26.48 2.00 -7.70
C ARG F 59 26.06 1.05 -6.55
N GLU F 60 24.77 1.03 -6.17
CA GLU F 60 24.34 0.14 -5.11
C GLU F 60 24.35 -1.33 -5.54
N GLU F 61 24.06 -1.62 -6.82
CA GLU F 61 24.10 -3.00 -7.29
C GLU F 61 25.56 -3.49 -7.22
N TYR F 62 26.48 -2.56 -7.45
CA TYR F 62 27.89 -2.85 -7.37
C TYR F 62 28.19 -3.31 -5.93
N LEU F 63 27.75 -2.53 -4.94
CA LEU F 63 27.99 -2.86 -3.53
C LEU F 63 27.38 -4.21 -3.14
N LEU F 64 26.20 -4.51 -3.67
CA LEU F 64 25.55 -5.78 -3.38
C LEU F 64 26.41 -6.91 -3.95
N LEU F 65 26.97 -6.68 -5.13
CA LEU F 65 27.82 -7.67 -5.76
C LEU F 65 29.06 -7.91 -4.92
N LYS F 66 29.65 -6.83 -4.40
CA LYS F 66 30.84 -6.98 -3.55
C LYS F 66 30.46 -7.69 -2.25
N LEU F 67 29.27 -7.37 -1.72
CA LEU F 67 28.81 -8.02 -0.49
C LEU F 67 28.68 -9.48 -0.83
N PHE F 68 27.93 -9.81 -1.88
CA PHE F 68 27.78 -11.21 -2.29
C PHE F 68 29.12 -11.92 -2.45
N LYS F 69 30.07 -11.26 -3.11
CA LYS F 69 31.40 -11.84 -3.34
C LYS F 69 32.16 -12.17 -2.07
N THR F 70 32.42 -11.14 -1.24
CA THR F 70 33.19 -11.36 -0.02
C THR F 70 32.54 -12.37 0.91
N ALA F 71 31.22 -12.49 0.85
CA ALA F 71 30.51 -13.44 1.71
C ALA F 71 30.66 -14.85 1.19
N LEU F 72 30.65 -15.00 -0.13
CA LEU F 72 30.80 -16.32 -0.73
C LEU F 72 32.23 -16.79 -0.48
N GLU F 73 33.20 -15.90 -0.68
CA GLU F 73 34.61 -16.25 -0.43
C GLU F 73 34.82 -16.51 1.06
N GLU F 74 34.12 -15.75 1.88
CA GLU F 74 34.19 -15.88 3.33
C GLU F 74 33.69 -17.27 3.70
N GLU F 75 32.67 -17.72 2.98
CA GLU F 75 32.05 -19.03 3.19
C GLU F 75 32.98 -20.14 2.72
N ILE F 76 33.56 -19.96 1.55
CA ILE F 76 34.45 -20.97 0.98
C ILE F 76 35.64 -21.24 1.91
N LYS F 77 36.49 -20.22 2.11
CA LYS F 77 37.65 -20.38 2.97
C LYS F 77 37.23 -20.22 4.42
N SER F 78 36.43 -21.16 4.93
CA SER F 78 35.95 -21.10 6.29
C SER F 78 35.02 -22.25 6.62
N LYS F 79 34.31 -22.74 5.62
CA LYS F 79 33.37 -23.84 5.84
C LYS F 79 33.50 -24.91 4.78
N VAL F 80 34.27 -24.62 3.75
CA VAL F 80 34.48 -25.55 2.66
C VAL F 80 35.81 -26.25 2.84
N ASP F 81 35.77 -27.56 3.03
CA ASP F 81 36.99 -28.34 3.25
C ASP F 81 37.35 -29.30 2.13
N GLN F 82 36.36 -29.85 1.43
CA GLN F 82 36.60 -30.80 0.36
C GLN F 82 35.79 -30.50 -0.90
N VAL F 83 35.68 -29.21 -1.25
CA VAL F 83 34.87 -28.82 -2.41
C VAL F 83 33.52 -29.50 -2.14
N GLN F 84 32.60 -29.47 -3.08
CA GLN F 84 31.30 -30.10 -2.85
C GLN F 84 30.63 -29.56 -1.59
N ASP F 85 31.42 -28.89 -0.74
CA ASP F 85 30.89 -28.32 0.49
C ASP F 85 30.05 -27.08 0.18
N ILE F 86 30.45 -26.33 -0.84
CA ILE F 86 29.70 -25.12 -1.22
C ILE F 86 28.34 -25.51 -1.73
N VAL F 87 28.09 -26.81 -1.86
CA VAL F 87 26.83 -27.31 -2.37
C VAL F 87 26.05 -28.05 -1.29
N THR F 88 26.74 -28.90 -0.55
CA THR F 88 26.10 -29.68 0.50
C THR F 88 25.75 -28.77 1.69
N GLY F 89 26.58 -27.76 1.91
CA GLY F 89 26.39 -26.82 3.00
C GLY F 89 25.21 -25.86 2.85
N ASN F 90 24.70 -25.69 1.63
CA ASN F 90 23.57 -24.81 1.39
C ASN F 90 23.79 -23.38 1.92
N PRO F 91 24.91 -22.75 1.54
CA PRO F 91 25.21 -21.37 1.99
C PRO F 91 24.05 -20.40 1.76
N THR F 92 23.71 -19.61 2.78
CA THR F 92 22.59 -18.69 2.61
C THR F 92 22.91 -17.59 1.62
N VAL F 93 24.19 -17.35 1.36
CA VAL F 93 24.57 -16.34 0.36
C VAL F 93 24.11 -16.80 -1.04
N ILE F 94 24.28 -18.09 -1.34
CA ILE F 94 23.89 -18.60 -2.63
C ILE F 94 22.37 -18.55 -2.76
N LYS F 95 21.68 -18.87 -1.67
CA LYS F 95 20.22 -18.84 -1.62
C LYS F 95 19.71 -17.41 -1.92
N MET F 96 20.40 -16.41 -1.39
CA MET F 96 19.97 -15.04 -1.63
C MET F 96 20.37 -14.58 -3.04
N VAL F 97 21.53 -15.05 -3.52
CA VAL F 97 22.00 -14.68 -4.86
C VAL F 97 21.01 -15.24 -5.89
N VAL F 98 20.59 -16.48 -5.65
CA VAL F 98 19.64 -17.13 -6.53
C VAL F 98 18.31 -16.41 -6.57
N SER F 99 17.75 -16.09 -5.40
CA SER F 99 16.46 -15.40 -5.31
C SER F 99 16.52 -13.98 -5.85
N PHE F 100 17.51 -13.22 -5.42
CA PHE F 100 17.61 -11.86 -5.89
C PHE F 100 17.63 -11.78 -7.42
N ASN F 101 18.28 -12.74 -8.07
CA ASN F 101 18.36 -12.76 -9.53
C ASN F 101 17.10 -13.25 -10.22
N ARG F 102 16.19 -13.85 -9.48
CA ARG F 102 14.95 -14.31 -10.08
C ARG F 102 14.01 -13.16 -10.34
N GLY F 103 13.84 -12.29 -9.35
CA GLY F 103 12.94 -11.17 -9.50
C GLY F 103 13.49 -9.80 -9.23
N ALA F 104 14.75 -9.56 -9.62
CA ALA F 104 15.38 -8.24 -9.44
C ALA F 104 14.52 -7.31 -10.27
N ARG F 105 15.08 -6.60 -11.23
CA ARG F 105 14.18 -5.80 -12.00
C ARG F 105 14.39 -5.81 -13.50
N GLY F 106 15.01 -6.90 -13.94
CA GLY F 106 15.20 -7.17 -15.34
C GLY F 106 14.01 -8.12 -15.46
N GLN F 107 13.39 -8.32 -14.29
CA GLN F 107 12.20 -9.14 -14.06
C GLN F 107 12.05 -10.33 -15.01
N ASN F 108 11.29 -10.11 -16.07
CA ASN F 108 11.03 -11.14 -17.09
C ASN F 108 12.35 -11.69 -17.60
N THR F 109 12.93 -12.63 -16.85
CA THR F 109 14.18 -13.24 -17.25
C THR F 109 13.96 -14.73 -17.43
N LEU F 110 13.46 -15.39 -16.39
CA LEU F 110 13.21 -16.81 -16.50
C LEU F 110 11.89 -17.06 -17.24
N ARG F 111 10.88 -16.22 -17.01
CA ARG F 111 9.63 -16.42 -17.71
C ARG F 111 9.81 -15.92 -19.14
N GLN F 112 10.69 -14.96 -19.33
CA GLN F 112 10.95 -14.46 -20.67
C GLN F 112 12.02 -15.36 -21.26
N LEU F 113 11.94 -16.65 -20.95
CA LEU F 113 12.94 -17.57 -21.46
C LEU F 113 12.47 -19.02 -21.41
N LEU F 114 11.57 -19.31 -20.48
CA LEU F 114 11.05 -20.67 -20.32
C LEU F 114 9.54 -20.73 -20.51
N ALA F 115 8.88 -19.58 -20.44
CA ALA F 115 7.42 -19.55 -20.57
C ALA F 115 6.93 -20.20 -21.87
N PRO F 116 7.48 -19.80 -23.02
CA PRO F 116 7.05 -20.38 -24.30
C PRO F 116 7.06 -21.91 -24.32
N VAL F 117 8.23 -22.49 -24.07
CA VAL F 117 8.36 -23.95 -24.09
C VAL F 117 7.64 -24.63 -22.94
N VAL F 118 7.51 -23.95 -21.81
CA VAL F 118 6.80 -24.52 -20.67
C VAL F 118 5.32 -24.45 -20.96
N LYS F 119 4.90 -23.36 -21.60
CA LYS F 119 3.49 -23.19 -21.94
C LYS F 119 3.10 -24.24 -22.97
N GLU F 120 4.09 -24.72 -23.71
CA GLU F 120 3.89 -25.73 -24.73
C GLU F 120 3.66 -27.11 -24.13
N ILE F 121 4.33 -27.39 -23.03
CA ILE F 121 4.20 -28.68 -22.36
C ILE F 121 2.92 -28.75 -21.52
N ILE F 122 2.55 -27.61 -20.95
CA ILE F 122 1.35 -27.51 -20.12
C ILE F 122 0.09 -27.59 -20.99
N ASP F 123 0.14 -26.96 -22.16
CA ASP F 123 -1.01 -26.92 -23.07
C ASP F 123 -1.37 -28.23 -23.76
N ASP F 124 -0.36 -29.06 -24.06
CA ASP F 124 -0.61 -30.34 -24.72
C ASP F 124 -1.51 -31.18 -23.81
N LYS F 125 -2.82 -31.07 -24.01
CA LYS F 125 -3.78 -31.81 -23.21
C LYS F 125 -3.69 -33.33 -23.35
N SER F 126 -2.77 -33.80 -24.19
CA SER F 126 -2.64 -35.25 -24.40
C SER F 126 -1.34 -35.81 -23.83
N LEU F 127 -0.31 -34.98 -23.76
CA LEU F 127 0.98 -35.42 -23.25
C LEU F 127 0.89 -36.04 -21.88
N ILE F 128 1.46 -37.24 -21.74
CA ILE F 128 1.46 -37.97 -20.48
C ILE F 128 2.75 -38.77 -20.33
N ILE F 129 3.87 -38.08 -20.15
CA ILE F 129 5.16 -38.76 -20.00
C ILE F 129 5.20 -39.44 -18.64
N ASN F 130 5.71 -40.66 -18.60
CA ASN F 130 5.79 -41.40 -17.35
C ASN F 130 6.87 -42.45 -17.48
N THR F 131 8.04 -42.16 -16.92
CA THR F 131 9.17 -43.06 -16.97
C THR F 131 9.15 -44.14 -15.89
N ASN F 132 7.97 -44.41 -15.33
CA ASN F 132 7.88 -45.41 -14.28
C ASN F 132 7.02 -46.61 -14.67
N PRO F 133 7.68 -47.72 -15.04
CA PRO F 133 7.04 -48.97 -15.45
C PRO F 133 5.85 -49.36 -14.59
N VAL F 134 6.12 -49.69 -13.33
CA VAL F 134 5.08 -50.11 -12.39
C VAL F 134 3.89 -49.17 -12.43
N GLU F 135 4.17 -47.88 -12.53
CA GLU F 135 3.09 -46.89 -12.58
C GLU F 135 2.36 -47.03 -13.91
N VAL F 136 3.12 -47.20 -15.00
CA VAL F 136 2.53 -47.35 -16.32
C VAL F 136 1.73 -48.65 -16.34
N TYR F 137 2.35 -49.71 -15.87
CA TYR F 137 1.71 -51.02 -15.80
C TYR F 137 0.36 -50.87 -15.10
N LYS F 138 0.40 -50.44 -13.84
CA LYS F 138 -0.82 -50.24 -13.05
C LYS F 138 -1.80 -49.34 -13.78
N ALA F 139 -1.26 -48.41 -14.57
CA ALA F 139 -2.10 -47.47 -15.32
C ALA F 139 -2.76 -48.14 -16.52
N TRP F 140 -2.11 -49.19 -17.04
CA TRP F 140 -2.66 -49.89 -18.20
C TRP F 140 -3.97 -50.60 -17.89
N VAL F 141 -4.12 -51.81 -18.42
CA VAL F 141 -5.33 -52.60 -18.22
C VAL F 141 -5.77 -52.56 -16.76
N ASN F 142 -4.79 -52.43 -15.87
CA ASN F 142 -5.07 -52.35 -14.44
C ASN F 142 -5.96 -51.13 -14.20
N GLN F 143 -6.11 -50.32 -15.25
CA GLN F 143 -6.93 -49.12 -15.21
C GLN F 143 -7.70 -48.96 -16.51
N LEU F 144 -7.38 -49.79 -17.50
CA LEU F 144 -8.05 -49.74 -18.78
C LEU F 144 -9.07 -50.88 -18.88
N GLU F 145 -8.90 -51.89 -18.04
CA GLU F 145 -9.82 -53.01 -18.03
C GLU F 145 -11.13 -52.53 -17.42
N THR F 146 -11.23 -51.22 -17.24
CA THR F 146 -12.43 -50.61 -16.67
C THR F 146 -13.59 -50.82 -17.65
N GLN F 147 -13.33 -50.49 -18.91
CA GLN F 147 -14.32 -50.64 -19.98
C GLN F 147 -14.07 -52.00 -20.63
N THR F 148 -13.91 -53.01 -19.79
CA THR F 148 -13.62 -54.35 -20.27
C THR F 148 -14.20 -55.42 -19.35
N GLY F 149 -14.32 -55.09 -18.07
CA GLY F 149 -14.83 -56.04 -17.11
C GLY F 149 -13.72 -56.93 -16.61
N GLU F 150 -14.07 -57.97 -15.86
CA GLU F 150 -13.09 -58.90 -15.30
C GLU F 150 -12.17 -58.19 -14.31
N ALA F 151 -12.49 -56.94 -14.04
CA ALA F 151 -11.72 -56.10 -13.11
C ALA F 151 -10.27 -56.00 -13.58
N SER F 152 -9.48 -57.00 -13.24
CA SER F 152 -8.07 -57.06 -13.61
C SER F 152 -7.51 -58.44 -13.24
N LYS F 153 -7.92 -59.44 -14.00
CA LYS F 153 -7.49 -60.82 -13.79
C LYS F 153 -5.98 -61.00 -13.69
N LEU F 154 -5.23 -59.94 -13.94
CA LEU F 154 -3.78 -59.97 -13.88
C LEU F 154 -3.28 -59.74 -12.46
N PRO F 155 -1.98 -59.97 -12.23
CA PRO F 155 -1.39 -59.77 -10.90
C PRO F 155 -1.31 -58.27 -10.59
N TYR F 156 -2.26 -57.75 -9.82
CA TYR F 156 -2.27 -56.34 -9.48
C TYR F 156 -1.01 -55.99 -8.69
N ASP F 157 -0.44 -54.81 -8.94
CA ASP F 157 0.77 -54.38 -8.26
C ASP F 157 1.90 -55.40 -8.49
N VAL F 158 2.74 -55.13 -9.47
CA VAL F 158 3.85 -56.02 -9.79
C VAL F 158 5.16 -55.26 -9.60
N THR F 159 6.29 -55.94 -9.77
CA THR F 159 7.58 -55.28 -9.60
C THR F 159 7.93 -54.41 -10.80
N THR F 160 9.22 -54.14 -10.98
CA THR F 160 9.69 -53.32 -12.09
C THR F 160 10.13 -54.22 -13.24
N GLU F 161 10.91 -55.24 -12.90
CA GLU F 161 11.43 -56.19 -13.88
C GLU F 161 10.34 -56.92 -14.66
N GLN F 162 9.23 -57.21 -13.99
CA GLN F 162 8.12 -57.93 -14.62
C GLN F 162 7.02 -57.06 -15.22
N ALA F 163 7.07 -55.76 -14.98
CA ALA F 163 6.08 -54.87 -15.55
C ALA F 163 6.41 -54.82 -17.04
N LEU F 164 7.69 -55.06 -17.36
CA LEU F 164 8.19 -55.05 -18.73
C LEU F 164 7.97 -56.39 -19.42
N THR F 165 7.21 -57.27 -18.78
CA THR F 165 6.90 -58.57 -19.34
C THR F 165 5.90 -58.32 -20.45
N TYR F 166 4.98 -57.41 -20.16
CA TYR F 166 3.92 -57.03 -21.09
C TYR F 166 4.43 -56.02 -22.11
N PRO F 167 4.62 -56.45 -23.36
CA PRO F 167 5.11 -55.58 -24.43
C PRO F 167 4.27 -54.31 -24.54
N GLU F 168 2.99 -54.41 -24.22
CA GLU F 168 2.10 -53.25 -24.26
C GLU F 168 2.67 -52.16 -23.36
N VAL F 169 3.00 -52.55 -22.12
CA VAL F 169 3.55 -51.63 -21.15
C VAL F 169 4.94 -51.15 -21.60
N LYS F 170 5.70 -52.02 -22.22
CA LYS F 170 7.03 -51.65 -22.69
C LYS F 170 6.92 -50.67 -23.84
N ASN F 171 5.72 -50.52 -24.39
CA ASN F 171 5.49 -49.60 -25.51
C ASN F 171 5.15 -48.18 -25.06
N LYS F 172 4.29 -48.07 -24.05
CA LYS F 172 3.92 -46.77 -23.54
C LYS F 172 5.21 -46.10 -23.10
N LEU F 173 6.05 -46.86 -22.39
CA LEU F 173 7.34 -46.37 -21.92
C LEU F 173 8.15 -45.91 -23.13
N GLU F 174 8.20 -46.75 -24.16
CA GLU F 174 8.92 -46.44 -25.39
C GLU F 174 8.54 -45.05 -25.92
N ALA F 175 7.24 -44.82 -26.01
CA ALA F 175 6.72 -43.54 -26.50
C ALA F 175 7.10 -42.41 -25.55
N SER F 176 6.79 -42.59 -24.27
CA SER F 176 7.10 -41.59 -23.26
C SER F 176 8.56 -41.17 -23.38
N ILE F 177 9.43 -42.15 -23.58
CA ILE F 177 10.87 -41.88 -23.73
C ILE F 177 11.12 -41.01 -24.97
N GLU F 178 10.27 -41.19 -25.98
CA GLU F 178 10.39 -40.41 -27.21
C GLU F 178 9.86 -39.01 -26.93
N ASN F 179 8.66 -38.96 -26.37
CA ASN F 179 8.02 -37.70 -26.01
C ASN F 179 8.99 -36.89 -25.20
N LEU F 180 9.36 -37.43 -24.04
CA LEU F 180 10.27 -36.78 -23.13
C LEU F 180 11.48 -36.15 -23.82
N ARG F 181 12.18 -36.91 -24.65
CA ARG F 181 13.37 -36.40 -25.34
C ARG F 181 13.05 -35.24 -26.28
N ARG F 182 11.85 -35.24 -26.82
CA ARG F 182 11.42 -34.17 -27.73
C ARG F 182 11.21 -32.89 -26.93
N VAL F 183 10.38 -32.99 -25.89
CA VAL F 183 10.05 -31.87 -25.02
C VAL F 183 11.29 -31.31 -24.35
N THR F 184 12.15 -32.21 -23.90
CA THR F 184 13.37 -31.84 -23.23
C THR F 184 14.32 -31.04 -24.09
N ASP F 185 14.42 -31.43 -25.37
CA ASP F 185 15.31 -30.76 -26.29
C ASP F 185 14.81 -29.35 -26.54
N LYS F 186 13.50 -29.17 -26.49
CA LYS F 186 12.94 -27.83 -26.70
C LYS F 186 13.42 -26.92 -25.57
N VAL F 187 13.28 -27.41 -24.35
CA VAL F 187 13.71 -26.67 -23.16
C VAL F 187 15.20 -26.36 -23.25
N LEU F 188 16.00 -27.41 -23.40
CA LEU F 188 17.46 -27.27 -23.48
C LEU F 188 17.92 -26.25 -24.52
N ASN F 189 17.23 -26.17 -25.64
CA ASN F 189 17.63 -25.23 -26.68
C ASN F 189 17.27 -23.80 -26.30
N SER F 190 16.18 -23.63 -25.55
CA SER F 190 15.78 -22.29 -25.12
C SER F 190 16.88 -21.78 -24.20
N ILE F 191 17.33 -22.67 -23.31
CA ILE F 191 18.36 -22.33 -22.35
C ILE F 191 19.72 -22.09 -22.99
N ILE F 192 20.27 -23.12 -23.62
CA ILE F 192 21.59 -23.03 -24.24
C ILE F 192 21.78 -21.87 -25.22
N SER F 193 20.75 -21.54 -25.97
CA SER F 193 20.85 -20.45 -26.95
C SER F 193 20.69 -19.06 -26.35
N SER F 194 20.22 -19.00 -25.11
CA SER F 194 20.00 -17.72 -24.45
C SER F 194 20.90 -17.41 -23.25
N LEU F 195 22.19 -17.73 -23.38
CA LEU F 195 23.14 -17.46 -22.30
C LEU F 195 23.29 -15.95 -22.11
N ASP F 196 23.20 -15.22 -23.20
CA ASP F 196 23.35 -13.78 -23.14
C ASP F 196 22.19 -13.07 -22.44
N LEU F 197 21.12 -13.82 -22.16
CA LEU F 197 19.95 -13.25 -21.48
C LEU F 197 20.05 -13.38 -19.97
N LEU F 198 21.00 -14.19 -19.50
CA LEU F 198 21.20 -14.38 -18.08
C LEU F 198 21.68 -13.06 -17.46
N PRO F 199 21.35 -12.84 -16.19
CA PRO F 199 21.73 -11.64 -15.45
C PRO F 199 23.24 -11.52 -15.20
N TYR F 200 23.81 -10.35 -15.50
CA TYR F 200 25.22 -10.13 -15.28
C TYR F 200 25.59 -10.61 -13.88
N GLY F 201 24.87 -10.07 -12.89
CA GLY F 201 25.11 -10.41 -11.49
C GLY F 201 25.17 -11.88 -11.21
N LEU F 202 24.25 -12.63 -11.78
CA LEU F 202 24.24 -14.08 -11.56
C LEU F 202 25.48 -14.67 -12.20
N ARG F 203 25.83 -14.21 -13.40
CA ARG F 203 26.99 -14.72 -14.10
C ARG F 203 28.25 -14.44 -13.30
N TYR F 204 28.36 -13.22 -12.81
CA TYR F 204 29.52 -12.81 -12.03
C TYR F 204 29.77 -13.62 -10.75
N ILE F 205 28.70 -14.01 -10.07
CA ILE F 205 28.85 -14.79 -8.85
C ILE F 205 29.28 -16.19 -9.24
N ALA F 206 28.80 -16.67 -10.39
CA ALA F 206 29.18 -18.00 -10.86
C ALA F 206 30.70 -17.96 -11.08
N LYS F 207 31.17 -16.84 -11.61
CA LYS F 207 32.59 -16.66 -11.84
C LYS F 207 33.32 -16.68 -10.48
N VAL F 208 32.96 -15.75 -9.60
CA VAL F 208 33.56 -15.65 -8.27
C VAL F 208 33.53 -17.02 -7.62
N LEU F 209 32.41 -17.73 -7.79
CA LEU F 209 32.27 -19.05 -7.22
C LEU F 209 33.42 -19.94 -7.68
N LYS F 210 33.47 -20.15 -8.99
CA LYS F 210 34.48 -20.99 -9.63
C LYS F 210 35.92 -20.58 -9.30
N ASN F 211 36.23 -19.31 -9.49
CA ASN F 211 37.58 -18.81 -9.22
C ASN F 211 37.95 -18.94 -7.76
N SER F 212 36.95 -19.11 -6.90
CA SER F 212 37.22 -19.21 -5.47
C SER F 212 37.48 -20.65 -5.04
N ILE F 213 36.65 -21.58 -5.51
CA ILE F 213 36.85 -22.96 -5.17
C ILE F 213 38.20 -23.38 -5.74
N HIS F 214 38.47 -22.95 -6.96
CA HIS F 214 39.73 -23.30 -7.63
C HIS F 214 40.95 -22.74 -6.94
N GLU F 215 40.83 -21.57 -6.32
CA GLU F 215 41.95 -20.96 -5.64
C GLU F 215 42.28 -21.75 -4.39
N LYS F 216 41.24 -22.29 -3.75
CA LYS F 216 41.41 -23.07 -2.53
C LYS F 216 41.69 -24.54 -2.83
N PHE F 217 41.21 -25.03 -3.97
CA PHE F 217 41.45 -26.42 -4.36
C PHE F 217 42.01 -26.53 -5.78
N PRO F 218 43.31 -26.20 -5.96
CA PRO F 218 43.95 -26.27 -7.29
C PRO F 218 43.87 -27.66 -7.93
N ASP F 219 43.68 -28.69 -7.11
CA ASP F 219 43.61 -30.06 -7.63
C ASP F 219 42.21 -30.40 -8.16
N ALA F 220 41.37 -29.38 -8.30
CA ALA F 220 40.03 -29.57 -8.82
C ALA F 220 40.09 -29.38 -10.34
N THR F 221 39.45 -30.29 -11.07
CA THR F 221 39.46 -30.23 -12.53
C THR F 221 38.29 -29.42 -13.11
N GLU F 222 38.51 -28.91 -14.31
CA GLU F 222 37.52 -28.12 -15.04
C GLU F 222 36.17 -28.81 -14.89
N ASP F 223 36.17 -30.13 -15.00
CA ASP F 223 34.96 -30.92 -14.89
C ASP F 223 34.24 -30.76 -13.55
N GLU F 224 35.01 -30.86 -12.46
CA GLU F 224 34.45 -30.73 -11.13
C GLU F 224 33.94 -29.31 -10.90
N LEU F 225 34.77 -28.32 -11.21
CA LEU F 225 34.40 -26.91 -11.05
C LEU F 225 33.08 -26.62 -11.75
N LEU F 226 33.02 -26.89 -13.05
CA LEU F 226 31.83 -26.64 -13.84
C LEU F 226 30.59 -27.39 -13.38
N LYS F 227 30.78 -28.42 -12.56
CA LYS F 227 29.61 -29.15 -12.07
C LYS F 227 29.03 -28.34 -10.91
N ILE F 228 29.91 -27.62 -10.21
CA ILE F 228 29.48 -26.78 -9.09
C ILE F 228 28.79 -25.56 -9.70
N VAL F 229 29.44 -24.96 -10.70
CA VAL F 229 28.90 -23.79 -11.39
C VAL F 229 27.54 -24.14 -12.03
N GLY F 230 27.41 -25.40 -12.44
CA GLY F 230 26.16 -25.82 -13.04
C GLY F 230 25.10 -26.00 -11.97
N ASN F 231 25.53 -26.33 -10.76
CA ASN F 231 24.61 -26.50 -9.64
C ASN F 231 23.89 -25.18 -9.39
N LEU F 232 24.68 -24.10 -9.40
CA LEU F 232 24.18 -22.74 -9.18
C LEU F 232 23.22 -22.32 -10.29
N LEU F 233 23.73 -22.30 -11.52
CA LEU F 233 22.95 -21.89 -12.69
C LEU F 233 21.79 -22.79 -13.09
N TYR F 234 21.97 -24.11 -13.04
CA TYR F 234 20.88 -24.99 -13.44
C TYR F 234 19.99 -25.58 -12.35
N TYR F 235 20.54 -26.43 -11.49
CA TYR F 235 19.70 -27.06 -10.45
C TYR F 235 19.11 -26.09 -9.43
N ARG F 236 19.85 -25.05 -9.12
CA ARG F 236 19.41 -24.07 -8.15
C ARG F 236 18.58 -22.96 -8.79
N TYR F 237 19.15 -22.30 -9.79
CA TYR F 237 18.49 -21.19 -10.46
C TYR F 237 17.29 -21.48 -11.35
N MET F 238 17.46 -22.16 -12.48
CA MET F 238 16.33 -22.40 -13.38
C MET F 238 15.57 -23.72 -13.35
N ASN F 239 16.17 -24.77 -12.84
CA ASN F 239 15.46 -26.05 -12.81
C ASN F 239 14.16 -25.96 -12.00
N PRO F 240 14.16 -25.22 -10.88
CA PRO F 240 12.94 -25.11 -10.06
C PRO F 240 11.82 -24.40 -10.81
N ALA F 241 12.18 -23.54 -11.74
CA ALA F 241 11.19 -22.80 -12.50
C ALA F 241 10.56 -23.68 -13.56
N ILE F 242 11.32 -24.69 -13.99
CA ILE F 242 10.83 -25.63 -14.98
C ILE F 242 9.80 -26.57 -14.33
N VAL F 243 10.12 -27.03 -13.11
CA VAL F 243 9.24 -27.94 -12.38
C VAL F 243 8.05 -27.25 -11.74
N ALA F 244 8.24 -26.00 -11.36
CA ALA F 244 7.16 -25.26 -10.73
C ALA F 244 6.96 -23.91 -11.36
N PRO F 245 6.54 -23.89 -12.65
CA PRO F 245 6.33 -22.61 -13.33
C PRO F 245 5.21 -21.79 -12.67
N ASP F 246 4.31 -22.47 -11.97
CA ASP F 246 3.20 -21.78 -11.30
C ASP F 246 3.69 -21.14 -10.00
N GLY F 247 4.68 -21.77 -9.38
CA GLY F 247 5.23 -21.24 -8.15
C GLY F 247 6.21 -20.09 -8.40
N PHE F 248 7.04 -20.21 -9.43
CA PHE F 248 8.02 -19.17 -9.69
C PHE F 248 7.57 -18.17 -10.75
N ASP F 249 6.26 -18.11 -10.93
CA ASP F 249 5.62 -17.19 -11.88
C ASP F 249 6.22 -17.18 -13.28
N ILE F 250 6.27 -18.35 -13.91
CA ILE F 250 6.78 -18.44 -15.27
C ILE F 250 5.58 -18.31 -16.20
N ILE F 251 4.45 -18.82 -15.74
CA ILE F 251 3.21 -18.77 -16.50
C ILE F 251 2.14 -18.13 -15.61
N ASP F 252 1.56 -17.04 -16.07
CA ASP F 252 0.55 -16.37 -15.27
C ASP F 252 -0.59 -17.35 -14.99
N MET F 253 -1.00 -17.41 -13.73
CA MET F 253 -2.07 -18.31 -13.30
C MET F 253 -3.42 -17.61 -13.17
N THR F 254 -4.19 -17.61 -14.25
CA THR F 254 -5.51 -17.00 -14.23
C THR F 254 -6.44 -17.84 -13.38
N ALA F 255 -7.06 -17.22 -12.38
CA ALA F 255 -7.97 -17.88 -11.46
C ALA F 255 -8.73 -19.02 -12.15
N GLY F 256 -8.36 -20.25 -11.83
CA GLY F 256 -9.02 -21.39 -12.42
C GLY F 256 -8.56 -22.69 -11.78
N GLY F 257 -7.47 -23.24 -12.31
CA GLY F 257 -6.95 -24.48 -11.76
C GLY F 257 -5.44 -24.53 -11.81
N GLN F 258 -4.85 -25.28 -10.89
CA GLN F 258 -3.41 -25.41 -10.84
C GLN F 258 -2.97 -26.62 -11.66
N ILE F 259 -1.66 -26.75 -11.85
CA ILE F 259 -1.06 -27.83 -12.62
C ILE F 259 -1.56 -29.24 -12.24
N ASN F 260 -1.86 -30.04 -13.27
CA ASN F 260 -2.33 -31.41 -13.07
C ASN F 260 -1.15 -32.30 -12.71
N SER F 261 -1.44 -33.44 -12.11
CA SER F 261 -0.40 -34.40 -11.72
C SER F 261 0.35 -34.82 -12.98
N ASP F 262 -0.36 -34.83 -14.09
CA ASP F 262 0.20 -35.22 -15.38
C ASP F 262 1.17 -34.16 -15.84
N GLN F 263 0.77 -32.90 -15.68
CA GLN F 263 1.61 -31.78 -16.08
C GLN F 263 2.85 -31.74 -15.18
N ARG F 264 2.66 -32.08 -13.91
CA ARG F 264 3.77 -32.11 -12.95
C ARG F 264 4.76 -33.18 -13.38
N ARG F 265 4.25 -34.40 -13.48
CA ARG F 265 5.05 -35.55 -13.87
C ARG F 265 5.81 -35.27 -15.17
N ASN F 266 5.17 -34.50 -16.04
CA ASN F 266 5.77 -34.14 -17.33
C ASN F 266 6.97 -33.24 -17.11
N LEU F 267 6.72 -32.05 -16.52
CA LEU F 267 7.77 -31.08 -16.24
C LEU F 267 8.84 -31.69 -15.33
N GLY F 268 8.39 -32.47 -14.34
CA GLY F 268 9.30 -33.12 -13.43
C GLY F 268 10.26 -34.07 -14.14
N SER F 269 9.73 -34.79 -15.13
CA SER F 269 10.55 -35.72 -15.90
C SER F 269 11.61 -34.96 -16.70
N VAL F 270 11.24 -33.81 -17.25
CA VAL F 270 12.21 -33.03 -18.01
C VAL F 270 13.35 -32.61 -17.09
N ALA F 271 13.00 -32.16 -15.88
CA ALA F 271 14.01 -31.72 -14.91
C ALA F 271 14.94 -32.87 -14.53
N LYS F 272 14.37 -34.04 -14.31
CA LYS F 272 15.18 -35.20 -13.98
C LYS F 272 16.21 -35.41 -15.11
N VAL F 273 15.71 -35.52 -16.33
CA VAL F 273 16.58 -35.72 -17.49
C VAL F 273 17.69 -34.68 -17.56
N LEU F 274 17.33 -33.40 -17.50
CA LEU F 274 18.31 -32.31 -17.58
C LEU F 274 19.29 -32.22 -16.41
N GLN F 275 18.85 -32.65 -15.23
CA GLN F 275 19.69 -32.64 -14.04
C GLN F 275 20.84 -33.58 -14.33
N HIS F 276 20.47 -34.80 -14.69
CA HIS F 276 21.44 -35.85 -15.02
C HIS F 276 22.42 -35.34 -16.06
N ALA F 277 21.90 -34.72 -17.11
CA ALA F 277 22.74 -34.21 -18.19
C ALA F 277 23.77 -33.20 -17.70
N ALA F 278 23.32 -32.24 -16.89
CA ALA F 278 24.20 -31.20 -16.35
C ALA F 278 25.19 -31.80 -15.35
N SER F 279 24.75 -32.83 -14.64
CA SER F 279 25.61 -33.49 -13.65
C SER F 279 26.36 -34.70 -14.24
N ASN F 280 26.31 -34.84 -15.57
CA ASN F 280 26.99 -35.92 -16.29
C ASN F 280 26.72 -37.32 -15.72
N LYS F 281 25.46 -37.60 -15.41
CA LYS F 281 25.07 -38.88 -14.83
C LYS F 281 24.12 -39.66 -15.72
N LEU F 282 24.63 -40.75 -16.28
CA LEU F 282 23.85 -41.60 -17.17
C LEU F 282 22.83 -42.43 -16.38
N PHE F 283 21.75 -42.85 -17.03
CA PHE F 283 20.74 -43.68 -16.37
C PHE F 283 21.28 -45.10 -16.27
N GLU F 284 20.97 -45.78 -15.16
CA GLU F 284 21.44 -47.15 -14.93
C GLU F 284 20.93 -47.68 -13.60
N GLY F 285 21.24 -48.94 -13.30
CA GLY F 285 20.79 -49.55 -12.05
C GLY F 285 19.46 -49.01 -11.57
N GLU F 286 18.38 -49.74 -11.87
CA GLU F 286 17.03 -49.35 -11.49
C GLU F 286 16.46 -48.36 -12.48
N ASN F 287 17.36 -47.60 -13.11
CA ASN F 287 16.97 -46.62 -14.12
C ASN F 287 17.50 -47.12 -15.47
N GLU F 288 17.72 -48.43 -15.54
CA GLU F 288 18.22 -49.07 -16.76
C GLU F 288 17.26 -48.92 -17.92
N HIS F 289 15.96 -48.98 -17.64
CA HIS F 289 14.96 -48.89 -18.69
C HIS F 289 14.96 -47.56 -19.45
N LEU F 290 15.76 -46.60 -18.98
CA LEU F 290 15.87 -45.29 -19.63
C LEU F 290 17.25 -45.14 -20.26
N SER F 291 18.04 -46.20 -20.18
CA SER F 291 19.40 -46.20 -20.72
C SER F 291 19.53 -45.75 -22.17
N SER F 292 18.47 -45.90 -22.95
CA SER F 292 18.50 -45.51 -24.35
C SER F 292 18.87 -44.03 -24.50
N MET F 293 18.56 -43.23 -23.48
CA MET F 293 18.83 -41.81 -23.51
C MET F 293 20.27 -41.45 -23.17
N ASN F 294 21.01 -42.40 -22.62
CA ASN F 294 22.39 -42.15 -22.22
C ASN F 294 23.23 -41.47 -23.29
N ASN F 295 22.86 -41.69 -24.54
CA ASN F 295 23.60 -41.06 -25.64
C ASN F 295 23.22 -39.59 -25.66
N TYR F 296 21.92 -39.33 -25.52
CA TYR F 296 21.41 -37.96 -25.50
C TYR F 296 22.00 -37.22 -24.31
N LEU F 297 21.95 -37.85 -23.14
CA LEU F 297 22.48 -37.26 -21.93
C LEU F 297 23.91 -36.79 -22.10
N SER F 298 24.74 -37.61 -22.74
CA SER F 298 26.15 -37.26 -22.91
C SER F 298 26.41 -36.10 -23.87
N GLU F 299 25.49 -35.87 -24.80
CA GLU F 299 25.65 -34.77 -25.75
C GLU F 299 25.14 -33.52 -25.08
N THR F 300 24.04 -33.67 -24.35
CA THR F 300 23.43 -32.56 -23.64
C THR F 300 24.40 -32.04 -22.60
N TYR F 301 25.09 -32.96 -21.92
CA TYR F 301 26.09 -32.57 -20.92
C TYR F 301 27.14 -31.70 -21.59
N GLN F 302 27.69 -32.20 -22.69
CA GLN F 302 28.72 -31.46 -23.42
C GLN F 302 28.26 -30.05 -23.81
N GLU F 303 26.96 -29.88 -23.98
CA GLU F 303 26.42 -28.57 -24.33
C GLU F 303 26.35 -27.73 -23.06
N PHE F 304 25.81 -28.36 -22.01
CA PHE F 304 25.67 -27.74 -20.69
C PHE F 304 27.05 -27.28 -20.21
N ARG F 305 28.02 -28.17 -20.34
CA ARG F 305 29.40 -27.92 -19.94
C ARG F 305 29.93 -26.66 -20.62
N LYS F 306 29.72 -26.56 -21.93
CA LYS F 306 30.19 -25.41 -22.69
C LYS F 306 29.52 -24.13 -22.17
N TYR F 307 28.21 -24.25 -21.96
CA TYR F 307 27.35 -23.17 -21.45
C TYR F 307 27.91 -22.64 -20.12
N PHE F 308 27.97 -23.52 -19.13
CA PHE F 308 28.49 -23.21 -17.80
C PHE F 308 29.86 -22.52 -17.88
N LYS F 309 30.75 -23.06 -18.70
CA LYS F 309 32.08 -22.47 -18.82
C LYS F 309 32.03 -21.05 -19.35
N GLU F 310 31.10 -20.81 -20.27
CA GLU F 310 30.97 -19.47 -20.85
C GLU F 310 30.27 -18.51 -19.90
N ALA F 311 29.40 -19.04 -19.05
CA ALA F 311 28.69 -18.22 -18.08
C ALA F 311 29.68 -17.37 -17.26
N CYS F 312 30.81 -17.99 -16.87
CA CYS F 312 31.84 -17.31 -16.09
C CYS F 312 32.63 -16.25 -16.87
N ASN F 313 32.51 -16.28 -18.19
CA ASN F 313 33.20 -15.34 -19.06
C ASN F 313 32.59 -13.95 -18.93
N VAL F 314 32.97 -13.21 -17.91
CA VAL F 314 32.37 -11.90 -17.75
C VAL F 314 33.28 -10.97 -16.94
N PRO F 315 33.30 -9.67 -17.24
CA PRO F 315 34.12 -8.66 -16.57
C PRO F 315 33.84 -8.43 -15.07
N GLU F 316 34.74 -7.70 -14.42
CA GLU F 316 34.56 -7.41 -13.03
C GLU F 316 33.61 -6.23 -12.95
N PRO F 317 32.77 -6.18 -11.90
CA PRO F 317 31.79 -5.10 -11.72
C PRO F 317 32.41 -3.71 -11.85
N GLU F 318 33.65 -3.56 -11.37
CA GLU F 318 34.37 -2.28 -11.47
C GLU F 318 34.42 -1.86 -12.92
N GLU F 319 34.63 -2.83 -13.81
CA GLU F 319 34.73 -2.60 -15.24
C GLU F 319 33.38 -2.63 -15.91
N LYS F 320 32.59 -3.66 -15.60
CA LYS F 320 31.25 -3.83 -16.17
C LYS F 320 30.45 -2.53 -16.04
N PHE F 321 30.43 -1.92 -14.84
CA PHE F 321 29.75 -0.64 -14.69
C PHE F 321 30.98 0.27 -14.57
N ASN F 322 31.02 1.40 -15.27
CA ASN F 322 32.20 2.24 -15.14
C ASN F 322 32.18 2.93 -13.78
N MET F 323 32.55 2.15 -12.75
CA MET F 323 32.53 2.63 -11.37
C MET F 323 33.34 3.89 -11.10
N ASP F 324 34.21 4.24 -12.04
CA ASP F 324 35.03 5.43 -11.91
C ASP F 324 34.16 6.69 -11.90
N LYS F 325 33.00 6.66 -12.56
CA LYS F 325 32.15 7.83 -12.58
C LYS F 325 31.67 8.13 -11.15
N TYR F 326 31.82 7.14 -10.26
CA TYR F 326 31.42 7.25 -8.86
C TYR F 326 32.59 7.48 -7.88
N THR F 327 33.63 6.66 -7.99
CA THR F 327 34.81 6.73 -7.10
C THR F 327 35.63 8.02 -7.16
N ASP F 328 35.53 8.76 -8.25
CA ASP F 328 36.30 9.99 -8.37
C ASP F 328 35.49 11.23 -8.03
N LEU F 329 34.38 11.02 -7.32
CA LEU F 329 33.47 12.09 -6.92
C LEU F 329 33.72 12.65 -5.53
N VAL F 330 33.30 13.90 -5.33
CA VAL F 330 33.39 14.56 -4.03
C VAL F 330 32.00 14.29 -3.37
N THR F 331 31.97 13.38 -2.41
CA THR F 331 30.72 13.02 -1.74
C THR F 331 30.41 13.75 -0.44
N VAL F 332 29.17 13.56 0.02
CA VAL F 332 28.68 14.12 1.27
C VAL F 332 27.83 13.05 1.95
N SER F 333 27.78 13.08 3.28
CA SER F 333 26.97 12.14 4.05
C SER F 333 26.11 12.92 5.05
N LYS F 334 25.03 13.51 4.56
CA LYS F 334 24.15 14.26 5.44
C LYS F 334 23.43 13.28 6.37
N PRO F 335 23.03 13.74 7.57
CA PRO F 335 22.33 12.91 8.55
C PRO F 335 21.07 12.23 8.03
N VAL F 336 20.95 10.94 8.31
CA VAL F 336 19.82 10.14 7.87
C VAL F 336 18.59 10.13 8.81
N ILE F 337 17.44 10.41 8.21
CA ILE F 337 16.16 10.40 8.92
C ILE F 337 15.52 9.10 8.52
N TYR F 338 15.01 8.34 9.48
CA TYR F 338 14.36 7.08 9.14
C TYR F 338 13.09 6.89 9.99
N ILE F 339 12.24 5.99 9.52
CA ILE F 339 10.98 5.66 10.21
C ILE F 339 11.29 4.63 11.28
N SER F 340 10.90 4.92 12.52
CA SER F 340 11.16 4.02 13.65
C SER F 340 9.94 3.60 14.43
N ILE F 341 10.07 2.46 15.11
CA ILE F 341 9.03 1.92 15.97
C ILE F 341 9.41 2.36 17.41
N GLU F 342 8.44 2.89 18.16
CA GLU F 342 8.67 3.36 19.51
C GLU F 342 7.66 2.76 20.49
N GLU F 343 8.03 2.68 21.77
CA GLU F 343 7.14 2.14 22.81
C GLU F 343 6.84 3.30 23.76
N ILE F 344 5.69 3.25 24.42
CA ILE F 344 5.40 4.30 25.39
C ILE F 344 5.68 3.71 26.77
N ILE F 345 6.43 4.45 27.59
CA ILE F 345 6.81 4.03 28.95
C ILE F 345 5.72 3.28 29.73
N SER F 346 4.56 3.94 29.91
CA SER F 346 3.40 3.41 30.65
C SER F 346 3.44 3.92 32.09
N THR F 347 2.46 4.76 32.44
CA THR F 347 2.35 5.34 33.78
C THR F 347 1.91 4.28 34.78
N HIS F 348 2.54 4.28 35.96
CA HIS F 348 2.20 3.34 37.03
C HIS F 348 0.71 3.43 37.36
N SER F 349 0.05 2.29 37.49
CA SER F 349 -1.38 2.23 37.81
C SER F 349 -1.74 3.23 38.92
N LEU F 350 -0.87 3.33 39.91
CA LEU F 350 -1.02 4.23 41.05
C LEU F 350 -1.35 5.68 40.65
N LEU F 351 -0.77 6.15 39.55
CA LEU F 351 -1.05 7.50 39.09
C LEU F 351 -2.22 7.52 38.10
N LEU F 352 -2.55 6.37 37.53
CA LEU F 352 -3.65 6.32 36.60
C LEU F 352 -4.96 6.22 37.36
N GLU F 353 -4.90 5.61 38.54
CA GLU F 353 -6.07 5.44 39.39
C GLU F 353 -6.57 6.83 39.82
N HIS F 354 -5.68 7.81 39.73
CA HIS F 354 -5.98 9.17 40.14
C HIS F 354 -5.79 10.21 39.07
N GLN F 355 -5.96 9.82 37.81
CA GLN F 355 -5.80 10.79 36.73
C GLN F 355 -6.91 11.84 36.69
N ASP F 356 -7.93 11.65 37.51
CA ASP F 356 -9.00 12.63 37.59
C ASP F 356 -8.49 13.84 38.36
N ALA F 357 -7.60 13.59 39.34
CA ALA F 357 -7.02 14.66 40.16
C ALA F 357 -5.69 15.13 39.60
N ILE F 358 -4.84 14.15 39.25
CA ILE F 358 -3.53 14.49 38.71
C ILE F 358 -3.73 14.94 37.26
N ALA F 359 -3.81 14.01 36.30
CA ALA F 359 -4.05 14.37 34.90
C ALA F 359 -2.82 14.44 34.00
N PRO F 360 -2.69 13.46 33.08
CA PRO F 360 -1.59 13.34 32.12
C PRO F 360 -1.13 14.70 31.59
N GLU F 361 0.19 14.89 31.54
CA GLU F 361 0.73 16.15 31.05
C GLU F 361 0.43 16.25 29.55
N LYS F 362 0.22 17.46 29.06
CA LYS F 362 -0.09 17.65 27.65
C LYS F 362 0.38 19.02 27.13
N ASN F 363 1.05 19.00 25.99
CA ASN F 363 1.58 20.21 25.37
C ASN F 363 0.49 20.81 24.48
N ASP F 364 -0.21 21.83 24.99
CA ASP F 364 -1.27 22.46 24.20
C ASP F 364 -0.70 23.53 23.28
N LEU F 365 0.42 24.13 23.68
CA LEU F 365 1.09 25.15 22.88
C LEU F 365 1.73 24.43 21.69
N LEU F 366 1.35 23.18 21.54
CA LEU F 366 1.83 22.30 20.49
C LEU F 366 1.10 22.53 19.17
N SER F 367 -0.15 22.96 19.24
CA SER F 367 -0.89 23.20 18.02
C SER F 367 -0.35 24.44 17.30
N GLU F 368 0.52 25.18 17.98
CA GLU F 368 1.12 26.34 17.34
C GLU F 368 2.35 25.85 16.59
N LEU F 369 2.99 24.84 17.16
CA LEU F 369 4.16 24.25 16.55
C LEU F 369 3.66 23.43 15.38
N LEU F 370 2.64 22.61 15.65
CA LEU F 370 2.04 21.78 14.60
C LEU F 370 1.56 22.68 13.47
N GLY F 371 1.02 23.84 13.83
CA GLY F 371 0.50 24.77 12.85
C GLY F 371 1.49 25.31 11.84
N SER F 372 2.63 24.64 11.68
CA SER F 372 3.64 25.07 10.71
C SER F 372 4.16 23.89 9.91
N LEU F 373 5.28 23.32 10.33
CA LEU F 373 5.84 22.17 9.64
C LEU F 373 5.96 22.39 8.14
N GLY F 374 7.14 22.80 7.69
CA GLY F 374 7.37 23.02 6.27
C GLY F 374 7.14 24.44 5.79
N GLU F 375 7.95 25.38 6.28
CA GLU F 375 7.83 26.78 5.90
C GLU F 375 9.09 27.29 5.17
PG GTP G . -6.09 -3.35 14.88
O1G GTP G . -5.59 -4.26 13.66
O2G GTP G . -5.27 -3.53 16.10
O3G GTP G . -6.06 -1.83 14.36
O3B GTP G . -7.66 -3.70 15.07
PB GTP G . -8.20 -4.64 16.27
O1B GTP G . -8.86 -5.81 15.65
O2B GTP G . -7.11 -4.87 17.24
O3A GTP G . -9.29 -3.67 16.95
PA GTP G . -9.67 -3.82 18.51
O1A GTP G . -9.64 -5.26 18.85
O2A GTP G . -8.84 -2.89 19.30
O5' GTP G . -11.18 -3.29 18.53
C5' GTP G . -11.45 -1.91 18.27
C4' GTP G . -12.75 -1.49 18.95
O4' GTP G . -13.86 -2.32 18.54
C3' GTP G . -12.65 -1.75 20.44
O3' GTP G . -11.92 -0.67 21.04
C2' GTP G . -14.12 -1.65 20.81
O2' GTP G . -14.54 -0.29 20.77
C1' GTP G . -14.76 -2.41 19.64
N9 GTP G . -14.94 -3.84 19.97
C8 GTP G . -14.03 -4.81 19.88
N7 GTP G . -14.59 -5.97 20.19
C5 GTP G . -15.87 -5.76 20.49
C6 GTP G . -16.91 -6.58 20.87
O6 GTP G . -16.76 -7.80 21.01
N1 GTP G . -18.17 -6.00 21.09
C2 GTP G . -18.33 -4.62 20.94
N2 GTP G . -19.52 -4.06 21.18
N3 GTP G . -17.30 -3.85 20.58
C4 GTP G . -16.09 -4.39 20.35
MG MG H . -4.89 -5.63 16.74
PG GTP I . 14.06 8.03 -2.89
O1G GTP I . 13.88 6.50 -2.44
O2G GTP I . 12.59 8.56 -3.27
O3G GTP I . 14.70 8.85 -1.83
O3B GTP I . 14.86 8.02 -4.29
PB GTP I . 15.88 9.20 -4.72
O1B GTP I . 15.39 9.82 -5.97
O2B GTP I . 16.12 10.07 -3.55
O3A GTP I . 17.21 8.35 -5.00
PA GTP I . 18.66 9.06 -4.96
O1A GTP I . 18.55 10.45 -5.42
O2A GTP I . 19.23 8.81 -3.61
O5' GTP I . 19.44 8.18 -6.06
C5' GTP I . 19.70 6.80 -5.84
C4' GTP I . 20.97 6.37 -6.58
O4' GTP I . 20.87 6.65 -7.98
C3' GTP I . 22.14 7.23 -6.12
O3' GTP I . 22.65 6.69 -4.89
C2' GTP I . 23.12 6.93 -7.25
O2' GTP I . 23.69 5.64 -7.08
C1' GTP I . 22.19 6.92 -8.47
N9 GTP I . 22.13 8.26 -9.11
C8 GTP I . 21.41 9.31 -8.70
N7 GTP I . 21.60 10.32 -9.54
C5 GTP I . 22.46 9.93 -10.49
C6 GTP I . 23.05 10.56 -11.57
O6 GTP I . 22.79 11.74 -11.85
N1 GTP I . 23.97 9.86 -12.35
C2 GTP I . 24.27 8.53 -12.01
N2 GTP I . 25.17 7.85 -12.72
N3 GTP I . 23.67 7.94 -10.97
C4 GTP I . 22.79 8.61 -10.21
MG MG J . 14.42 11.23 -2.34
PG GTP K . -19.90 33.92 0.17
O1G GTP K . -21.11 34.16 -0.65
O2G GTP K . -18.62 33.52 -0.72
O3G GTP K . -20.12 32.70 1.19
O3B GTP K . -19.46 35.17 1.10
PB GTP K . -19.65 36.72 0.67
O1B GTP K . -20.74 36.82 -0.33
O2B GTP K . -18.31 37.24 0.31
O3A GTP K . -20.11 37.40 2.06
PA GTP K . -21.37 38.40 2.17
O1A GTP K . -22.61 37.59 2.09
O2A GTP K . -21.17 39.49 1.19
O5' GTP K . -21.22 38.99 3.66
C5' GTP K . -21.08 38.10 4.77
C4' GTP K . -21.12 38.83 6.11
O4' GTP K . -20.19 39.92 6.06
C3' GTP K . -22.50 39.46 6.31
O3' GTP K . -22.70 39.74 7.70
C2' GTP K . -22.28 40.79 5.58
O2' GTP K . -23.29 41.72 6.00
C1' GTP K . -20.95 41.13 6.23
N9 GTP K . -20.31 42.29 5.57
C8 GTP K . -19.98 42.37 4.28
N7 GTP K . -19.46 43.58 4.04
C5 GTP K . -19.45 44.26 5.18
C6 GTP K . -19.02 45.53 5.52
O6 GTP K . -18.54 46.28 4.67
N1 GTP K . -19.15 45.96 6.85
C2 GTP K . -19.70 45.09 7.80
N2 GTP K . -19.81 45.48 9.07
N3 GTP K . -20.10 43.86 7.43
C4 GTP K . -19.99 43.44 6.16
MG MG L . -21.12 35.64 -2.43
PG GTP M . 18.59 -34.38 -2.03
O1G GTP M . 18.37 -35.50 -2.97
O2G GTP M . 17.21 -33.87 -1.38
O3G GTP M . 19.25 -33.10 -2.75
O3B GTP M . 19.58 -34.75 -0.81
PB GTP M . 19.73 -36.28 -0.30
O1B GTP M . 19.40 -37.18 -1.41
O2B GTP M . 18.94 -36.39 0.95
O3A GTP M . 21.30 -36.37 0.04
PA GTP M . 22.22 -37.44 -0.74
O1A GTP M . 21.69 -38.77 -0.42
O2A GTP M . 22.30 -37.03 -2.16
O5' GTP M . 23.68 -37.26 -0.07
C5' GTP M . 24.33 -35.98 -0.13
C4' GTP M . 25.73 -35.99 0.50
O4' GTP M . 25.66 -36.69 1.76
C3' GTP M . 26.73 -36.78 -0.36
O3' GTP M . 28.05 -36.33 -0.08
C2' GTP M . 26.53 -38.17 0.22
O2' GTP M . 27.67 -38.98 -0.12
C1' GTP M . 26.61 -37.77 1.69
N9 GTP M . 26.24 -38.89 2.59
C8 GTP M . 25.06 -39.51 2.64
N7 GTP M . 25.11 -40.48 3.55
C5 GTP M . 26.32 -40.47 4.10
C6 GTP M . 26.92 -41.24 5.08
O6 GTP M . 26.30 -42.14 5.65
N1 GTP M . 28.26 -40.96 5.43
C2 GTP M . 28.93 -39.92 4.79
N2 GTP M . 30.19 -39.63 5.13
N3 GTP M . 28.31 -39.21 3.83
C4 GTP M . 27.05 -39.45 3.48
MG MG N . 16.86 -37.35 -2.98
#